data_8K8U
#
_entry.id   8K8U
#
_cell.length_a   1.00
_cell.length_b   1.00
_cell.length_c   1.00
_cell.angle_alpha   90.00
_cell.angle_beta   90.00
_cell.angle_gamma   90.00
#
_symmetry.space_group_name_H-M   'P 1'
#
loop_
_entity.id
_entity.type
_entity.pdbx_description
1 polymer 'DNA polymerase F8'
2 polymer 'Uracil-DNA glycosylase E4'
3 polymer 'DNA polymerase processivity factor component A20'
4 polymer "DNA (5'-D(*AP*TP*CP*CP*TP*CP*CP*CP*CP*TP*AP*C)-3')"
5 polymer "DNA (5'-D(P*AP*AP*GP*GP*TP*AP*GP*GP*GP*GP*AP*GP*GP*AP*T)-3')"
6 non-polymer 'MAGNESIUM ION'
7 non-polymer "CYTIDINE-5'-TRIPHOSPHATE"
8 water water
#
loop_
_entity_poly.entity_id
_entity_poly.type
_entity_poly.pdbx_seq_one_letter_code
_entity_poly.pdbx_strand_id
1 'polypeptide(L)'
;MDVRCINWFESHGENRFLYLKSRCRNGETVFIRFPHYFYYVVTDEIYQSLSPPPFNARPMGKMRTIDIDETISYNLDIKD
RKCSVADMWLIEEPKKRSIQNATMDEFFNISWFYISNGISPDGCYSLDEQYLTKINNGCYHCDDPRNCFAKEIPRFDIPR
SYLFLAIACHFDKKFPSVFINPISHTSYCYIDLSGKRLLFTLINEEMLTEQEIQEAVDRGCLRIQSLMEMDYERELVLCS
EIVLLRIAKQLLELTFDYVVTFNGHNFDLRYITNRLELLTGEKIIFRSPDKKEAVHLCIYERNQSSHKGVCGMANTTFHV
NNNNGTIFFDLYSFIQKSEKLDSYKLDSISKNAFSCMGKVLNRGVREMTFIGDDTTDAKGKADTFAKVLTTGNYVTVDED
IICKVIRKDILENGFKVVLSCPTLPNDIYKLSFGKDDIDLAQMYKDYNLNIALDMARYCIHDACLCQYLWEYYGVETKTD
AGAATYVLPQSMVFEYRASTIIKGPLLKLLLETKTILVRSETKQKFPYEGGKVFAPKQKMFSNNVLIFDYNSLYPNVCIF
GNLSPETLVGVVVSTNRLEEEINNQLLLQKYPPPRYITVHCEPRLPNLISEIAIFDRSIEGTIPRLLRTFLAERARYKKM
LKQATSSTEKAIYDSMQYTYKIVANSVYGLMGFRNSALYSYASAKSCTSIGRRMILYLESVLNGAELSNGMLRFANTLSN
PFYMDDRDINPIVKTSLPIDYRFRFRSVYGDTDSVFTEIDSQDVDKSIEIAKELERLINSRVLFNNFKIEFEAVYKNLIM
QSKKKYTTMKYSASSNSKSVPERINKGTSETRRDVSKFHKNMIKTYKTRLSEMLSEGRMNSNQVCIDILRSLETDLRSEF
DSRSSPLELFMLSRMHHSNYKSADNPNMYLVTEYNKNNPETIELGERYYFAYICPANVPWTKKLVNIKTYETIIDRSFKL
GSNQRIFYEVYFKRLTSEIVNLLDNKVLCISFFQRMFGSRPTFYEA
;
A
2 'polypeptide(L)'
;MNSVTISHAPYTITYHDDWEPVMSQLVEFYNEVASWLLRDETSPIPDKFFIQLKQPLRNKRVCVCGIDPYPKDGTGVPFE
SPNFTKKSIKEIASSISRLTGVIDYKGYNLNIIDGVIPWNYYLSCKLGETKSHAIYWDKISKLLLQHITKHVSVLYCLGK
TDFSNIRAKLESPVTTIVGYHPAARDHQFEKDRSFEIINVLLELDNKTPINWAQGFIY
;
B
3 'polypeptide(L)'
;MTSSADLTNLKELLSLYKSLRFSDSVAIEKYNSLVEWGTSTYWKIGVQKVTNVETSISDYYDEVKNKPFNIDPGYYIFLP
VYFGSVFIYSKGKNMVELGSGNSFQIPDEIRSACNKVLDSDNGIDFLRFVLLNNRWIMEDAISKYQSPVNIFKLASEYGL
NIPNYLEIEIEEDTLFDDELYSIMERSFDDTFPKISISYIKLGELKRQVVDFFKFSFMYIESIKVDRIGDNIFIPSVITK
SGKKILVKDVDHLIRSKVREHTFVKVKKKNTFSILYDYDGNGTETRGEVIKRIIDTIGRDYYVNGKYFSKVGIAGLKQLT
NKLDINECATVDELVDEINKSGTVKRKIKNQSVFDLSRECLGYPEADFITLVNNMRFKIENCKVVNFNIENTNCLNNPSI
ETIYGNFNQFVSIFNTVTDVKKRLFE
;
C
4 'polydeoxyribonucleotide' (DA)(DT)(DC)(DC)(DT)(DC)(DC)(DC)(DC)(DT)(DA)(DC) E
5 'polydeoxyribonucleotide' (DT)(DA)(DA)(DG)(DG)(DT)(DA)(DG)(DG)(DG)(DG)(DA)(DG)(DG)(DA)(DT) F
#
# COMPACT_ATOMS: atom_id res chain seq x y z
N MET A 1 -14.10 32.49 -32.99
CA MET A 1 -13.39 31.66 -33.93
C MET A 1 -12.01 31.27 -33.40
N ASP A 2 -11.46 32.10 -32.52
CA ASP A 2 -10.15 31.84 -31.93
C ASP A 2 -10.34 31.74 -30.42
N VAL A 3 -10.06 30.58 -29.85
CA VAL A 3 -10.34 30.32 -28.45
C VAL A 3 -9.12 29.70 -27.78
N ARG A 4 -9.03 29.89 -26.47
CA ARG A 4 -8.07 29.19 -25.63
C ARG A 4 -8.85 28.36 -24.61
N CYS A 5 -8.50 27.08 -24.51
CA CYS A 5 -9.22 26.17 -23.64
C CYS A 5 -8.95 26.48 -22.17
N ILE A 6 -10.02 26.57 -21.38
CA ILE A 6 -9.92 26.80 -19.94
C ILE A 6 -10.20 25.55 -19.13
N ASN A 7 -11.27 24.83 -19.46
CA ASN A 7 -11.64 23.65 -18.68
C ASN A 7 -12.45 22.69 -19.51
N TRP A 8 -12.51 21.45 -19.04
CA TRP A 8 -13.37 20.40 -19.56
C TRP A 8 -14.18 19.83 -18.41
N PHE A 9 -15.45 19.50 -18.64
CA PHE A 9 -16.27 18.89 -17.61
C PHE A 9 -17.42 18.13 -18.27
N GLU A 10 -18.08 17.28 -17.50
CA GLU A 10 -19.15 16.43 -18.01
C GLU A 10 -20.44 16.67 -17.25
N SER A 11 -21.54 16.28 -17.88
CA SER A 11 -22.86 16.27 -17.25
C SER A 11 -23.07 14.94 -16.56
N HIS A 12 -24.04 14.90 -15.65
CA HIS A 12 -24.35 13.70 -14.88
C HIS A 12 -25.77 13.21 -15.11
N GLY A 13 -26.41 13.64 -16.19
CA GLY A 13 -27.76 13.23 -16.50
C GLY A 13 -27.81 11.94 -17.29
N GLU A 14 -29.02 11.61 -17.75
CA GLU A 14 -29.20 10.39 -18.53
C GLU A 14 -28.37 10.40 -19.80
N ASN A 15 -28.24 11.57 -20.42
CA ASN A 15 -27.42 11.74 -21.61
C ASN A 15 -26.14 12.46 -21.20
N ARG A 16 -25.01 11.75 -21.26
CA ARG A 16 -23.73 12.30 -20.87
C ARG A 16 -23.13 13.08 -22.03
N PHE A 17 -22.66 14.31 -21.74
CA PHE A 17 -21.99 15.15 -22.71
C PHE A 17 -20.67 15.62 -22.11
N LEU A 18 -19.70 15.89 -22.98
CA LEU A 18 -18.44 16.50 -22.58
C LEU A 18 -18.45 17.96 -23.01
N TYR A 19 -18.22 18.86 -22.07
CA TYR A 19 -18.23 20.29 -22.31
C TYR A 19 -16.83 20.86 -22.30
N LEU A 20 -16.57 21.77 -23.24
CA LEU A 20 -15.38 22.61 -23.25
C LEU A 20 -15.80 24.02 -22.87
N LYS A 21 -15.07 24.61 -21.93
CA LYS A 21 -15.13 26.04 -21.64
C LYS A 21 -13.88 26.70 -22.20
N SER A 22 -14.07 27.71 -23.06
CA SER A 22 -12.95 28.44 -23.64
C SER A 22 -13.34 29.91 -23.78
N ARG A 23 -12.33 30.77 -23.91
CA ARG A 23 -12.53 32.21 -24.00
C ARG A 23 -11.84 32.75 -25.24
N CYS A 24 -12.50 33.69 -25.91
CA CYS A 24 -12.01 34.22 -27.17
C CYS A 24 -11.04 35.37 -26.91
N ARG A 25 -10.41 35.86 -27.98
CA ARG A 25 -9.42 36.92 -27.81
C ARG A 25 -10.02 38.15 -27.13
N ASN A 26 -11.29 38.45 -27.39
CA ASN A 26 -11.89 39.68 -26.89
C ASN A 26 -12.41 39.56 -25.47
N GLY A 27 -12.37 38.38 -24.87
CA GLY A 27 -12.91 38.23 -23.52
C GLY A 27 -14.20 37.44 -23.40
N GLU A 28 -14.88 37.19 -24.52
CA GLU A 28 -16.14 36.46 -24.46
C GLU A 28 -15.91 34.98 -24.18
N THR A 29 -16.82 34.39 -23.41
CA THR A 29 -16.76 32.98 -23.04
C THR A 29 -17.74 32.18 -23.89
N VAL A 30 -17.27 31.08 -24.44
CA VAL A 30 -18.06 30.18 -25.27
C VAL A 30 -17.89 28.76 -24.75
N PHE A 31 -18.99 27.99 -24.77
CA PHE A 31 -18.96 26.58 -24.43
C PHE A 31 -19.26 25.76 -25.67
N ILE A 32 -18.61 24.61 -25.79
CA ILE A 32 -18.86 23.68 -26.88
C ILE A 32 -19.22 22.32 -26.29
N ARG A 33 -20.32 21.74 -26.76
CA ARG A 33 -20.81 20.47 -26.24
C ARG A 33 -20.47 19.35 -27.22
N PHE A 34 -19.81 18.29 -26.72
CA PHE A 34 -19.35 17.11 -27.44
C PHE A 34 -20.13 15.88 -27.01
N PRO A 35 -20.51 15.02 -27.95
CA PRO A 35 -21.13 13.75 -27.56
C PRO A 35 -20.12 12.87 -26.86
N HIS A 36 -20.60 12.10 -25.88
CA HIS A 36 -19.76 11.18 -25.13
C HIS A 36 -19.95 9.77 -25.65
N TYR A 37 -18.84 9.07 -25.87
CA TYR A 37 -18.84 7.70 -26.31
C TYR A 37 -18.00 6.83 -25.38
N PHE A 38 -18.31 5.54 -25.39
CA PHE A 38 -17.46 4.49 -24.84
C PHE A 38 -16.65 3.91 -25.98
N TYR A 39 -15.33 3.77 -25.78
CA TYR A 39 -14.40 3.36 -26.82
C TYR A 39 -13.94 1.94 -26.57
N TYR A 40 -13.95 1.11 -27.63
CA TYR A 40 -13.47 -0.26 -27.57
C TYR A 40 -12.53 -0.52 -28.73
N VAL A 41 -11.51 -1.34 -28.50
CA VAL A 41 -10.51 -1.70 -29.51
C VAL A 41 -10.69 -3.18 -29.82
N VAL A 42 -10.97 -3.49 -31.09
CA VAL A 42 -11.19 -4.86 -31.50
C VAL A 42 -10.38 -5.15 -32.76
N THR A 43 -10.12 -6.44 -33.00
CA THR A 43 -9.42 -6.84 -34.20
C THR A 43 -10.39 -6.95 -35.36
N ASP A 44 -9.85 -7.09 -36.56
CA ASP A 44 -10.71 -7.12 -37.75
C ASP A 44 -11.69 -8.28 -37.70
N GLU A 45 -11.21 -9.48 -37.38
CA GLU A 45 -12.09 -10.65 -37.40
C GLU A 45 -13.12 -10.59 -36.28
N ILE A 46 -12.86 -9.80 -35.23
CA ILE A 46 -13.89 -9.57 -34.23
C ILE A 46 -14.88 -8.53 -34.71
N TYR A 47 -14.38 -7.42 -35.26
CA TYR A 47 -15.26 -6.38 -35.76
C TYR A 47 -16.30 -6.93 -36.71
N GLN A 48 -15.87 -7.71 -37.71
CA GLN A 48 -16.81 -8.19 -38.71
C GLN A 48 -17.77 -9.23 -38.17
N SER A 49 -17.55 -9.74 -36.95
CA SER A 49 -18.37 -10.78 -36.37
C SER A 49 -19.21 -10.29 -35.18
N LEU A 50 -19.26 -8.99 -34.95
CA LEU A 50 -20.09 -8.44 -33.88
C LEU A 50 -21.56 -8.50 -34.29
N SER A 51 -22.37 -9.20 -33.51
CA SER A 51 -23.80 -9.29 -33.82
C SER A 51 -24.52 -7.95 -33.70
N PRO A 52 -24.49 -7.24 -32.57
CA PRO A 52 -25.04 -5.89 -32.55
C PRO A 52 -24.13 -4.93 -33.27
N PRO A 53 -24.59 -4.29 -34.34
CA PRO A 53 -23.74 -3.36 -35.09
C PRO A 53 -23.28 -2.22 -34.20
N PRO A 54 -22.04 -1.78 -34.35
CA PRO A 54 -21.57 -0.61 -33.59
C PRO A 54 -22.17 0.67 -34.15
N PHE A 55 -22.32 1.66 -33.26
CA PHE A 55 -22.78 2.97 -33.69
C PHE A 55 -21.87 3.54 -34.78
N ASN A 56 -20.57 3.60 -34.52
CA ASN A 56 -19.63 4.05 -35.53
C ASN A 56 -18.31 3.32 -35.37
N ALA A 57 -17.55 3.25 -36.45
CA ALA A 57 -16.30 2.49 -36.44
C ALA A 57 -15.35 3.09 -37.46
N ARG A 58 -14.08 3.20 -37.10
CA ARG A 58 -13.07 3.53 -38.08
C ARG A 58 -11.83 2.67 -37.88
N PRO A 59 -11.12 2.36 -38.96
CA PRO A 59 -9.86 1.62 -38.83
C PRO A 59 -8.82 2.46 -38.11
N MET A 60 -8.02 1.78 -37.30
CA MET A 60 -6.97 2.44 -36.53
C MET A 60 -5.60 1.88 -36.89
N GLY A 61 -5.48 1.29 -38.08
CA GLY A 61 -4.20 0.83 -38.59
C GLY A 61 -3.93 -0.64 -38.29
N LYS A 62 -2.78 -1.09 -38.80
CA LYS A 62 -2.34 -2.46 -38.59
C LYS A 62 -1.34 -2.50 -37.43
N MET A 63 -1.67 -3.22 -36.37
CA MET A 63 -0.90 -3.16 -35.14
C MET A 63 -0.41 -4.55 -34.77
N ARG A 64 0.70 -4.57 -34.05
CA ARG A 64 1.29 -5.80 -33.54
C ARG A 64 0.96 -5.98 -32.07
N THR A 65 0.45 -7.15 -31.72
CA THR A 65 0.12 -7.51 -30.35
C THR A 65 1.17 -8.46 -29.80
N ILE A 66 1.75 -8.11 -28.65
CA ILE A 66 2.85 -8.85 -28.05
C ILE A 66 2.40 -9.39 -26.71
N ASP A 67 2.55 -10.70 -26.51
CA ASP A 67 2.30 -11.33 -25.22
C ASP A 67 3.55 -11.19 -24.37
N ILE A 68 3.43 -10.48 -23.25
CA ILE A 68 4.58 -10.08 -22.46
C ILE A 68 4.67 -10.84 -21.14
N ASP A 69 4.15 -12.06 -21.10
CA ASP A 69 4.35 -12.91 -19.93
C ASP A 69 5.78 -13.44 -19.89
N GLU A 70 6.25 -13.74 -18.68
CA GLU A 70 7.62 -14.14 -18.45
C GLU A 70 7.64 -15.55 -17.87
N THR A 71 8.47 -16.42 -18.44
CA THR A 71 8.70 -17.76 -17.93
C THR A 71 10.19 -18.03 -17.82
N ILE A 72 10.57 -18.85 -16.85
CA ILE A 72 11.96 -19.27 -16.71
C ILE A 72 12.19 -20.59 -17.44
N SER A 73 13.35 -20.68 -18.11
CA SER A 73 13.78 -21.89 -18.77
C SER A 73 15.10 -22.36 -18.15
N TYR A 74 15.34 -23.66 -18.22
CA TYR A 74 16.56 -24.26 -17.70
C TYR A 74 17.59 -24.57 -18.77
N ASN A 75 17.38 -24.10 -20.00
CA ASN A 75 18.33 -24.31 -21.09
C ASN A 75 18.19 -23.16 -22.07
N LEU A 76 18.98 -23.22 -23.13
CA LEU A 76 19.01 -22.15 -24.12
C LEU A 76 18.04 -22.35 -25.25
N ASP A 77 17.17 -23.34 -25.24
CA ASP A 77 16.22 -23.55 -26.33
C ASP A 77 15.02 -22.62 -26.11
N ILE A 78 15.28 -21.33 -26.31
CA ILE A 78 14.27 -20.29 -26.09
C ILE A 78 13.51 -20.06 -27.38
N LYS A 79 12.18 -20.14 -27.31
CA LYS A 79 11.36 -19.93 -28.49
C LYS A 79 10.99 -18.46 -28.63
N ASP A 80 10.61 -18.09 -29.85
CA ASP A 80 10.19 -16.73 -30.15
C ASP A 80 8.95 -16.36 -29.33
N ARG A 81 8.91 -15.10 -28.90
CA ARG A 81 7.77 -14.58 -28.17
C ARG A 81 6.55 -14.49 -29.08
N LYS A 82 5.40 -14.86 -28.53
CA LYS A 82 4.16 -14.92 -29.31
C LYS A 82 3.74 -13.51 -29.73
N CYS A 83 3.68 -13.26 -31.03
CA CYS A 83 3.32 -11.96 -31.58
C CYS A 83 2.43 -12.17 -32.79
N SER A 84 1.40 -11.32 -32.91
CA SER A 84 0.51 -11.35 -34.06
C SER A 84 0.39 -9.94 -34.63
N VAL A 85 0.10 -9.86 -35.93
CA VAL A 85 -0.10 -8.60 -36.62
C VAL A 85 -1.42 -8.65 -37.37
N ALA A 86 -2.27 -7.65 -37.20
CA ALA A 86 -3.54 -7.64 -37.90
C ALA A 86 -4.08 -6.22 -37.98
N ASP A 87 -4.92 -6.00 -38.99
CA ASP A 87 -5.72 -4.77 -39.04
C ASP A 87 -6.68 -4.73 -37.86
N MET A 88 -6.80 -3.56 -37.24
CA MET A 88 -7.68 -3.39 -36.09
C MET A 88 -8.56 -2.18 -36.28
N TRP A 89 -9.65 -2.15 -35.50
CA TRP A 89 -10.64 -1.08 -35.56
C TRP A 89 -10.74 -0.42 -34.21
N LEU A 90 -11.07 0.88 -34.22
CA LEU A 90 -11.51 1.60 -33.02
C LEU A 90 -12.99 1.93 -33.17
N ILE A 91 -13.80 1.41 -32.28
CA ILE A 91 -15.25 1.56 -32.36
C ILE A 91 -15.74 2.34 -31.15
N GLU A 92 -16.74 3.18 -31.39
CA GLU A 92 -17.33 4.04 -30.39
C GLU A 92 -18.83 3.74 -30.30
N GLU A 93 -19.33 3.61 -29.07
CA GLU A 93 -20.72 3.29 -28.81
C GLU A 93 -21.25 4.13 -27.66
N PRO A 94 -22.37 4.83 -27.86
CA PRO A 94 -22.91 5.67 -26.78
C PRO A 94 -23.16 4.92 -25.47
N LYS A 95 -23.41 3.63 -25.54
CA LYS A 95 -23.70 2.83 -24.35
C LYS A 95 -22.62 1.78 -24.14
N LYS A 96 -22.48 1.35 -22.89
CA LYS A 96 -21.57 0.26 -22.57
C LYS A 96 -21.99 -1.02 -23.29
N ARG A 97 -21.00 -1.72 -23.84
CA ARG A 97 -21.25 -3.00 -24.49
C ARG A 97 -20.22 -4.01 -23.97
N SER A 98 -20.64 -5.25 -23.81
CA SER A 98 -19.73 -6.32 -23.44
C SER A 98 -19.23 -7.02 -24.69
N ILE A 99 -17.92 -6.91 -24.96
CA ILE A 99 -17.29 -7.51 -26.14
C ILE A 99 -16.32 -8.56 -25.65
N GLN A 100 -16.47 -9.79 -26.14
CA GLN A 100 -15.70 -10.91 -25.61
C GLN A 100 -14.21 -10.75 -25.86
N ASN A 101 -13.82 -10.13 -26.97
CA ASN A 101 -12.41 -10.08 -27.37
C ASN A 101 -11.98 -8.64 -27.63
N ALA A 102 -12.34 -7.73 -26.72
CA ALA A 102 -11.84 -6.37 -26.78
C ALA A 102 -10.54 -6.25 -26.00
N THR A 103 -9.65 -5.38 -26.49
CA THR A 103 -8.37 -5.14 -25.89
C THR A 103 -8.20 -3.66 -25.57
N MET A 104 -7.02 -3.31 -25.06
CA MET A 104 -6.70 -1.93 -24.67
C MET A 104 -7.83 -1.33 -23.84
N ASP A 105 -8.27 -2.09 -22.84
CA ASP A 105 -9.40 -1.70 -22.00
C ASP A 105 -8.93 -1.12 -20.68
N GLU A 106 -7.73 -0.57 -20.64
CA GLU A 106 -7.17 0.01 -19.43
C GLU A 106 -6.93 1.50 -19.56
N PHE A 107 -7.61 2.16 -20.50
CA PHE A 107 -7.46 3.58 -20.75
C PHE A 107 -8.80 4.28 -20.56
N PHE A 108 -8.74 5.55 -20.18
CA PHE A 108 -9.96 6.31 -19.94
C PHE A 108 -10.62 6.69 -21.25
N ASN A 109 -11.94 6.85 -21.20
CA ASN A 109 -12.66 7.27 -22.39
C ASN A 109 -12.31 8.70 -22.77
N ILE A 110 -11.97 9.54 -21.79
CA ILE A 110 -11.54 10.90 -22.10
C ILE A 110 -10.18 10.90 -22.78
N SER A 111 -9.33 9.93 -22.46
CA SER A 111 -8.04 9.82 -23.12
C SER A 111 -8.22 9.47 -24.59
N TRP A 112 -9.12 8.56 -24.89
CA TRP A 112 -9.43 8.25 -26.29
C TRP A 112 -9.96 9.46 -27.02
N PHE A 113 -10.80 10.26 -26.36
CA PHE A 113 -11.31 11.49 -26.98
C PHE A 113 -10.16 12.40 -27.41
N TYR A 114 -9.27 12.73 -26.48
CA TYR A 114 -8.19 13.67 -26.77
C TYR A 114 -7.29 13.15 -27.87
N ILE A 115 -6.90 11.88 -27.78
CA ILE A 115 -5.91 11.34 -28.71
C ILE A 115 -6.51 11.09 -30.08
N SER A 116 -7.70 10.51 -30.16
CA SER A 116 -8.28 10.20 -31.46
C SER A 116 -8.54 11.46 -32.28
N ASN A 117 -8.90 12.58 -31.64
CA ASN A 117 -9.17 13.80 -32.39
C ASN A 117 -7.98 14.76 -32.42
N GLY A 118 -6.84 14.39 -31.85
CA GLY A 118 -5.68 15.24 -31.87
C GLY A 118 -5.86 16.55 -31.14
N ILE A 119 -6.52 16.51 -29.99
CA ILE A 119 -6.86 17.70 -29.23
C ILE A 119 -6.05 17.72 -27.95
N SER A 120 -5.29 18.78 -27.73
CA SER A 120 -4.66 18.85 -26.42
C SER A 120 -5.57 19.56 -25.44
N PRO A 121 -5.59 19.11 -24.18
CA PRO A 121 -6.51 19.72 -23.21
C PRO A 121 -6.39 21.23 -23.10
N ASP A 122 -5.18 21.78 -23.25
CA ASP A 122 -4.97 23.22 -23.07
C ASP A 122 -4.57 23.92 -24.34
N GLY A 123 -4.90 23.38 -25.50
CA GLY A 123 -4.47 23.97 -26.75
C GLY A 123 -5.25 25.24 -27.07
N CYS A 124 -4.66 26.03 -27.96
CA CYS A 124 -5.31 27.20 -28.54
C CYS A 124 -5.61 26.90 -29.99
N TYR A 125 -6.84 27.16 -30.40
CA TYR A 125 -7.33 26.70 -31.70
C TYR A 125 -7.99 27.83 -32.45
N SER A 126 -8.08 27.66 -33.77
CA SER A 126 -8.88 28.50 -34.65
C SER A 126 -9.90 27.60 -35.33
N LEU A 127 -11.14 27.65 -34.88
CA LEU A 127 -12.10 26.59 -35.14
C LEU A 127 -12.81 26.84 -36.47
N ASP A 128 -13.14 25.75 -37.16
CA ASP A 128 -13.93 25.83 -38.39
C ASP A 128 -15.41 25.87 -38.07
N GLU A 129 -16.03 27.01 -38.40
CA GLU A 129 -17.37 27.33 -37.92
C GLU A 129 -18.45 26.41 -38.46
N GLN A 130 -18.21 25.75 -39.60
CA GLN A 130 -19.23 24.92 -40.22
C GLN A 130 -19.52 23.65 -39.44
N TYR A 131 -18.73 23.35 -38.41
CA TYR A 131 -18.94 22.18 -37.57
C TYR A 131 -19.55 22.52 -36.23
N LEU A 132 -19.93 23.78 -36.02
CA LEU A 132 -20.48 24.25 -34.75
C LEU A 132 -21.91 24.74 -34.97
N THR A 133 -22.84 24.18 -34.20
CA THR A 133 -24.23 24.61 -34.25
C THR A 133 -24.57 25.34 -32.96
N LYS A 134 -25.17 26.52 -33.08
CA LYS A 134 -25.56 27.32 -31.93
C LYS A 134 -26.79 26.70 -31.27
N ILE A 135 -26.69 26.37 -29.99
CA ILE A 135 -27.79 25.77 -29.25
C ILE A 135 -28.29 26.66 -28.12
N ASN A 136 -27.50 27.62 -27.65
CA ASN A 136 -27.91 28.55 -26.62
C ASN A 136 -27.01 29.77 -26.73
N ASN A 137 -27.25 30.74 -25.85
CA ASN A 137 -26.46 31.97 -25.86
C ASN A 137 -25.06 31.71 -25.34
N GLY A 138 -24.09 31.63 -26.25
CA GLY A 138 -22.73 31.26 -25.91
C GLY A 138 -22.44 29.79 -25.85
N CYS A 139 -23.34 28.94 -26.36
CA CYS A 139 -23.16 27.50 -26.31
C CYS A 139 -23.33 26.92 -27.71
N TYR A 140 -22.38 26.08 -28.11
CA TYR A 140 -22.44 25.40 -29.39
C TYR A 140 -22.32 23.89 -29.19
N HIS A 141 -22.79 23.15 -30.19
CA HIS A 141 -22.64 21.70 -30.23
C HIS A 141 -21.73 21.34 -31.40
N CYS A 142 -20.83 20.39 -31.16
CA CYS A 142 -19.83 19.99 -32.15
C CYS A 142 -19.89 18.48 -32.33
N ASP A 143 -20.36 18.04 -33.50
CA ASP A 143 -20.43 16.62 -33.81
C ASP A 143 -19.13 16.07 -34.38
N ASP A 144 -18.29 16.92 -34.97
CA ASP A 144 -17.08 16.48 -35.67
C ASP A 144 -15.87 17.17 -35.07
N PRO A 145 -15.45 16.78 -33.86
CA PRO A 145 -14.24 17.36 -33.28
C PRO A 145 -12.97 17.06 -34.05
N ARG A 146 -12.93 16.01 -34.86
CA ARG A 146 -11.72 15.67 -35.59
C ARG A 146 -11.33 16.76 -36.59
N ASN A 147 -12.32 17.32 -37.29
CA ASN A 147 -12.06 18.37 -38.26
C ASN A 147 -12.26 19.77 -37.70
N CYS A 148 -13.05 19.94 -36.63
CA CYS A 148 -13.27 21.26 -36.08
C CYS A 148 -12.00 21.81 -35.44
N PHE A 149 -11.28 20.97 -34.69
CA PHE A 149 -10.09 21.39 -33.95
C PHE A 149 -8.80 21.03 -34.67
N ALA A 150 -8.86 20.78 -35.98
CA ALA A 150 -7.67 20.39 -36.72
C ALA A 150 -6.62 21.51 -36.71
N LYS A 151 -7.08 22.75 -36.76
CA LYS A 151 -6.17 23.89 -36.84
C LYS A 151 -5.77 24.34 -35.45
N GLU A 152 -4.47 24.36 -35.19
CA GLU A 152 -3.92 24.86 -33.93
C GLU A 152 -3.12 26.12 -34.18
N ILE A 153 -3.18 27.04 -33.23
CA ILE A 153 -2.57 28.37 -33.36
C ILE A 153 -1.67 28.60 -32.16
N PRO A 154 -0.74 29.55 -32.25
CA PRO A 154 0.09 29.88 -31.08
C PRO A 154 -0.73 30.33 -29.89
N ARG A 155 -0.19 30.15 -28.69
CA ARG A 155 -0.87 30.48 -27.44
C ARG A 155 -0.96 31.99 -27.27
N PHE A 156 -2.13 32.46 -26.83
CA PHE A 156 -2.34 33.86 -26.45
C PHE A 156 -2.97 33.92 -25.05
N ASP A 157 -2.87 35.08 -24.41
CA ASP A 157 -3.28 35.26 -23.03
C ASP A 157 -4.71 35.76 -22.96
N ILE A 158 -5.42 35.35 -21.92
CA ILE A 158 -6.82 35.73 -21.73
C ILE A 158 -7.02 36.17 -20.29
N PRO A 159 -7.99 37.06 -20.05
CA PRO A 159 -8.37 37.38 -18.67
C PRO A 159 -9.09 36.24 -17.98
N ARG A 160 -8.93 36.18 -16.67
CA ARG A 160 -9.63 35.19 -15.85
C ARG A 160 -10.16 35.88 -14.60
N SER A 161 -11.26 35.33 -14.06
CA SER A 161 -11.95 35.89 -12.91
C SER A 161 -11.75 34.98 -11.70
N TYR A 162 -11.71 35.59 -10.52
CA TYR A 162 -11.44 34.85 -9.29
C TYR A 162 -12.43 35.29 -8.22
N LEU A 163 -12.76 34.36 -7.34
CA LEU A 163 -13.45 34.70 -6.09
C LEU A 163 -12.71 34.05 -4.95
N PHE A 164 -12.19 34.85 -4.02
CA PHE A 164 -11.52 34.33 -2.84
C PHE A 164 -12.42 34.61 -1.65
N LEU A 165 -12.70 33.59 -0.83
CA LEU A 165 -13.65 33.85 0.25
C LEU A 165 -13.23 33.22 1.58
N ALA A 166 -13.70 33.85 2.67
CA ALA A 166 -13.54 33.29 4.00
C ALA A 166 -14.69 33.79 4.88
N ILE A 167 -14.98 33.04 5.94
CA ILE A 167 -16.00 33.40 6.92
C ILE A 167 -15.42 33.27 8.33
N ALA A 168 -16.11 33.88 9.28
CA ALA A 168 -15.83 33.70 10.70
C ALA A 168 -17.12 33.38 11.43
N CYS A 169 -17.12 32.31 12.22
CA CYS A 169 -18.32 31.86 12.91
C CYS A 169 -18.21 32.10 14.40
N HIS A 170 -19.36 32.34 15.02
CA HIS A 170 -19.45 32.60 16.45
C HIS A 170 -19.22 31.32 17.24
N PHE A 171 -18.59 31.46 18.40
CA PHE A 171 -18.57 30.41 19.42
C PHE A 171 -18.26 31.04 20.75
N ASP A 172 -18.65 30.35 21.82
CA ASP A 172 -18.39 30.82 23.19
C ASP A 172 -17.14 30.19 23.78
N LYS A 173 -17.03 28.86 23.72
CA LYS A 173 -15.92 28.18 24.34
C LYS A 173 -15.23 27.16 23.45
N LYS A 174 -15.93 26.52 22.52
CA LYS A 174 -15.40 25.39 21.78
C LYS A 174 -15.60 25.64 20.29
N PHE A 175 -15.14 24.70 19.49
CA PHE A 175 -15.27 24.81 18.04
C PHE A 175 -16.73 25.11 17.69
N PRO A 176 -16.97 25.99 16.71
CA PRO A 176 -18.36 26.35 16.36
C PRO A 176 -19.21 25.14 15.99
N SER A 177 -20.50 25.28 16.28
CA SER A 177 -21.48 24.27 15.91
C SER A 177 -22.63 24.95 15.18
N VAL A 178 -22.96 24.42 14.00
CA VAL A 178 -23.88 25.10 13.11
C VAL A 178 -25.27 25.26 13.69
N PHE A 179 -25.66 24.40 14.64
CA PHE A 179 -27.03 24.37 15.14
C PHE A 179 -27.32 25.47 16.14
N ILE A 180 -26.29 26.13 16.68
CA ILE A 180 -26.49 27.15 17.71
C ILE A 180 -25.86 28.47 17.27
N ASN A 181 -24.67 28.38 16.69
CA ASN A 181 -23.76 29.51 16.49
C ASN A 181 -24.10 30.27 15.20
N PRO A 182 -24.36 31.56 15.30
CA PRO A 182 -24.56 32.38 14.10
C PRO A 182 -23.23 32.68 13.39
N ILE A 183 -23.34 33.12 12.15
CA ILE A 183 -22.21 33.60 11.39
C ILE A 183 -21.90 35.03 11.82
N SER A 184 -20.63 35.34 12.00
CA SER A 184 -20.24 36.67 12.45
C SER A 184 -19.82 37.58 11.30
N HIS A 185 -18.88 37.12 10.47
CA HIS A 185 -18.37 37.93 9.37
C HIS A 185 -18.26 37.11 8.10
N THR A 186 -18.44 37.77 6.97
CA THR A 186 -18.13 37.18 5.67
C THR A 186 -17.32 38.18 4.85
N SER A 187 -16.19 37.72 4.28
CA SER A 187 -15.31 38.56 3.50
C SER A 187 -15.07 37.96 2.12
N TYR A 188 -14.95 38.83 1.11
CA TYR A 188 -14.65 38.43 -0.25
C TYR A 188 -13.54 39.29 -0.82
N CYS A 189 -12.78 38.71 -1.75
CA CYS A 189 -11.96 39.44 -2.70
C CYS A 189 -12.52 39.12 -4.08
N TYR A 190 -13.12 40.12 -4.72
CA TYR A 190 -13.81 39.94 -5.99
C TYR A 190 -12.95 40.55 -7.09
N ILE A 191 -12.53 39.71 -8.05
CA ILE A 191 -11.70 40.14 -9.17
C ILE A 191 -12.44 39.80 -10.45
N ASP A 192 -12.74 40.81 -11.25
CA ASP A 192 -13.46 40.61 -12.50
C ASP A 192 -12.48 40.39 -13.65
N LEU A 193 -13.04 40.16 -14.84
CA LEU A 193 -12.22 40.00 -16.02
C LEU A 193 -11.50 41.29 -16.41
N SER A 194 -12.04 42.43 -16.01
CA SER A 194 -11.36 43.71 -16.26
C SER A 194 -10.11 43.89 -15.41
N GLY A 195 -9.90 43.06 -14.40
CA GLY A 195 -8.81 43.23 -13.47
C GLY A 195 -9.13 44.05 -12.25
N LYS A 196 -10.33 44.62 -12.18
CA LYS A 196 -10.73 45.43 -11.03
C LYS A 196 -10.83 44.55 -9.79
N ARG A 197 -10.15 44.95 -8.72
CA ARG A 197 -10.13 44.18 -7.49
C ARG A 197 -10.98 44.91 -6.45
N LEU A 198 -11.97 44.21 -5.89
CA LEU A 198 -12.81 44.75 -4.84
C LEU A 198 -12.63 43.94 -3.57
N LEU A 199 -12.45 44.63 -2.46
CA LEU A 199 -12.31 44.00 -1.15
C LEU A 199 -13.44 44.48 -0.27
N PHE A 200 -14.22 43.54 0.29
CA PHE A 200 -15.24 43.98 1.23
C PHE A 200 -15.58 42.90 2.24
N THR A 201 -16.03 43.35 3.40
CA THR A 201 -16.45 42.50 4.50
C THR A 201 -17.86 42.87 4.94
N LEU A 202 -18.66 41.84 5.23
CA LEU A 202 -20.01 41.99 5.74
C LEU A 202 -20.04 41.64 7.21
N ILE A 203 -20.75 42.46 7.99
CA ILE A 203 -20.84 42.33 9.44
C ILE A 203 -22.27 41.97 9.82
N ASN A 204 -22.41 40.99 10.70
CA ASN A 204 -23.73 40.57 11.18
C ASN A 204 -24.19 41.56 12.23
N GLU A 205 -25.11 42.45 11.85
CA GLU A 205 -25.55 43.52 12.74
C GLU A 205 -26.39 43.03 13.91
N GLU A 206 -26.88 41.80 13.85
CA GLU A 206 -27.81 41.30 14.86
C GLU A 206 -27.17 41.13 16.22
N MET A 207 -25.83 41.12 16.31
CA MET A 207 -25.12 40.97 17.56
C MET A 207 -24.68 42.31 18.14
N LEU A 208 -25.08 43.43 17.53
CA LEU A 208 -24.75 44.75 18.01
C LEU A 208 -25.99 45.45 18.55
N THR A 209 -25.77 46.36 19.48
CA THR A 209 -26.84 47.21 20.00
C THR A 209 -27.22 48.25 18.95
N GLU A 210 -28.51 48.59 18.90
CA GLU A 210 -28.99 49.55 17.91
C GLU A 210 -28.17 50.83 17.92
N GLN A 211 -27.76 51.30 19.11
CA GLN A 211 -26.93 52.49 19.18
C GLN A 211 -25.57 52.25 18.55
N GLU A 212 -25.04 51.04 18.70
CA GLU A 212 -23.75 50.71 18.07
C GLU A 212 -23.88 50.65 16.56
N ILE A 213 -25.02 50.16 16.06
CA ILE A 213 -25.22 50.06 14.61
C ILE A 213 -25.26 51.45 13.99
N GLN A 214 -25.94 52.39 14.63
CA GLN A 214 -25.96 53.77 14.14
C GLN A 214 -24.58 54.40 14.20
N GLU A 215 -23.82 54.09 15.27
CA GLU A 215 -22.45 54.58 15.35
C GLU A 215 -21.60 54.05 14.19
N ALA A 216 -21.75 52.77 13.85
CA ALA A 216 -21.04 52.21 12.71
C ALA A 216 -21.35 52.96 11.43
N VAL A 217 -22.63 53.28 11.19
CA VAL A 217 -22.99 53.99 9.98
C VAL A 217 -22.39 55.40 9.99
N ASP A 218 -22.44 56.07 11.14
CA ASP A 218 -21.88 57.40 11.24
C ASP A 218 -20.38 57.39 10.94
N ARG A 219 -19.68 56.31 11.29
CA ARG A 219 -18.24 56.23 11.08
C ARG A 219 -17.89 55.98 9.62
N GLY A 220 -18.87 55.66 8.76
CA GLY A 220 -18.58 55.46 7.36
C GLY A 220 -19.04 54.12 6.83
N CYS A 221 -19.67 53.31 7.67
CA CYS A 221 -20.20 52.02 7.24
C CYS A 221 -21.52 52.20 6.51
N LEU A 222 -21.88 51.20 5.70
CA LEU A 222 -23.17 51.17 5.04
C LEU A 222 -24.06 50.13 5.71
N ARG A 223 -25.35 50.46 5.84
CA ARG A 223 -26.35 49.55 6.40
C ARG A 223 -27.38 49.24 5.33
N ILE A 224 -27.62 47.96 5.10
CA ILE A 224 -28.60 47.50 4.13
C ILE A 224 -29.50 46.47 4.78
N GLN A 225 -30.74 46.38 4.28
CA GLN A 225 -31.69 45.40 4.76
C GLN A 225 -32.05 44.35 3.72
N SER A 226 -31.83 44.62 2.43
CA SER A 226 -32.19 43.70 1.37
C SER A 226 -30.99 43.49 0.48
N LEU A 227 -31.20 42.75 -0.62
CA LEU A 227 -30.12 42.41 -1.54
C LEU A 227 -30.02 43.38 -2.70
N MET A 228 -31.14 43.93 -3.15
CA MET A 228 -31.15 44.83 -4.30
C MET A 228 -30.39 46.13 -4.03
N GLU A 229 -30.09 46.45 -2.78
CA GLU A 229 -29.40 47.68 -2.43
C GLU A 229 -27.94 47.44 -2.03
N MET A 230 -27.40 46.28 -2.35
CA MET A 230 -26.02 45.93 -2.03
C MET A 230 -25.07 46.61 -3.00
N ASP A 231 -23.93 47.08 -2.49
CA ASP A 231 -22.89 47.70 -3.30
C ASP A 231 -21.55 47.15 -2.86
N TYR A 232 -20.78 46.63 -3.82
CA TYR A 232 -19.56 45.89 -3.53
C TYR A 232 -18.32 46.78 -3.50
N GLU A 233 -18.46 48.08 -3.66
CA GLU A 233 -17.34 49.01 -3.57
C GLU A 233 -17.20 49.64 -2.19
N ARG A 234 -17.98 49.20 -1.21
CA ARG A 234 -17.90 49.69 0.15
C ARG A 234 -17.20 48.65 1.01
N GLU A 235 -16.25 49.11 1.83
CA GLU A 235 -15.36 48.21 2.56
C GLU A 235 -16.06 47.52 3.73
N LEU A 236 -17.11 48.12 4.29
CA LEU A 236 -17.82 47.53 5.43
C LEU A 236 -19.31 47.75 5.26
N VAL A 237 -20.09 46.66 5.31
CA VAL A 237 -21.54 46.74 5.23
C VAL A 237 -22.13 45.96 6.39
N LEU A 238 -23.10 46.55 7.09
CA LEU A 238 -23.82 45.86 8.15
C LEU A 238 -25.18 45.43 7.63
N CYS A 239 -25.51 44.16 7.88
CA CYS A 239 -26.78 43.58 7.44
C CYS A 239 -27.08 42.38 8.33
N SER A 240 -28.31 41.86 8.22
CA SER A 240 -28.72 40.70 8.98
C SER A 240 -28.19 39.43 8.34
N GLU A 241 -28.36 38.30 9.04
CA GLU A 241 -27.85 37.04 8.54
C GLU A 241 -28.50 36.63 7.23
N ILE A 242 -29.78 36.94 7.05
CA ILE A 242 -30.47 36.57 5.81
C ILE A 242 -29.79 37.23 4.62
N VAL A 243 -29.39 38.49 4.77
CA VAL A 243 -28.71 39.19 3.69
C VAL A 243 -27.32 38.60 3.48
N LEU A 244 -26.61 38.28 4.56
CA LEU A 244 -25.28 37.70 4.45
C LEU A 244 -25.30 36.44 3.59
N LEU A 245 -26.27 35.56 3.82
CA LEU A 245 -26.33 34.29 3.13
C LEU A 245 -26.83 34.45 1.70
N ARG A 246 -27.75 35.37 1.47
CA ARG A 246 -28.23 35.60 0.11
C ARG A 246 -27.14 36.19 -0.77
N ILE A 247 -26.27 37.03 -0.21
CA ILE A 247 -25.12 37.54 -0.96
C ILE A 247 -24.15 36.41 -1.27
N ALA A 248 -23.90 35.54 -0.30
CA ALA A 248 -23.04 34.39 -0.56
C ALA A 248 -23.61 33.51 -1.67
N LYS A 249 -24.93 33.32 -1.67
CA LYS A 249 -25.58 32.61 -2.77
C LYS A 249 -25.34 33.32 -4.10
N GLN A 250 -25.59 34.62 -4.15
CA GLN A 250 -25.48 35.35 -5.42
C GLN A 250 -24.08 35.21 -6.00
N LEU A 251 -23.05 35.32 -5.16
CA LEU A 251 -21.68 35.27 -5.65
C LEU A 251 -21.29 33.86 -6.08
N LEU A 252 -21.66 32.85 -5.29
CA LEU A 252 -21.23 31.49 -5.61
C LEU A 252 -21.88 30.95 -6.88
N GLU A 253 -23.05 31.47 -7.25
CA GLU A 253 -23.75 31.03 -8.46
C GLU A 253 -23.27 31.73 -9.71
N LEU A 254 -22.30 32.64 -9.61
CA LEU A 254 -21.75 33.30 -10.78
C LEU A 254 -20.73 32.39 -11.47
N THR A 255 -20.58 32.58 -12.77
CA THR A 255 -19.69 31.76 -13.58
C THR A 255 -18.25 32.28 -13.46
N PHE A 256 -17.69 32.06 -12.28
CA PHE A 256 -16.28 32.35 -12.09
C PHE A 256 -15.43 31.31 -12.79
N ASP A 257 -14.19 31.67 -13.11
CA ASP A 257 -13.24 30.69 -13.59
C ASP A 257 -12.66 29.88 -12.44
N TYR A 258 -12.34 30.54 -11.34
CA TYR A 258 -11.89 29.87 -10.12
C TYR A 258 -12.62 30.45 -8.92
N VAL A 259 -13.03 29.59 -8.01
CA VAL A 259 -13.46 29.99 -6.68
C VAL A 259 -12.52 29.33 -5.69
N VAL A 260 -11.73 30.13 -5.00
CA VAL A 260 -10.57 29.64 -4.25
C VAL A 260 -10.76 29.91 -2.76
N THR A 261 -10.59 28.85 -1.97
CA THR A 261 -10.74 28.85 -0.53
C THR A 261 -9.63 28.02 0.09
N PHE A 262 -9.51 28.12 1.41
CA PHE A 262 -8.56 27.30 2.17
C PHE A 262 -9.36 26.49 3.16
N ASN A 263 -9.46 25.18 2.91
CA ASN A 263 -10.25 24.26 3.74
C ASN A 263 -11.71 24.70 3.78
N GLY A 264 -12.19 25.22 2.67
CA GLY A 264 -13.55 25.73 2.61
C GLY A 264 -14.52 24.70 2.07
N HIS A 265 -14.00 23.56 1.62
CA HIS A 265 -14.85 22.48 1.13
C HIS A 265 -15.40 21.63 2.26
N ASN A 266 -14.83 21.73 3.46
CA ASN A 266 -15.35 21.03 4.62
C ASN A 266 -15.99 21.95 5.64
N PHE A 267 -15.61 23.22 5.69
CA PHE A 267 -16.15 24.13 6.69
C PHE A 267 -16.86 25.33 6.07
N ASP A 268 -16.16 26.18 5.31
CA ASP A 268 -16.77 27.44 4.87
C ASP A 268 -18.04 27.20 4.05
N LEU A 269 -17.93 26.42 2.98
CA LEU A 269 -19.08 26.22 2.10
C LEU A 269 -20.15 25.35 2.77
N ARG A 270 -19.73 24.41 3.60
CA ARG A 270 -20.67 23.56 4.30
C ARG A 270 -21.53 24.37 5.26
N TYR A 271 -20.90 25.25 6.05
CA TYR A 271 -21.66 26.07 6.99
C TYR A 271 -22.65 26.98 6.25
N ILE A 272 -22.18 27.65 5.20
CA ILE A 272 -23.05 28.59 4.49
C ILE A 272 -24.26 27.87 3.92
N THR A 273 -24.03 26.73 3.25
CA THR A 273 -25.14 26.05 2.61
C THR A 273 -26.12 25.48 3.63
N ASN A 274 -25.61 24.91 4.73
CA ASN A 274 -26.50 24.25 5.69
C ASN A 274 -27.37 25.25 6.42
N ARG A 275 -26.83 26.41 6.80
CA ARG A 275 -27.63 27.39 7.53
C ARG A 275 -28.65 28.06 6.62
N LEU A 276 -28.30 28.29 5.36
CA LEU A 276 -29.24 28.90 4.44
C LEU A 276 -30.48 28.03 4.27
N GLU A 277 -30.30 26.72 4.19
CA GLU A 277 -31.43 25.84 3.90
C GLU A 277 -32.53 25.95 4.93
N LEU A 278 -32.18 26.09 6.21
CA LEU A 278 -33.17 26.15 7.28
C LEU A 278 -33.86 27.51 7.31
N LEU A 279 -33.08 28.59 7.26
CA LEU A 279 -33.63 29.91 7.52
C LEU A 279 -34.63 30.33 6.45
N THR A 280 -34.39 30.00 5.19
CA THR A 280 -35.26 30.37 4.10
C THR A 280 -35.34 29.22 3.11
N GLY A 281 -36.14 29.39 2.06
CA GLY A 281 -36.41 28.30 1.15
C GLY A 281 -35.45 28.27 -0.02
N GLU A 282 -34.45 29.14 -0.01
CA GLU A 282 -33.49 29.24 -1.10
C GLU A 282 -32.37 28.22 -0.94
N LYS A 283 -31.86 27.74 -2.08
CA LYS A 283 -30.71 26.85 -2.11
C LYS A 283 -29.80 27.27 -3.24
N ILE A 284 -28.54 26.87 -3.15
CA ILE A 284 -27.53 27.23 -4.14
C ILE A 284 -27.60 26.24 -5.28
N ILE A 285 -27.91 26.73 -6.48
CA ILE A 285 -28.23 25.89 -7.63
C ILE A 285 -27.19 26.14 -8.71
N PHE A 286 -26.56 25.08 -9.18
CA PHE A 286 -25.65 25.12 -10.32
C PHE A 286 -26.39 24.63 -11.55
N ARG A 287 -26.09 25.24 -12.70
CA ARG A 287 -26.74 24.87 -13.95
C ARG A 287 -25.69 24.68 -15.03
N SER A 288 -25.95 23.72 -15.91
CA SER A 288 -25.06 23.48 -17.04
C SER A 288 -25.20 24.60 -18.06
N PRO A 289 -24.20 24.81 -18.89
CA PRO A 289 -24.27 25.90 -19.87
C PRO A 289 -25.50 25.86 -20.75
N ASP A 290 -25.98 24.68 -21.13
CA ASP A 290 -27.13 24.55 -22.01
C ASP A 290 -28.43 24.39 -21.26
N LYS A 291 -28.41 24.53 -19.93
CA LYS A 291 -29.62 24.46 -19.09
C LYS A 291 -30.37 23.14 -19.27
N LYS A 292 -29.64 22.03 -19.35
CA LYS A 292 -30.26 20.70 -19.41
C LYS A 292 -30.07 19.91 -18.13
N GLU A 293 -29.42 20.51 -17.12
CA GLU A 293 -29.23 19.86 -15.83
C GLU A 293 -29.07 20.96 -14.79
N ALA A 294 -29.61 20.71 -13.60
CA ALA A 294 -29.42 21.62 -12.48
C ALA A 294 -29.27 20.80 -11.21
N VAL A 295 -28.28 21.14 -10.41
CA VAL A 295 -27.96 20.39 -9.20
C VAL A 295 -27.83 21.36 -8.03
N HIS A 296 -28.21 20.92 -6.85
CA HIS A 296 -28.01 21.71 -5.64
C HIS A 296 -26.60 21.50 -5.12
N LEU A 297 -26.05 22.53 -4.50
CA LEU A 297 -24.71 22.41 -3.94
C LEU A 297 -24.69 21.33 -2.87
N CYS A 298 -23.89 20.31 -3.09
CA CYS A 298 -23.68 19.23 -2.14
C CYS A 298 -22.20 18.92 -2.08
N ILE A 299 -21.70 18.66 -0.87
CA ILE A 299 -20.31 18.34 -0.66
C ILE A 299 -20.18 16.83 -0.57
N TYR A 300 -19.30 16.25 -1.40
CA TYR A 300 -19.08 14.81 -1.37
C TYR A 300 -17.67 14.50 -0.89
N GLU A 301 -17.52 13.38 -0.21
CA GLU A 301 -16.25 12.96 0.35
C GLU A 301 -15.66 11.83 -0.48
N ARG A 302 -14.42 12.00 -0.91
CA ARG A 302 -13.68 11.02 -1.69
C ARG A 302 -12.64 10.38 -0.77
N ASN A 303 -12.73 9.07 -0.60
CA ASN A 303 -11.87 8.31 0.28
C ASN A 303 -10.78 7.63 -0.54
N GLN A 304 -9.53 7.82 -0.14
CA GLN A 304 -8.38 7.22 -0.81
C GLN A 304 -7.82 6.10 0.05
N SER A 305 -7.82 4.89 -0.48
CA SER A 305 -7.29 3.71 0.18
C SER A 305 -5.83 3.50 -0.18
N SER A 306 -5.17 2.65 0.61
CA SER A 306 -3.79 2.26 0.34
C SER A 306 -3.76 0.97 -0.49
N HIS A 307 -2.55 0.46 -0.71
CA HIS A 307 -2.36 -0.74 -1.52
C HIS A 307 -1.49 -1.76 -0.77
N LYS A 308 -1.62 -1.81 0.54
CA LYS A 308 -0.90 -2.76 1.38
C LYS A 308 -1.79 -3.96 1.67
N GLY A 309 -1.29 -4.94 2.43
CA GLY A 309 -2.07 -6.13 2.70
C GLY A 309 -3.29 -5.92 3.56
N VAL A 310 -3.36 -4.79 4.26
CA VAL A 310 -4.51 -4.41 5.05
C VAL A 310 -4.95 -2.99 4.68
N CYS A 311 -5.05 -2.73 3.37
CA CYS A 311 -5.06 -1.39 2.80
C CYS A 311 -5.57 -0.32 3.75
N GLY A 312 -6.83 -0.42 4.15
CA GLY A 312 -7.39 0.67 4.93
C GLY A 312 -7.52 1.94 4.10
N MET A 313 -7.75 3.04 4.82
CA MET A 313 -7.91 4.35 4.21
C MET A 313 -6.79 5.25 4.69
N ALA A 314 -6.18 6.00 3.76
CA ALA A 314 -5.05 6.85 4.11
C ALA A 314 -5.26 8.33 3.86
N ASN A 315 -6.31 8.74 3.15
CA ASN A 315 -6.55 10.17 2.95
C ASN A 315 -8.02 10.38 2.63
N THR A 316 -8.47 11.62 2.74
CA THR A 316 -9.82 12.00 2.35
C THR A 316 -9.87 13.44 1.90
N THR A 317 -10.68 13.71 0.86
CA THR A 317 -10.84 15.05 0.31
C THR A 317 -12.32 15.35 0.12
N PHE A 318 -12.67 16.63 0.00
CA PHE A 318 -14.05 17.04 -0.23
C PHE A 318 -14.16 17.85 -1.50
N HIS A 319 -15.24 17.64 -2.24
CA HIS A 319 -15.41 18.21 -3.56
C HIS A 319 -16.80 18.82 -3.68
N VAL A 320 -16.88 19.85 -4.52
CA VAL A 320 -18.14 20.51 -4.84
C VAL A 320 -18.68 19.91 -6.13
N ASN A 321 -19.99 19.69 -6.18
CA ASN A 321 -20.62 18.98 -7.28
C ASN A 321 -21.19 19.93 -8.33
N ASN A 322 -20.48 21.01 -8.63
CA ASN A 322 -20.98 21.96 -9.61
C ASN A 322 -20.84 21.42 -11.02
N ASN A 323 -21.73 21.86 -11.90
CA ASN A 323 -21.71 21.44 -13.30
C ASN A 323 -21.71 22.62 -14.26
N ASN A 324 -21.10 23.74 -13.87
CA ASN A 324 -21.13 24.95 -14.68
C ASN A 324 -19.76 25.34 -15.20
N GLY A 325 -18.73 24.52 -14.99
CA GLY A 325 -17.40 24.77 -15.51
C GLY A 325 -16.49 25.50 -14.55
N THR A 326 -17.02 26.02 -13.45
CA THR A 326 -16.20 26.67 -12.45
C THR A 326 -15.36 25.64 -11.72
N ILE A 327 -14.10 25.98 -11.44
CA ILE A 327 -13.23 25.15 -10.64
C ILE A 327 -13.26 25.67 -9.22
N PHE A 328 -13.71 24.84 -8.30
CA PHE A 328 -13.64 25.15 -6.87
C PHE A 328 -12.35 24.54 -6.34
N PHE A 329 -11.41 25.38 -5.96
CA PHE A 329 -10.05 24.95 -5.65
C PHE A 329 -9.70 25.25 -4.20
N ASP A 330 -9.25 24.22 -3.51
CA ASP A 330 -9.01 24.25 -2.07
C ASP A 330 -7.50 24.19 -1.84
N LEU A 331 -6.95 25.26 -1.27
CA LEU A 331 -5.52 25.30 -1.02
C LEU A 331 -5.07 24.24 -0.03
N TYR A 332 -5.96 23.86 0.89
CA TYR A 332 -5.57 22.94 1.95
C TYR A 332 -5.12 21.60 1.40
N SER A 333 -5.93 21.01 0.53
CA SER A 333 -5.59 19.72 -0.08
C SER A 333 -4.39 19.86 -1.02
N PHE A 334 -4.32 20.96 -1.78
CA PHE A 334 -3.21 21.17 -2.70
C PHE A 334 -1.89 21.23 -1.95
N ILE A 335 -1.82 22.05 -0.91
CA ILE A 335 -0.56 22.21 -0.18
C ILE A 335 -0.22 20.94 0.59
N GLN A 336 -1.22 20.30 1.20
CA GLN A 336 -0.97 19.11 1.99
C GLN A 336 -0.28 18.04 1.16
N LYS A 337 -0.68 17.90 -0.10
CA LYS A 337 -0.03 16.94 -0.99
C LYS A 337 1.35 17.40 -1.40
N SER A 338 1.54 18.71 -1.59
CA SER A 338 2.81 19.20 -2.15
C SER A 338 3.90 19.30 -1.08
N GLU A 339 3.65 20.04 -0.01
CA GLU A 339 4.74 20.46 0.88
C GLU A 339 4.76 19.58 2.14
N LYS A 340 5.80 19.79 2.94
CA LYS A 340 5.99 19.10 4.21
C LYS A 340 6.16 20.13 5.32
N LEU A 341 5.26 20.07 6.31
CA LEU A 341 5.28 20.98 7.45
C LEU A 341 5.00 20.18 8.71
N ASP A 342 5.24 20.79 9.86
CA ASP A 342 4.75 20.23 11.11
C ASP A 342 3.22 20.17 11.11
N SER A 343 2.58 21.19 10.53
CA SER A 343 1.14 21.19 10.34
C SER A 343 0.80 22.03 9.12
N TYR A 344 -0.41 21.84 8.60
CA TYR A 344 -0.85 22.52 7.39
C TYR A 344 -1.93 23.56 7.68
N LYS A 345 -1.91 24.16 8.85
CA LYS A 345 -2.82 25.25 9.16
C LYS A 345 -2.38 26.51 8.44
N LEU A 346 -3.35 27.39 8.18
CA LEU A 346 -3.05 28.58 7.39
C LEU A 346 -1.93 29.41 8.00
N ASP A 347 -1.88 29.49 9.33
CA ASP A 347 -0.83 30.28 9.98
C ASP A 347 0.53 29.64 9.79
N SER A 348 0.60 28.31 9.84
CA SER A 348 1.87 27.62 9.68
C SER A 348 2.41 27.76 8.26
N ILE A 349 1.53 27.68 7.26
CA ILE A 349 1.97 27.79 5.87
C ILE A 349 2.46 29.20 5.59
N SER A 350 1.70 30.21 6.01
CA SER A 350 2.13 31.59 5.80
C SER A 350 3.44 31.89 6.51
N LYS A 351 3.60 31.39 7.74
CA LYS A 351 4.83 31.66 8.49
C LYS A 351 6.06 31.26 7.68
N ASN A 352 5.99 30.13 6.98
CA ASN A 352 7.12 29.69 6.18
C ASN A 352 7.16 30.34 4.80
N ALA A 353 6.00 30.60 4.19
CA ALA A 353 5.98 31.08 2.81
C ALA A 353 6.36 32.55 2.68
N PHE A 354 5.91 33.40 3.60
CA PHE A 354 6.02 34.85 3.46
C PHE A 354 6.93 35.37 4.57
N SER A 355 8.20 35.57 4.24
CA SER A 355 9.20 35.94 5.21
C SER A 355 10.32 36.68 4.50
N CYS A 356 11.09 37.43 5.27
CA CYS A 356 12.30 38.06 4.76
C CYS A 356 13.17 38.48 5.92
N MET A 357 14.41 38.85 5.60
CA MET A 357 15.35 39.40 6.56
C MET A 357 15.28 40.92 6.50
N GLY A 358 15.02 41.54 7.63
CA GLY A 358 14.89 42.98 7.71
C GLY A 358 15.94 43.57 8.64
N LYS A 359 16.33 44.80 8.35
CA LYS A 359 17.31 45.52 9.15
C LYS A 359 16.56 46.46 10.10
N VAL A 360 17.16 46.72 11.26
CA VAL A 360 16.60 47.67 12.22
C VAL A 360 17.01 49.07 11.77
N LEU A 361 16.02 49.86 11.35
CA LEU A 361 16.29 51.22 10.90
C LEU A 361 16.29 52.21 12.06
N ASN A 362 15.43 52.01 13.05
CA ASN A 362 15.31 52.94 14.16
C ASN A 362 14.81 52.18 15.38
N ARG A 363 15.00 52.78 16.55
CA ARG A 363 14.60 52.17 17.80
C ARG A 363 13.84 53.20 18.64
N GLY A 364 13.05 52.70 19.58
CA GLY A 364 12.25 53.56 20.43
C GLY A 364 11.93 52.86 21.73
N VAL A 365 11.06 53.51 22.51
CA VAL A 365 10.75 53.02 23.85
C VAL A 365 9.91 51.75 23.78
N ARG A 366 8.90 51.74 22.91
CA ARG A 366 8.09 50.54 22.73
C ARG A 366 7.97 50.12 21.27
N GLU A 367 8.63 50.82 20.35
CA GLU A 367 8.49 50.57 18.93
C GLU A 367 9.87 50.44 18.29
N MET A 368 9.98 49.52 17.32
CA MET A 368 11.16 49.41 16.49
C MET A 368 10.75 49.52 15.03
N THR A 369 11.60 50.13 14.22
CA THR A 369 11.32 50.31 12.81
C THR A 369 12.23 49.40 11.99
N PHE A 370 11.62 48.55 11.16
CA PHE A 370 12.32 47.59 10.33
C PHE A 370 12.19 47.98 8.86
N ILE A 371 13.31 47.97 8.16
CA ILE A 371 13.38 48.32 6.74
C ILE A 371 13.90 47.12 5.98
N GLY A 372 13.25 46.79 4.87
CA GLY A 372 13.68 45.68 4.05
C GLY A 372 13.73 46.04 2.58
N ASP A 373 14.69 45.44 1.87
CA ASP A 373 14.86 45.69 0.45
C ASP A 373 15.67 44.54 -0.14
N ASP A 374 15.90 44.60 -1.46
CA ASP A 374 16.72 43.61 -2.13
C ASP A 374 18.19 43.73 -1.77
N THR A 375 18.57 44.74 -0.99
CA THR A 375 19.97 44.89 -0.60
C THR A 375 20.31 44.07 0.64
N THR A 376 19.31 43.62 1.37
CA THR A 376 19.51 42.90 2.62
C THR A 376 19.11 41.44 2.55
N ASP A 377 18.59 40.98 1.41
CA ASP A 377 18.07 39.62 1.32
C ASP A 377 18.08 39.20 -0.15
N ALA A 378 17.64 37.96 -0.40
CA ALA A 378 17.49 37.48 -1.75
C ALA A 378 16.47 38.33 -2.51
N LYS A 379 16.74 38.55 -3.79
CA LYS A 379 15.89 39.42 -4.59
C LYS A 379 14.46 38.90 -4.63
N GLY A 380 13.50 39.78 -4.34
CA GLY A 380 12.09 39.46 -4.42
C GLY A 380 11.44 39.11 -3.10
N LYS A 381 12.22 38.78 -2.08
CA LYS A 381 11.65 38.44 -0.78
C LYS A 381 11.11 39.68 -0.07
N ALA A 382 11.84 40.79 -0.15
CA ALA A 382 11.36 42.05 0.42
C ALA A 382 10.10 42.53 -0.29
N ASP A 383 10.00 42.30 -1.60
CA ASP A 383 8.80 42.72 -2.32
C ASP A 383 7.60 41.85 -1.96
N THR A 384 7.81 40.54 -1.86
CA THR A 384 6.72 39.66 -1.43
C THR A 384 6.26 40.00 -0.03
N PHE A 385 7.19 40.21 0.90
CA PHE A 385 6.78 40.64 2.23
C PHE A 385 5.99 41.95 2.17
N ALA A 386 6.49 42.93 1.41
CA ALA A 386 5.80 44.21 1.33
C ALA A 386 4.36 44.03 0.82
N LYS A 387 4.19 43.15 -0.17
CA LYS A 387 2.86 42.91 -0.72
C LYS A 387 1.90 42.41 0.35
N VAL A 388 2.30 41.39 1.10
CA VAL A 388 1.44 40.85 2.15
C VAL A 388 1.19 41.87 3.25
N LEU A 389 2.22 42.66 3.61
CA LEU A 389 2.08 43.69 4.64
C LEU A 389 0.87 44.58 4.42
N THR A 390 0.45 44.79 3.17
CA THR A 390 -0.66 45.72 2.91
C THR A 390 -1.86 45.39 3.79
N THR A 391 -2.17 44.10 3.96
CA THR A 391 -3.35 43.69 4.72
C THR A 391 -3.03 42.99 6.03
N GLY A 392 -1.77 42.66 6.28
CA GLY A 392 -1.45 41.93 7.49
C GLY A 392 -1.62 42.77 8.74
N ASN A 393 -1.76 42.07 9.88
CA ASN A 393 -1.97 42.72 11.16
C ASN A 393 -0.84 42.50 12.15
N TYR A 394 -0.24 41.31 12.18
CA TYR A 394 0.87 41.01 13.09
C TYR A 394 2.05 40.50 12.29
N VAL A 395 3.26 40.80 12.77
CA VAL A 395 4.49 40.29 12.19
C VAL A 395 5.27 39.58 13.28
N THR A 396 5.71 38.36 12.99
CA THR A 396 6.47 37.56 13.94
C THR A 396 7.95 37.81 13.75
N VAL A 397 8.66 37.96 14.87
CA VAL A 397 10.09 38.26 14.87
C VAL A 397 10.84 37.02 15.33
N ASP A 398 11.77 36.55 14.49
CA ASP A 398 12.63 35.42 14.77
C ASP A 398 11.77 34.21 15.19
N GLU A 399 10.63 34.09 14.52
CA GLU A 399 9.66 33.00 14.66
C GLU A 399 9.16 32.82 16.08
N ASP A 400 9.35 33.80 16.96
CA ASP A 400 8.93 33.58 18.35
C ASP A 400 8.03 34.69 18.88
N ILE A 401 8.34 35.96 18.61
CA ILE A 401 7.56 37.05 19.22
C ILE A 401 6.56 37.56 18.22
N ILE A 402 5.30 37.67 18.65
CA ILE A 402 4.21 38.17 17.82
C ILE A 402 4.03 39.65 18.11
N CYS A 403 4.26 40.49 17.11
CA CYS A 403 4.26 41.93 17.28
C CYS A 403 3.15 42.56 16.46
N LYS A 404 2.50 43.56 17.05
CA LYS A 404 1.43 44.30 16.40
C LYS A 404 2.03 45.33 15.44
N VAL A 405 1.46 45.41 14.25
CA VAL A 405 1.87 46.44 13.30
C VAL A 405 1.21 47.76 13.68
N ILE A 406 2.03 48.81 13.83
CA ILE A 406 1.53 50.12 14.20
C ILE A 406 1.51 51.02 12.98
N ARG A 407 2.60 50.99 12.20
CA ARG A 407 2.69 51.77 10.98
C ARG A 407 3.26 50.91 9.87
N LYS A 408 2.80 51.17 8.65
CA LYS A 408 3.31 50.50 7.46
C LYS A 408 3.47 51.52 6.35
N ASP A 409 4.59 51.45 5.64
CA ASP A 409 4.85 52.28 4.48
C ASP A 409 5.47 51.40 3.40
N ILE A 410 4.79 51.29 2.26
CA ILE A 410 5.22 50.40 1.19
C ILE A 410 6.07 51.22 0.25
N LEU A 411 7.31 50.77 0.03
CA LEU A 411 8.28 51.55 -0.73
C LEU A 411 8.31 51.07 -2.17
N GLU A 412 9.05 51.79 -3.02
CA GLU A 412 9.08 51.42 -4.43
C GLU A 412 9.61 50.01 -4.63
N ASN A 413 10.59 49.59 -3.82
CA ASN A 413 11.15 48.26 -3.92
C ASN A 413 10.99 47.44 -2.64
N GLY A 414 11.04 48.09 -1.48
CA GLY A 414 10.95 47.36 -0.22
C GLY A 414 9.82 47.82 0.67
N PHE A 415 10.06 47.84 1.98
CA PHE A 415 9.03 48.23 2.94
C PHE A 415 9.68 48.86 4.16
N LYS A 416 8.87 49.61 4.90
CA LYS A 416 9.24 50.07 6.25
C LYS A 416 8.04 49.79 7.15
N VAL A 417 8.25 48.96 8.18
CA VAL A 417 7.18 48.58 9.08
C VAL A 417 7.61 48.91 10.50
N VAL A 418 6.67 49.44 11.28
CA VAL A 418 6.95 49.74 12.69
C VAL A 418 6.14 48.79 13.55
N LEU A 419 6.84 48.04 14.40
CA LEU A 419 6.25 47.01 15.23
C LEU A 419 6.30 47.44 16.70
N SER A 420 5.27 47.05 17.44
CA SER A 420 5.19 47.26 18.88
C SER A 420 5.86 46.05 19.55
N CYS A 421 7.04 46.27 20.11
CA CYS A 421 7.89 45.21 20.59
C CYS A 421 8.90 45.76 21.58
N PRO A 422 9.43 44.92 22.48
CA PRO A 422 10.54 45.36 23.33
C PRO A 422 11.80 45.57 22.49
N THR A 423 12.66 46.45 22.99
CA THR A 423 13.94 46.68 22.32
C THR A 423 14.75 45.41 22.25
N LEU A 424 15.21 45.07 21.04
CA LEU A 424 15.96 43.85 20.79
C LEU A 424 17.39 44.23 20.41
N PRO A 425 18.39 43.95 21.25
CA PRO A 425 19.73 44.46 20.97
C PRO A 425 20.43 43.68 19.88
N ASN A 426 20.06 43.96 18.63
CA ASN A 426 20.75 43.47 17.45
C ASN A 426 20.29 44.30 16.25
N ASP A 427 20.87 44.01 15.09
CA ASP A 427 20.61 44.81 13.90
C ASP A 427 19.83 44.08 12.81
N ILE A 428 19.76 42.76 12.84
CA ILE A 428 19.14 41.97 11.78
C ILE A 428 18.17 40.98 12.40
N TYR A 429 16.96 40.92 11.88
CA TYR A 429 15.97 39.98 12.38
C TYR A 429 15.18 39.40 11.22
N LYS A 430 14.62 38.22 11.45
CA LYS A 430 13.74 37.58 10.48
C LYS A 430 12.30 37.99 10.76
N LEU A 431 11.62 38.49 9.74
CA LEU A 431 10.21 38.86 9.84
C LEU A 431 9.38 37.89 9.01
N SER A 432 8.23 37.49 9.55
CA SER A 432 7.29 36.66 8.81
C SER A 432 5.88 36.94 9.29
N PHE A 433 4.91 36.52 8.50
CA PHE A 433 3.49 36.66 8.82
C PHE A 433 2.96 35.32 9.30
N GLY A 434 2.86 35.17 10.62
CA GLY A 434 2.49 33.88 11.18
C GLY A 434 1.25 33.90 12.04
N LYS A 435 1.38 33.37 13.26
CA LYS A 435 0.27 33.26 14.19
C LYS A 435 -0.08 34.63 14.78
N ASP A 436 -1.37 34.81 15.06
CA ASP A 436 -1.87 35.95 15.81
C ASP A 436 -1.95 35.58 17.29
N ASP A 437 -1.90 36.59 18.16
CA ASP A 437 -2.03 36.38 19.60
C ASP A 437 -3.41 36.78 20.14
N ILE A 438 -4.42 36.87 19.29
CA ILE A 438 -5.74 37.28 19.73
C ILE A 438 -6.49 36.10 20.33
N ASP A 439 -7.51 36.39 21.14
CA ASP A 439 -8.35 35.37 21.77
C ASP A 439 -9.79 35.60 21.32
N LEU A 440 -10.22 34.81 20.33
CA LEU A 440 -11.54 35.01 19.74
C LEU A 440 -12.66 34.74 20.75
N ALA A 441 -12.47 33.74 21.61
CA ALA A 441 -13.51 33.40 22.58
C ALA A 441 -13.82 34.57 23.51
N GLN A 442 -12.78 35.25 23.99
CA GLN A 442 -12.99 36.42 24.83
C GLN A 442 -13.57 37.57 24.02
N MET A 443 -13.17 37.70 22.75
CA MET A 443 -13.70 38.74 21.88
C MET A 443 -15.19 38.56 21.61
N TYR A 444 -15.68 37.32 21.55
CA TYR A 444 -17.13 37.11 21.45
C TYR A 444 -17.86 37.39 22.75
N LYS A 445 -17.27 37.01 23.90
CA LYS A 445 -17.91 37.28 25.18
C LYS A 445 -18.18 38.77 25.37
N ASP A 446 -17.25 39.62 24.95
CA ASP A 446 -17.38 41.07 25.09
C ASP A 446 -17.72 41.73 23.76
N TYR A 447 -18.31 40.97 22.83
CA TYR A 447 -18.53 41.45 21.48
C TYR A 447 -19.23 42.80 21.48
N ASN A 448 -18.66 43.73 20.74
CA ASN A 448 -19.17 45.09 20.64
C ASN A 448 -18.71 45.66 19.30
N LEU A 449 -18.99 46.94 19.05
CA LEU A 449 -18.68 47.52 17.75
C LEU A 449 -17.17 47.52 17.47
N ASN A 450 -16.37 47.98 18.44
CA ASN A 450 -14.94 48.10 18.22
C ASN A 450 -14.33 46.75 17.90
N ILE A 451 -14.84 45.70 18.53
CA ILE A 451 -14.39 44.34 18.21
C ILE A 451 -14.86 43.93 16.82
N ALA A 452 -16.13 44.23 16.50
CA ALA A 452 -16.65 43.86 15.20
C ALA A 452 -15.82 44.46 14.07
N LEU A 453 -15.35 45.69 14.25
CA LEU A 453 -14.54 46.32 13.21
C LEU A 453 -13.15 45.71 13.12
N ASP A 454 -12.54 45.39 14.26
CA ASP A 454 -11.25 44.71 14.23
C ASP A 454 -11.35 43.32 13.63
N MET A 455 -12.44 42.60 13.92
CA MET A 455 -12.61 41.28 13.31
C MET A 455 -12.81 41.38 11.81
N ALA A 456 -13.48 42.42 11.32
CA ALA A 456 -13.61 42.59 9.88
C ALA A 456 -12.24 42.74 9.23
N ARG A 457 -11.34 43.45 9.91
CA ARG A 457 -9.98 43.61 9.39
C ARG A 457 -9.25 42.27 9.32
N TYR A 458 -9.40 41.45 10.36
CA TYR A 458 -8.77 40.13 10.35
C TYR A 458 -9.33 39.26 9.23
N CYS A 459 -10.65 39.30 9.03
CA CYS A 459 -11.29 38.40 8.08
C CYS A 459 -10.86 38.71 6.65
N ILE A 460 -10.78 39.99 6.27
CA ILE A 460 -10.37 40.27 4.90
C ILE A 460 -8.93 39.83 4.67
N HIS A 461 -8.09 39.88 5.71
CA HIS A 461 -6.73 39.40 5.52
C HIS A 461 -6.71 37.91 5.20
N ASP A 462 -7.45 37.10 5.97
CA ASP A 462 -7.47 35.67 5.72
C ASP A 462 -7.96 35.35 4.31
N ALA A 463 -8.94 36.10 3.80
CA ALA A 463 -9.37 35.94 2.42
C ALA A 463 -8.28 36.31 1.42
N CYS A 464 -7.45 37.30 1.75
CA CYS A 464 -6.38 37.72 0.84
C CYS A 464 -5.19 36.76 0.84
N LEU A 465 -4.97 36.07 1.95
CA LEU A 465 -3.89 35.08 1.99
C LEU A 465 -4.10 33.98 0.97
N CYS A 466 -5.36 33.66 0.65
CA CYS A 466 -5.63 32.67 -0.38
C CYS A 466 -5.11 33.13 -1.74
N GLN A 467 -5.23 34.43 -2.03
CA GLN A 467 -4.69 34.94 -3.28
C GLN A 467 -3.17 34.97 -3.26
N TYR A 468 -2.60 35.34 -2.11
CA TYR A 468 -1.14 35.44 -2.03
C TYR A 468 -0.50 34.07 -2.18
N LEU A 469 -1.08 33.04 -1.58
CA LEU A 469 -0.58 31.68 -1.75
C LEU A 469 -0.86 31.14 -3.14
N TRP A 470 -2.01 31.47 -3.73
CA TRP A 470 -2.30 31.09 -5.09
C TRP A 470 -1.17 31.45 -6.02
N GLU A 471 -0.71 32.70 -5.98
CA GLU A 471 0.40 33.12 -6.83
C GLU A 471 1.72 32.55 -6.35
N TYR A 472 1.94 32.52 -5.04
CA TYR A 472 3.23 32.10 -4.51
C TYR A 472 3.64 30.72 -5.02
N TYR A 473 2.73 29.76 -5.04
CA TYR A 473 3.06 28.41 -5.50
C TYR A 473 2.87 28.22 -6.99
N GLY A 474 2.51 29.27 -7.72
CA GLY A 474 2.34 29.17 -9.16
C GLY A 474 1.29 28.17 -9.60
N VAL A 475 0.16 28.12 -8.91
CA VAL A 475 -0.84 27.10 -9.17
C VAL A 475 -1.35 27.18 -10.61
N GLU A 476 -1.54 28.39 -11.13
CA GLU A 476 -2.00 28.52 -12.51
C GLU A 476 -1.03 27.90 -13.50
N THR A 477 0.27 28.13 -13.30
CA THR A 477 1.27 27.57 -14.21
C THR A 477 1.32 26.06 -14.14
N LYS A 478 1.30 25.51 -12.92
CA LYS A 478 1.39 24.07 -12.76
C LYS A 478 0.18 23.38 -13.36
N THR A 479 -1.00 23.99 -13.25
CA THR A 479 -2.22 23.36 -13.75
C THR A 479 -2.15 23.15 -15.26
N ASP A 480 -1.76 24.17 -16.00
CA ASP A 480 -1.72 24.03 -17.46
C ASP A 480 -0.58 23.13 -17.89
N ALA A 481 0.58 23.22 -17.24
CA ALA A 481 1.70 22.35 -17.59
C ALA A 481 1.34 20.88 -17.38
N GLY A 482 0.65 20.58 -16.28
CA GLY A 482 0.23 19.20 -16.05
C GLY A 482 -0.77 18.71 -17.06
N ALA A 483 -1.79 19.52 -17.36
CA ALA A 483 -2.81 19.07 -18.30
C ALA A 483 -2.19 18.74 -19.65
N ALA A 484 -1.24 19.55 -20.11
CA ALA A 484 -0.66 19.31 -21.43
C ALA A 484 0.13 18.02 -21.48
N THR A 485 0.93 17.72 -20.45
CA THR A 485 1.80 16.56 -20.54
C THR A 485 1.10 15.25 -20.20
N TYR A 486 0.11 15.25 -19.31
CA TYR A 486 -0.56 14.03 -18.91
C TYR A 486 -1.81 13.73 -19.73
N VAL A 487 -2.16 14.60 -20.67
CA VAL A 487 -3.41 14.50 -21.44
C VAL A 487 -4.57 14.32 -20.47
N LEU A 488 -4.72 15.25 -19.53
CA LEU A 488 -5.81 15.29 -18.57
C LEU A 488 -6.49 16.64 -18.65
N PRO A 489 -7.78 16.73 -18.33
CA PRO A 489 -8.43 18.03 -18.23
C PRO A 489 -7.90 18.82 -17.05
N GLN A 490 -7.99 20.15 -17.18
CA GLN A 490 -7.40 21.04 -16.17
C GLN A 490 -7.99 20.84 -14.79
N SER A 491 -9.21 20.30 -14.70
CA SER A 491 -9.86 20.14 -13.41
C SER A 491 -9.37 18.94 -12.64
N MET A 492 -8.70 18.01 -13.31
CA MET A 492 -8.29 16.72 -12.75
C MET A 492 -6.79 16.59 -12.60
N VAL A 493 -6.04 17.68 -12.75
CA VAL A 493 -4.59 17.60 -12.79
C VAL A 493 -4.01 17.13 -11.46
N PHE A 494 -4.56 17.61 -10.35
CA PHE A 494 -3.94 17.35 -9.04
C PHE A 494 -4.72 16.35 -8.22
N GLU A 495 -5.33 15.34 -8.85
CA GLU A 495 -6.10 14.35 -8.12
C GLU A 495 -5.60 12.93 -8.30
N TYR A 496 -4.73 12.67 -9.27
CA TYR A 496 -4.32 11.33 -9.62
C TYR A 496 -2.84 11.16 -9.34
N ARG A 497 -2.44 9.92 -9.08
CA ARG A 497 -1.06 9.56 -8.88
C ARG A 497 -0.55 8.82 -10.11
N ALA A 498 0.64 8.20 -9.98
CA ALA A 498 1.39 7.77 -11.14
C ALA A 498 0.57 6.86 -12.04
N SER A 499 -0.20 5.95 -11.43
CA SER A 499 -0.85 4.87 -12.18
C SER A 499 -1.74 5.41 -13.30
N THR A 500 -2.29 6.61 -13.11
CA THR A 500 -3.24 7.18 -14.04
C THR A 500 -2.65 8.30 -14.89
N ILE A 501 -1.80 9.14 -14.29
CA ILE A 501 -1.31 10.29 -15.03
C ILE A 501 -0.39 9.87 -16.17
N ILE A 502 0.26 8.70 -16.07
CA ILE A 502 1.12 8.26 -17.16
C ILE A 502 0.36 7.63 -18.32
N LYS A 503 -0.95 7.44 -18.20
CA LYS A 503 -1.72 6.80 -19.27
C LYS A 503 -1.81 7.65 -20.54
N GLY A 504 -1.78 8.98 -20.42
CA GLY A 504 -1.84 9.84 -21.57
C GLY A 504 -0.70 9.60 -22.55
N PRO A 505 0.53 9.88 -22.11
CA PRO A 505 1.67 9.67 -23.01
C PRO A 505 1.89 8.21 -23.38
N LEU A 506 1.46 7.29 -22.52
CA LEU A 506 1.59 5.87 -22.82
C LEU A 506 0.71 5.46 -23.99
N LEU A 507 -0.52 5.96 -24.03
CA LEU A 507 -1.40 5.63 -25.16
C LEU A 507 -0.84 6.19 -26.46
N LYS A 508 -0.30 7.40 -26.43
CA LYS A 508 0.28 7.98 -27.64
C LYS A 508 1.40 7.10 -28.18
N LEU A 509 2.26 6.61 -27.29
CA LEU A 509 3.39 5.78 -27.70
C LEU A 509 2.93 4.47 -28.31
N LEU A 510 1.94 3.82 -27.68
CA LEU A 510 1.46 2.54 -28.19
C LEU A 510 0.81 2.70 -29.56
N LEU A 511 0.05 3.78 -29.77
CA LEU A 511 -0.58 3.96 -31.07
C LEU A 511 0.44 4.39 -32.12
N GLU A 512 1.45 5.17 -31.73
CA GLU A 512 2.46 5.62 -32.67
C GLU A 512 3.39 4.48 -33.11
N THR A 513 3.77 3.61 -32.18
CA THR A 513 4.65 2.48 -32.48
C THR A 513 3.89 1.24 -32.92
N LYS A 514 2.57 1.29 -32.98
CA LYS A 514 1.72 0.18 -33.42
C LYS A 514 1.93 -1.07 -32.56
N THR A 515 1.84 -0.89 -31.25
CA THR A 515 2.04 -1.98 -30.31
C THR A 515 0.88 -2.03 -29.32
N ILE A 516 0.46 -3.25 -29.01
CA ILE A 516 -0.47 -3.53 -27.91
C ILE A 516 0.17 -4.58 -27.03
N LEU A 517 0.14 -4.38 -25.72
CA LEU A 517 0.74 -5.31 -24.78
C LEU A 517 -0.37 -6.06 -24.05
N VAL A 518 -0.36 -7.39 -24.15
CA VAL A 518 -1.42 -8.22 -23.58
C VAL A 518 -0.78 -9.28 -22.70
N ARG A 519 -1.59 -9.87 -21.83
CA ARG A 519 -1.15 -10.92 -20.92
C ARG A 519 -2.12 -12.08 -21.00
N SER A 520 -1.61 -13.30 -20.81
CA SER A 520 -2.44 -14.50 -20.81
C SER A 520 -2.26 -15.35 -19.57
N GLU A 521 -1.53 -14.87 -18.56
CA GLU A 521 -1.18 -15.67 -17.40
C GLU A 521 -1.48 -14.85 -16.14
N THR A 522 -1.25 -15.46 -14.99
CA THR A 522 -1.47 -14.81 -13.69
C THR A 522 -0.15 -14.28 -13.16
N LYS A 523 -0.15 -13.03 -12.72
CA LYS A 523 1.05 -12.40 -12.18
C LYS A 523 1.33 -12.93 -10.77
N GLN A 524 2.61 -13.10 -10.46
CA GLN A 524 3.04 -13.46 -9.11
C GLN A 524 4.18 -12.55 -8.69
N LYS A 525 4.11 -12.05 -7.46
CA LYS A 525 5.11 -11.14 -6.93
C LYS A 525 6.24 -11.91 -6.26
N PHE A 526 7.47 -11.57 -6.62
CA PHE A 526 8.65 -12.10 -5.98
C PHE A 526 9.50 -10.93 -5.48
N PRO A 527 10.21 -11.09 -4.37
CA PRO A 527 11.12 -10.05 -3.91
C PRO A 527 12.36 -9.96 -4.79
N TYR A 528 13.01 -8.79 -4.73
CA TYR A 528 14.31 -8.60 -5.37
C TYR A 528 15.08 -7.56 -4.58
N GLU A 529 16.40 -7.53 -4.79
CA GLU A 529 17.29 -6.65 -4.05
C GLU A 529 17.40 -5.28 -4.72
N GLY A 530 17.62 -4.26 -3.89
CA GLY A 530 17.66 -2.90 -4.34
C GLY A 530 19.09 -2.39 -4.56
N GLY A 531 19.24 -1.08 -4.41
CA GLY A 531 20.50 -0.44 -4.72
C GLY A 531 21.54 -0.66 -3.64
N LYS A 532 22.77 -0.32 -3.97
CA LYS A 532 23.89 -0.47 -3.05
C LYS A 532 24.01 0.73 -2.14
N VAL A 533 24.25 0.47 -0.85
CA VAL A 533 24.58 1.49 0.13
C VAL A 533 25.86 1.07 0.83
N PHE A 534 26.81 2.00 0.90
CA PHE A 534 28.08 1.74 1.57
C PHE A 534 28.00 2.10 3.04
N ALA A 535 28.83 1.44 3.83
CA ALA A 535 28.97 1.83 5.24
C ALA A 535 30.01 2.92 5.36
N PRO A 536 29.73 3.99 6.11
CA PRO A 536 30.75 5.02 6.33
C PRO A 536 32.01 4.43 6.94
N LYS A 537 33.15 4.87 6.43
CA LYS A 537 34.43 4.40 6.96
C LYS A 537 34.92 5.19 8.17
N GLN A 538 34.54 6.46 8.29
CA GLN A 538 34.96 7.27 9.42
C GLN A 538 33.79 8.12 9.90
N LYS A 539 33.81 8.45 11.19
CA LYS A 539 32.79 9.33 11.76
C LYS A 539 33.04 10.77 11.36
N MET A 540 34.19 11.32 11.76
CA MET A 540 34.58 12.68 11.44
C MET A 540 35.68 12.66 10.40
N PHE A 541 35.53 13.48 9.36
CA PHE A 541 36.53 13.58 8.31
C PHE A 541 37.47 14.76 8.47
N SER A 542 36.95 15.93 8.85
CA SER A 542 37.75 17.14 8.96
C SER A 542 38.49 17.44 7.66
N ASN A 543 37.84 17.11 6.54
CA ASN A 543 38.39 17.37 5.22
C ASN A 543 37.24 17.68 4.28
N ASN A 544 37.56 18.31 3.17
CA ASN A 544 36.57 18.54 2.13
C ASN A 544 36.28 17.25 1.37
N VAL A 545 34.99 16.98 1.18
CA VAL A 545 34.53 15.79 0.49
C VAL A 545 33.88 16.23 -0.82
N LEU A 546 34.26 15.58 -1.92
CA LEU A 546 33.71 15.88 -3.23
C LEU A 546 32.64 14.85 -3.56
N ILE A 547 31.42 15.32 -3.78
CA ILE A 547 30.27 14.46 -3.99
C ILE A 547 29.93 14.47 -5.47
N PHE A 548 29.95 13.30 -6.11
CA PHE A 548 29.61 13.16 -7.52
C PHE A 548 28.40 12.26 -7.65
N ASP A 549 27.43 12.66 -8.48
CA ASP A 549 26.13 12.01 -8.50
C ASP A 549 25.68 11.75 -9.92
N TYR A 550 25.22 10.53 -10.18
CA TYR A 550 24.64 10.19 -11.47
C TYR A 550 23.38 11.01 -11.73
N ASN A 551 23.27 11.52 -12.95
CA ASN A 551 22.12 12.32 -13.37
C ASN A 551 21.01 11.38 -13.82
N SER A 552 19.92 11.34 -13.06
CA SER A 552 18.79 10.46 -13.36
C SER A 552 19.28 9.09 -13.81
N LEU A 553 19.85 8.36 -12.85
CA LEU A 553 20.46 7.07 -13.18
C LEU A 553 19.45 6.09 -13.76
N TYR A 554 18.27 5.97 -13.14
CA TYR A 554 17.31 4.98 -13.60
C TYR A 554 16.96 5.13 -15.08
N PRO A 555 16.44 6.26 -15.54
CA PRO A 555 16.10 6.35 -16.97
C PRO A 555 17.24 5.93 -17.89
N ASN A 556 18.49 6.18 -17.49
CA ASN A 556 19.60 5.81 -18.34
C ASN A 556 19.85 4.31 -18.33
N VAL A 557 19.52 3.64 -17.22
CA VAL A 557 19.70 2.19 -17.14
C VAL A 557 18.73 1.49 -18.06
N CYS A 558 17.47 1.94 -18.07
CA CYS A 558 16.49 1.34 -18.97
C CYS A 558 16.81 1.62 -20.43
N ILE A 559 17.26 2.83 -20.76
CA ILE A 559 17.66 3.11 -22.14
C ILE A 559 18.89 2.30 -22.53
N PHE A 560 19.88 2.23 -21.63
CA PHE A 560 21.07 1.43 -21.89
C PHE A 560 20.72 -0.03 -22.11
N GLY A 561 19.94 -0.61 -21.21
CA GLY A 561 19.58 -2.01 -21.31
C GLY A 561 18.36 -2.30 -22.14
N ASN A 562 17.68 -1.26 -22.64
CA ASN A 562 16.43 -1.41 -23.37
C ASN A 562 15.46 -2.30 -22.60
N LEU A 563 15.21 -1.94 -21.36
CA LEU A 563 14.44 -2.77 -20.43
C LEU A 563 12.95 -2.44 -20.54
N SER A 564 12.17 -3.42 -20.96
CA SER A 564 10.72 -3.27 -21.07
C SER A 564 10.12 -4.66 -21.19
N PRO A 565 8.82 -4.81 -20.90
CA PRO A 565 8.25 -6.16 -20.90
C PRO A 565 8.38 -6.88 -22.23
N GLU A 566 8.33 -6.16 -23.33
CA GLU A 566 8.28 -6.76 -24.66
C GLU A 566 9.65 -6.98 -25.29
N THR A 567 10.72 -6.59 -24.60
CA THR A 567 12.07 -6.76 -25.13
C THR A 567 12.84 -7.88 -24.46
N LEU A 568 12.28 -8.52 -23.44
CA LEU A 568 12.93 -9.63 -22.77
C LEU A 568 12.97 -10.83 -23.70
N VAL A 569 14.17 -11.36 -23.94
CA VAL A 569 14.30 -12.59 -24.69
C VAL A 569 13.95 -13.79 -23.82
N GLY A 570 14.48 -13.82 -22.60
CA GLY A 570 14.17 -14.90 -21.69
C GLY A 570 14.97 -14.89 -20.41
N VAL A 571 14.58 -15.77 -19.49
CA VAL A 571 15.25 -15.95 -18.21
C VAL A 571 15.74 -17.38 -18.14
N VAL A 572 17.05 -17.56 -18.00
CA VAL A 572 17.69 -18.86 -17.96
C VAL A 572 18.20 -19.09 -16.54
N VAL A 573 17.80 -20.20 -15.93
CA VAL A 573 18.17 -20.51 -14.57
C VAL A 573 18.86 -21.86 -14.54
N SER A 574 19.58 -22.11 -13.45
CA SER A 574 20.21 -23.39 -13.22
C SER A 574 20.15 -23.73 -11.75
N THR A 575 20.20 -25.02 -11.45
CA THR A 575 20.22 -25.50 -10.07
C THR A 575 21.60 -25.99 -9.61
N ASN A 576 22.56 -26.13 -10.52
CA ASN A 576 23.86 -26.67 -10.14
C ASN A 576 24.93 -26.07 -11.04
N ARG A 577 26.17 -26.06 -10.53
CA ARG A 577 27.25 -25.37 -11.21
C ARG A 577 27.53 -25.96 -12.59
N LEU A 578 27.40 -27.29 -12.73
CA LEU A 578 27.70 -27.94 -14.00
C LEU A 578 26.81 -27.43 -15.12
N GLU A 579 25.50 -27.38 -14.86
CA GLU A 579 24.58 -26.80 -15.83
C GLU A 579 24.83 -25.31 -16.03
N GLU A 580 25.20 -24.60 -14.97
CA GLU A 580 25.48 -23.17 -15.10
C GLU A 580 26.59 -22.92 -16.10
N GLU A 581 27.69 -23.68 -15.99
CA GLU A 581 28.82 -23.50 -16.90
C GLU A 581 28.45 -23.86 -18.32
N ILE A 582 27.65 -24.91 -18.50
CA ILE A 582 27.23 -25.29 -19.85
C ILE A 582 26.38 -24.19 -20.48
N ASN A 583 25.45 -23.63 -19.70
CA ASN A 583 24.59 -22.58 -20.20
C ASN A 583 25.38 -21.32 -20.51
N ASN A 584 26.41 -21.02 -19.72
CA ASN A 584 27.23 -19.85 -20.00
C ASN A 584 28.05 -20.04 -21.27
N GLN A 585 28.60 -21.24 -21.46
CA GLN A 585 29.39 -21.52 -22.64
C GLN A 585 28.54 -21.39 -23.91
N LEU A 586 27.27 -21.83 -23.85
CA LEU A 586 26.42 -21.56 -25.02
C LEU A 586 25.89 -20.13 -25.07
N LEU A 587 25.63 -19.50 -23.92
CA LEU A 587 25.04 -18.18 -23.92
C LEU A 587 25.94 -17.17 -24.64
N LEU A 588 27.25 -17.24 -24.40
CA LEU A 588 28.16 -16.28 -25.02
C LEU A 588 28.22 -16.44 -26.53
N GLN A 589 27.65 -17.50 -27.08
CA GLN A 589 27.61 -17.69 -28.54
C GLN A 589 26.23 -17.50 -29.14
N LYS A 590 25.16 -17.87 -28.43
CA LYS A 590 23.82 -17.73 -29.01
C LYS A 590 23.41 -16.27 -29.12
N TYR A 591 23.77 -15.45 -28.14
CA TYR A 591 23.33 -14.06 -28.07
C TYR A 591 24.54 -13.14 -27.93
N PRO A 592 25.23 -12.82 -29.02
CA PRO A 592 26.48 -12.06 -28.92
C PRO A 592 26.25 -10.70 -28.27
N PRO A 593 27.18 -10.28 -27.41
CA PRO A 593 27.04 -8.98 -26.72
C PRO A 593 26.78 -7.81 -27.65
N PRO A 594 27.37 -7.73 -28.86
CA PRO A 594 27.10 -6.56 -29.69
C PRO A 594 25.63 -6.23 -29.87
N ARG A 595 24.74 -7.22 -29.81
CA ARG A 595 23.30 -6.99 -29.93
C ARG A 595 22.55 -7.19 -28.63
N TYR A 596 23.01 -8.09 -27.76
CA TYR A 596 22.28 -8.45 -26.56
C TYR A 596 23.03 -8.02 -25.31
N ILE A 597 22.29 -7.85 -24.23
CA ILE A 597 22.89 -7.60 -22.93
C ILE A 597 22.39 -8.68 -21.97
N THR A 598 23.31 -9.22 -21.19
CA THR A 598 22.97 -10.25 -20.21
C THR A 598 23.22 -9.71 -18.81
N VAL A 599 22.22 -9.84 -17.95
CA VAL A 599 22.25 -9.31 -16.59
C VAL A 599 22.22 -10.48 -15.63
N HIS A 600 23.25 -10.57 -14.79
CA HIS A 600 23.40 -11.69 -13.86
C HIS A 600 22.73 -11.30 -12.54
N CYS A 601 21.55 -11.87 -12.31
CA CYS A 601 20.71 -11.47 -11.19
C CYS A 601 20.85 -12.46 -10.03
N GLU A 602 20.37 -12.03 -8.87
CA GLU A 602 20.28 -12.94 -7.74
C GLU A 602 19.17 -13.97 -7.96
N PRO A 603 19.23 -15.11 -7.28
CA PRO A 603 18.27 -16.18 -7.54
C PRO A 603 16.84 -15.71 -7.30
N ARG A 604 15.91 -16.26 -8.10
CA ARG A 604 14.49 -15.96 -7.98
C ARG A 604 13.78 -16.89 -7.00
N LEU A 605 14.09 -18.17 -7.02
CA LEU A 605 13.54 -19.23 -6.20
C LEU A 605 14.61 -19.77 -5.25
N PRO A 606 14.25 -20.30 -4.08
CA PRO A 606 15.27 -20.81 -3.15
C PRO A 606 15.99 -22.05 -3.63
N ASN A 607 15.52 -22.71 -4.69
CA ASN A 607 16.16 -23.93 -5.18
C ASN A 607 16.99 -23.67 -6.43
N LEU A 608 17.30 -22.41 -6.72
CA LEU A 608 18.14 -22.03 -7.85
C LEU A 608 19.44 -21.44 -7.35
N ILE A 609 20.48 -21.55 -8.18
CA ILE A 609 21.76 -20.91 -7.87
C ILE A 609 22.10 -19.76 -8.80
N SER A 610 21.59 -19.72 -10.03
CA SER A 610 21.95 -18.67 -10.96
C SER A 610 20.78 -18.33 -11.86
N GLU A 611 20.67 -17.06 -12.21
CA GLU A 611 19.63 -16.60 -13.14
C GLU A 611 20.22 -15.49 -13.99
N ILE A 612 20.02 -15.57 -15.30
CA ILE A 612 20.47 -14.56 -16.26
C ILE A 612 19.27 -14.08 -17.05
N ALA A 613 19.09 -12.78 -17.13
CA ALA A 613 18.04 -12.20 -17.95
C ALA A 613 18.65 -11.68 -19.24
N ILE A 614 18.06 -12.05 -20.37
CA ILE A 614 18.60 -11.69 -21.68
C ILE A 614 17.66 -10.70 -22.34
N PHE A 615 18.20 -9.53 -22.71
CA PHE A 615 17.43 -8.45 -23.31
C PHE A 615 17.97 -8.16 -24.70
N ASP A 616 17.05 -7.92 -25.63
CA ASP A 616 17.40 -7.60 -27.01
C ASP A 616 17.37 -6.09 -27.21
N ARG A 617 18.54 -5.51 -27.51
CA ARG A 617 18.69 -4.06 -27.60
C ARG A 617 18.62 -3.56 -29.03
N SER A 618 18.31 -4.44 -29.99
CA SER A 618 18.28 -4.03 -31.39
C SER A 618 17.06 -3.19 -31.74
N ILE A 619 15.95 -3.35 -31.02
CA ILE A 619 14.75 -2.55 -31.26
C ILE A 619 14.33 -1.94 -29.92
N GLU A 620 14.20 -0.61 -29.91
CA GLU A 620 13.85 0.10 -28.69
C GLU A 620 12.39 -0.18 -28.35
N GLY A 621 12.12 -0.43 -27.07
CA GLY A 621 10.79 -0.78 -26.62
C GLY A 621 9.94 0.41 -26.24
N THR A 622 8.88 0.17 -25.48
CA THR A 622 7.94 1.23 -25.11
C THR A 622 8.35 2.00 -23.88
N ILE A 623 8.86 1.34 -22.84
CA ILE A 623 9.26 2.06 -21.63
C ILE A 623 10.37 3.06 -21.90
N PRO A 624 11.46 2.71 -22.62
CA PRO A 624 12.45 3.74 -22.95
C PRO A 624 11.89 5.00 -23.59
N ARG A 625 10.87 4.89 -24.43
CA ARG A 625 10.32 6.10 -25.05
C ARG A 625 9.50 6.91 -24.06
N LEU A 626 8.79 6.24 -23.15
CA LEU A 626 8.09 6.94 -22.08
C LEU A 626 9.07 7.67 -21.18
N LEU A 627 10.20 7.03 -20.89
CA LEU A 627 11.20 7.67 -20.05
C LEU A 627 11.86 8.85 -20.76
N ARG A 628 12.12 8.72 -22.06
CA ARG A 628 12.66 9.84 -22.82
C ARG A 628 11.72 11.04 -22.80
N THR A 629 10.41 10.78 -22.86
CA THR A 629 9.44 11.87 -22.83
C THR A 629 9.55 12.68 -21.54
N PHE A 630 9.65 12.01 -20.40
CA PHE A 630 9.72 12.73 -19.13
C PHE A 630 11.07 13.41 -18.95
N LEU A 631 12.14 12.82 -19.49
CA LEU A 631 13.46 13.44 -19.43
C LEU A 631 13.47 14.74 -20.22
N ALA A 632 12.84 14.77 -21.39
CA ALA A 632 12.80 15.98 -22.19
C ALA A 632 12.08 17.11 -21.46
N GLU A 633 10.98 16.79 -20.78
CA GLU A 633 10.24 17.84 -20.06
C GLU A 633 11.03 18.37 -18.88
N ARG A 634 11.63 17.47 -18.10
CA ARG A 634 12.40 17.91 -16.94
C ARG A 634 13.56 18.81 -17.36
N ALA A 635 14.27 18.44 -18.43
CA ALA A 635 15.39 19.27 -18.88
C ALA A 635 14.91 20.66 -19.29
N ARG A 636 13.74 20.74 -19.92
CA ARG A 636 13.23 22.04 -20.36
C ARG A 636 12.91 22.94 -19.17
N TYR A 637 12.30 22.38 -18.12
CA TYR A 637 12.02 23.22 -16.96
C TYR A 637 13.28 23.54 -16.16
N LYS A 638 14.26 22.64 -16.15
CA LYS A 638 15.54 22.96 -15.51
C LYS A 638 16.24 24.11 -16.24
N LYS A 639 16.17 24.11 -17.57
CA LYS A 639 16.79 25.21 -18.32
C LYS A 639 16.13 26.54 -17.98
N MET A 640 14.80 26.56 -17.86
CA MET A 640 14.10 27.80 -17.51
C MET A 640 14.45 28.25 -16.09
N LEU A 641 14.61 27.31 -15.17
CA LEU A 641 15.04 27.65 -13.81
C LEU A 641 16.34 28.43 -13.83
N LYS A 642 17.28 28.03 -14.68
CA LYS A 642 18.56 28.74 -14.75
C LYS A 642 18.39 30.19 -15.18
N GLN A 643 17.26 30.53 -15.81
CA GLN A 643 17.00 31.89 -16.28
C GLN A 643 16.07 32.67 -15.36
N ALA A 644 15.67 32.10 -14.23
CA ALA A 644 14.78 32.78 -13.30
C ALA A 644 15.54 33.82 -12.49
N THR A 645 14.87 34.92 -12.17
CA THR A 645 15.47 36.04 -11.44
C THR A 645 14.93 36.17 -10.02
N SER A 646 13.62 36.31 -9.86
CA SER A 646 13.04 36.50 -8.54
C SER A 646 12.98 35.18 -7.79
N SER A 647 12.88 35.28 -6.45
CA SER A 647 12.73 34.08 -5.63
C SER A 647 11.43 33.33 -5.94
N THR A 648 10.38 34.06 -6.33
CA THR A 648 9.12 33.40 -6.69
C THR A 648 9.28 32.58 -7.97
N GLU A 649 9.92 33.14 -9.01
CA GLU A 649 10.12 32.39 -10.24
C GLU A 649 10.94 31.13 -10.00
N LYS A 650 11.99 31.25 -9.18
CA LYS A 650 12.86 30.12 -8.93
C LYS A 650 12.11 28.99 -8.22
N ALA A 651 11.30 29.35 -7.22
CA ALA A 651 10.56 28.32 -6.49
C ALA A 651 9.59 27.57 -7.40
N ILE A 652 8.93 28.28 -8.31
CA ILE A 652 7.93 27.65 -9.17
C ILE A 652 8.60 26.72 -10.16
N TYR A 653 9.68 27.17 -10.80
CA TYR A 653 10.34 26.32 -11.78
C TYR A 653 11.09 25.18 -11.13
N ASP A 654 11.60 25.37 -9.92
CA ASP A 654 12.25 24.28 -9.21
C ASP A 654 11.24 23.20 -8.83
N SER A 655 10.04 23.61 -8.45
CA SER A 655 9.02 22.63 -8.07
C SER A 655 8.58 21.79 -9.27
N MET A 656 8.43 22.41 -10.44
CA MET A 656 7.93 21.67 -11.59
C MET A 656 8.95 20.62 -12.07
N GLN A 657 10.22 20.99 -12.14
CA GLN A 657 11.21 20.02 -12.60
C GLN A 657 11.39 18.90 -11.58
N TYR A 658 11.19 19.19 -10.30
CA TYR A 658 11.14 18.11 -9.31
C TYR A 658 9.98 17.16 -9.58
N THR A 659 8.81 17.70 -9.89
CA THR A 659 7.67 16.82 -10.19
C THR A 659 8.01 15.84 -11.30
N TYR A 660 8.67 16.31 -12.36
CA TYR A 660 8.99 15.41 -13.46
C TYR A 660 10.05 14.39 -13.05
N LYS A 661 10.92 14.77 -12.12
CA LYS A 661 11.86 13.80 -11.54
C LYS A 661 11.10 12.60 -10.95
N ILE A 662 10.04 12.88 -10.19
CA ILE A 662 9.36 11.82 -9.47
C ILE A 662 8.59 10.91 -10.43
N VAL A 663 7.87 11.49 -11.40
CA VAL A 663 7.06 10.65 -12.29
C VAL A 663 7.94 9.78 -13.16
N ALA A 664 9.10 10.29 -13.57
CA ALA A 664 10.02 9.47 -14.34
C ALA A 664 10.51 8.28 -13.54
N ASN A 665 10.78 8.46 -12.25
CA ASN A 665 11.22 7.33 -11.42
C ASN A 665 10.08 6.37 -11.11
N SER A 666 8.85 6.90 -11.01
CA SER A 666 7.72 6.04 -10.72
C SER A 666 7.43 5.06 -11.84
N VAL A 667 7.94 5.29 -13.05
CA VAL A 667 7.76 4.31 -14.11
C VAL A 667 8.34 2.95 -13.68
N TYR A 668 9.50 2.97 -13.04
CA TYR A 668 10.03 1.75 -12.45
C TYR A 668 9.07 1.17 -11.43
N GLY A 669 8.59 2.00 -10.50
CA GLY A 669 7.71 1.49 -9.46
C GLY A 669 6.49 0.78 -10.02
N LEU A 670 5.94 1.29 -11.11
CA LEU A 670 4.83 0.64 -11.80
C LEU A 670 5.27 -0.70 -12.37
N MET A 671 6.48 -0.76 -12.90
CA MET A 671 7.01 -2.03 -13.40
C MET A 671 7.20 -3.05 -12.27
N GLY A 672 7.41 -2.57 -11.04
CA GLY A 672 7.53 -3.46 -9.90
C GLY A 672 6.27 -3.58 -9.06
N PHE A 673 5.17 -3.00 -9.54
CA PHE A 673 3.91 -2.94 -8.82
C PHE A 673 3.04 -4.10 -9.27
N ARG A 674 2.67 -4.97 -8.33
CA ARG A 674 2.04 -6.24 -8.68
C ARG A 674 0.74 -6.05 -9.45
N ASN A 675 0.05 -4.92 -9.26
CA ASN A 675 -1.22 -4.67 -9.91
C ASN A 675 -1.11 -3.74 -11.10
N SER A 676 0.09 -3.49 -11.60
CA SER A 676 0.27 -2.61 -12.75
C SER A 676 0.09 -3.37 -14.05
N ALA A 677 -0.30 -2.64 -15.08
CA ALA A 677 -0.30 -3.16 -16.44
C ALA A 677 1.11 -3.26 -17.02
N LEU A 678 2.08 -2.59 -16.42
CA LEU A 678 3.45 -2.59 -16.89
C LEU A 678 4.34 -3.53 -16.09
N TYR A 679 3.74 -4.37 -15.24
CA TYR A 679 4.53 -5.19 -14.33
C TYR A 679 5.50 -6.08 -15.10
N SER A 680 6.76 -6.08 -14.67
CA SER A 680 7.78 -6.94 -15.25
C SER A 680 8.79 -7.23 -14.16
N TYR A 681 8.78 -8.45 -13.62
CA TYR A 681 9.71 -8.80 -12.56
C TYR A 681 11.15 -8.85 -13.09
N ALA A 682 11.34 -9.52 -14.23
CA ALA A 682 12.68 -9.65 -14.79
C ALA A 682 13.29 -8.30 -15.11
N SER A 683 12.49 -7.37 -15.64
CA SER A 683 13.02 -6.07 -16.02
C SER A 683 13.36 -5.23 -14.80
N ALA A 684 12.48 -5.22 -13.80
CA ALA A 684 12.72 -4.43 -12.60
C ALA A 684 13.97 -4.91 -11.85
N LYS A 685 14.13 -6.23 -11.73
CA LYS A 685 15.28 -6.77 -11.03
C LYS A 685 16.56 -6.54 -11.81
N SER A 686 16.50 -6.66 -13.14
CA SER A 686 17.66 -6.40 -13.98
C SER A 686 18.10 -4.95 -13.92
N CYS A 687 17.14 -4.02 -13.82
CA CYS A 687 17.50 -2.61 -13.73
C CYS A 687 18.37 -2.34 -12.52
N THR A 688 17.95 -2.84 -11.35
CA THR A 688 18.72 -2.60 -10.15
C THR A 688 20.08 -3.31 -10.19
N SER A 689 20.14 -4.50 -10.81
CA SER A 689 21.42 -5.18 -10.95
C SER A 689 22.42 -4.35 -11.77
N ILE A 690 21.97 -3.79 -12.89
CA ILE A 690 22.82 -2.91 -13.68
C ILE A 690 23.22 -1.69 -12.86
N GLY A 691 22.28 -1.12 -12.11
CA GLY A 691 22.61 0.02 -11.27
C GLY A 691 23.73 -0.28 -10.28
N ARG A 692 23.63 -1.42 -9.59
CA ARG A 692 24.67 -1.76 -8.62
C ARG A 692 26.04 -1.89 -9.28
N ARG A 693 26.10 -2.49 -10.46
CA ARG A 693 27.37 -2.61 -11.18
C ARG A 693 27.89 -1.22 -11.58
N MET A 694 26.99 -0.34 -11.99
CA MET A 694 27.38 1.00 -12.42
C MET A 694 27.98 1.82 -11.29
N ILE A 695 27.42 1.69 -10.09
CA ILE A 695 27.97 2.40 -8.94
C ILE A 695 29.32 1.82 -8.55
N LEU A 696 29.42 0.49 -8.51
CA LEU A 696 30.69 -0.13 -8.13
C LEU A 696 31.79 0.19 -9.12
N TYR A 697 31.47 0.29 -10.41
CA TYR A 697 32.48 0.65 -11.40
C TYR A 697 33.08 2.01 -11.10
N LEU A 698 32.21 3.02 -10.93
CA LEU A 698 32.73 4.37 -10.69
C LEU A 698 33.41 4.48 -9.34
N GLU A 699 32.86 3.85 -8.30
CA GLU A 699 33.50 3.89 -6.99
C GLU A 699 34.88 3.25 -7.03
N SER A 700 35.02 2.14 -7.75
CA SER A 700 36.28 1.41 -7.74
C SER A 700 37.39 2.22 -8.40
N VAL A 701 37.11 2.85 -9.54
CA VAL A 701 38.17 3.57 -10.26
C VAL A 701 38.58 4.85 -9.54
N LEU A 702 37.71 5.43 -8.73
CA LEU A 702 38.08 6.61 -7.94
C LEU A 702 38.78 6.29 -6.63
N ASN A 703 38.52 5.14 -6.03
CA ASN A 703 39.09 4.81 -4.73
C ASN A 703 40.54 4.41 -4.90
N GLY A 704 41.45 5.33 -4.59
CA GLY A 704 42.87 5.13 -4.84
C GLY A 704 43.43 5.88 -6.03
N ALA A 705 42.64 6.76 -6.65
CA ALA A 705 43.17 7.55 -7.74
C ALA A 705 44.17 8.58 -7.22
N GLU A 706 45.10 8.97 -8.09
CA GLU A 706 46.12 9.93 -7.68
C GLU A 706 46.34 10.94 -8.80
N LEU A 707 46.45 12.21 -8.40
CA LEU A 707 46.72 13.31 -9.32
C LEU A 707 48.20 13.66 -9.24
N SER A 708 48.91 13.46 -10.35
CA SER A 708 50.34 13.67 -10.42
C SER A 708 50.60 14.96 -11.17
N ASN A 709 51.85 15.13 -11.62
CA ASN A 709 52.36 16.36 -12.25
C ASN A 709 51.40 16.95 -13.29
N GLY A 710 51.03 16.15 -14.28
CA GLY A 710 50.13 16.64 -15.30
C GLY A 710 49.16 15.58 -15.74
N MET A 711 49.15 14.46 -15.03
CA MET A 711 48.37 13.29 -15.41
C MET A 711 47.56 12.78 -14.22
N LEU A 712 46.37 12.26 -14.50
CA LEU A 712 45.54 11.62 -13.48
C LEU A 712 45.64 10.12 -13.66
N ARG A 713 45.92 9.41 -12.57
CA ARG A 713 45.92 7.96 -12.55
C ARG A 713 44.67 7.47 -11.84
N PHE A 714 43.89 6.65 -12.52
CA PHE A 714 42.72 6.02 -11.92
C PHE A 714 43.13 4.73 -11.22
N ALA A 715 42.38 4.38 -10.18
CA ALA A 715 42.78 3.26 -9.33
C ALA A 715 42.76 1.94 -10.09
N ASN A 716 41.84 1.79 -11.03
CA ASN A 716 41.61 0.54 -11.71
C ASN A 716 41.49 0.77 -13.20
N THR A 717 41.76 -0.28 -13.98
CA THR A 717 41.63 -0.17 -15.43
C THR A 717 40.19 0.16 -15.80
N LEU A 718 40.01 1.07 -16.74
CA LEU A 718 38.70 1.61 -17.08
C LEU A 718 38.02 0.68 -18.06
N SER A 719 37.68 -0.52 -17.59
CA SER A 719 37.15 -1.58 -18.43
C SER A 719 35.64 -1.67 -18.24
N ASN A 720 34.90 -1.56 -19.35
CA ASN A 720 33.45 -1.64 -19.37
C ASN A 720 33.00 -2.97 -18.80
N PRO A 721 32.25 -2.99 -17.70
CA PRO A 721 31.94 -4.26 -17.04
C PRO A 721 30.67 -4.92 -17.56
N PHE A 722 30.24 -4.57 -18.77
CA PHE A 722 29.01 -5.12 -19.33
C PHE A 722 29.28 -5.82 -20.64
N TYR A 723 30.19 -5.25 -21.43
CA TYR A 723 30.52 -5.74 -22.76
C TYR A 723 31.89 -5.19 -23.14
N MET A 724 32.48 -5.80 -24.16
CA MET A 724 33.74 -5.31 -24.69
C MET A 724 33.51 -4.22 -25.73
N ASP A 725 34.32 -3.18 -25.68
CA ASP A 725 34.20 -2.03 -26.56
C ASP A 725 35.58 -1.65 -27.09
N ASP A 726 35.60 -0.63 -27.94
CA ASP A 726 36.84 -0.12 -28.51
C ASP A 726 37.40 1.08 -27.75
N ARG A 727 36.91 1.36 -26.55
CA ARG A 727 37.42 2.51 -25.80
C ARG A 727 38.85 2.26 -25.35
N ASP A 728 39.62 3.34 -25.26
CA ASP A 728 40.96 3.29 -24.67
C ASP A 728 40.82 3.19 -23.14
N ILE A 729 41.16 2.04 -22.59
CA ILE A 729 40.87 1.73 -21.19
C ILE A 729 42.09 1.99 -20.31
N ASN A 730 43.12 2.60 -20.88
CA ASN A 730 44.32 2.93 -20.12
C ASN A 730 43.96 3.89 -18.98
N PRO A 731 44.34 3.58 -17.74
CA PRO A 731 43.94 4.42 -16.60
C PRO A 731 44.77 5.67 -16.39
N ILE A 732 45.65 6.03 -17.33
CA ILE A 732 46.45 7.26 -17.22
C ILE A 732 45.88 8.25 -18.21
N VAL A 733 45.35 9.37 -17.70
CA VAL A 733 44.65 10.34 -18.51
C VAL A 733 45.22 11.72 -18.26
N LYS A 734 45.20 12.56 -19.30
CA LYS A 734 45.80 13.89 -19.24
C LYS A 734 44.78 14.88 -18.68
N THR A 735 45.21 15.68 -17.72
CA THR A 735 44.37 16.73 -17.15
C THR A 735 44.95 18.10 -17.47
N SER A 736 44.23 19.15 -17.04
CA SER A 736 44.62 20.53 -17.31
C SER A 736 44.91 21.28 -16.03
N LEU A 737 45.22 20.58 -14.95
CA LEU A 737 45.53 21.16 -13.66
C LEU A 737 47.01 21.50 -13.55
N PRO A 738 47.37 22.48 -12.72
CA PRO A 738 48.79 22.86 -12.61
C PRO A 738 49.64 21.81 -11.91
N ILE A 739 50.95 21.82 -12.20
CA ILE A 739 51.86 20.86 -11.60
C ILE A 739 51.94 21.01 -10.09
N ASP A 740 51.55 22.17 -9.56
CA ASP A 740 51.61 22.38 -8.11
C ASP A 740 50.72 21.37 -7.38
N TYR A 741 49.67 20.88 -8.03
CA TYR A 741 48.71 20.03 -7.37
C TYR A 741 49.23 18.60 -7.24
N ARG A 742 49.14 18.05 -6.03
CA ARG A 742 49.46 16.65 -5.76
C ARG A 742 48.49 16.14 -4.71
N PHE A 743 47.54 15.31 -5.11
CA PHE A 743 46.48 14.88 -4.22
C PHE A 743 46.20 13.39 -4.42
N ARG A 744 45.68 12.77 -3.37
CA ARG A 744 45.20 11.40 -3.40
C ARG A 744 43.70 11.39 -3.09
N PHE A 745 42.97 10.49 -3.75
CA PHE A 745 41.54 10.38 -3.57
C PHE A 745 41.20 9.09 -2.83
N ARG A 746 40.24 9.18 -1.93
CA ARG A 746 39.77 8.01 -1.19
C ARG A 746 38.25 8.02 -1.20
N SER A 747 37.65 6.85 -1.33
CA SER A 747 36.21 6.68 -1.19
C SER A 747 35.87 6.39 0.27
N VAL A 748 35.01 7.22 0.86
CA VAL A 748 34.66 7.12 2.26
C VAL A 748 33.19 6.81 2.47
N TYR A 749 32.35 7.04 1.47
CA TYR A 749 30.92 6.77 1.61
C TYR A 749 30.30 6.68 0.21
N GLY A 750 29.09 6.14 0.16
CA GLY A 750 28.37 6.06 -1.09
C GLY A 750 26.95 5.57 -0.93
N ASP A 751 26.00 6.14 -1.67
CA ASP A 751 24.58 5.89 -1.46
C ASP A 751 23.82 5.88 -2.79
N THR A 752 23.29 4.72 -3.14
CA THR A 752 22.35 4.51 -4.23
C THR A 752 22.85 4.94 -5.61
N ASP A 753 23.19 6.20 -5.79
CA ASP A 753 23.76 6.61 -7.07
C ASP A 753 24.82 7.69 -6.94
N SER A 754 25.39 7.92 -5.77
CA SER A 754 26.43 8.92 -5.60
C SER A 754 27.62 8.35 -4.87
N VAL A 755 28.79 8.90 -5.14
CA VAL A 755 30.04 8.50 -4.51
C VAL A 755 30.61 9.71 -3.79
N PHE A 756 30.98 9.51 -2.52
CA PHE A 756 31.56 10.54 -1.66
C PHE A 756 33.07 10.30 -1.65
N THR A 757 33.82 11.14 -2.36
CA THR A 757 35.26 10.95 -2.50
C THR A 757 35.97 12.03 -1.69
N GLU A 758 36.80 11.61 -0.75
CA GLU A 758 37.51 12.56 0.09
C GLU A 758 38.81 12.98 -0.59
N ILE A 759 39.13 14.27 -0.50
CA ILE A 759 40.38 14.80 -1.03
C ILE A 759 41.17 15.37 0.13
N ASP A 760 42.49 15.14 0.12
CA ASP A 760 43.35 15.59 1.21
C ASP A 760 43.64 17.09 1.06
N SER A 761 42.62 17.89 1.34
CA SER A 761 42.71 19.33 1.21
C SER A 761 41.81 19.99 2.24
N GLN A 762 42.20 21.18 2.69
CA GLN A 762 41.37 22.01 3.54
C GLN A 762 40.70 23.16 2.81
N ASP A 763 41.28 23.64 1.72
CA ASP A 763 40.73 24.78 1.01
C ASP A 763 39.53 24.35 0.16
N VAL A 764 38.65 25.31 -0.11
CA VAL A 764 37.54 25.08 -1.02
C VAL A 764 37.85 25.49 -2.45
N ASP A 765 38.57 26.58 -2.67
CA ASP A 765 38.80 27.05 -4.04
C ASP A 765 39.59 26.02 -4.85
N LYS A 766 40.57 25.36 -4.22
CA LYS A 766 41.28 24.28 -4.89
C LYS A 766 40.36 23.09 -5.12
N SER A 767 39.48 22.82 -4.15
CA SER A 767 38.58 21.69 -4.28
C SER A 767 37.62 21.87 -5.45
N ILE A 768 37.14 23.08 -5.67
CA ILE A 768 36.23 23.33 -6.78
C ILE A 768 36.95 23.17 -8.12
N GLU A 769 38.16 23.73 -8.24
CA GLU A 769 38.87 23.63 -9.52
C GLU A 769 39.12 22.16 -9.88
N ILE A 770 39.59 21.36 -8.92
CA ILE A 770 39.90 19.96 -9.21
C ILE A 770 38.62 19.19 -9.51
N ALA A 771 37.57 19.41 -8.74
CA ALA A 771 36.33 18.67 -8.91
C ALA A 771 35.75 18.89 -10.31
N LYS A 772 35.83 20.12 -10.81
CA LYS A 772 35.29 20.39 -12.14
C LYS A 772 36.09 19.68 -13.22
N GLU A 773 37.42 19.72 -13.11
CA GLU A 773 38.24 19.01 -14.09
C GLU A 773 38.10 17.50 -13.97
N LEU A 774 37.93 17.01 -12.74
CA LEU A 774 37.77 15.58 -12.51
C LEU A 774 36.51 15.05 -13.16
N GLU A 775 35.41 15.80 -13.06
CA GLU A 775 34.18 15.43 -13.75
C GLU A 775 34.41 15.31 -15.25
N ARG A 776 35.13 16.27 -15.83
CA ARG A 776 35.36 16.23 -17.28
C ARG A 776 36.00 14.91 -17.69
N LEU A 777 37.04 14.48 -16.98
CA LEU A 777 37.74 13.25 -17.34
C LEU A 777 36.86 12.03 -17.13
N ILE A 778 36.06 12.04 -16.06
CA ILE A 778 35.18 10.90 -15.77
C ILE A 778 34.15 10.74 -16.87
N ASN A 779 33.48 11.83 -17.26
CA ASN A 779 32.44 11.72 -18.26
C ASN A 779 33.01 11.37 -19.64
N SER A 780 34.23 11.81 -19.94
CA SER A 780 34.79 11.52 -21.26
C SER A 780 35.53 10.19 -21.34
N ARG A 781 36.16 9.73 -20.25
CA ARG A 781 36.97 8.51 -20.34
C ARG A 781 36.46 7.36 -19.47
N VAL A 782 35.92 7.67 -18.29
CA VAL A 782 35.51 6.60 -17.38
C VAL A 782 34.14 6.04 -17.75
N LEU A 783 33.15 6.89 -17.99
CA LEU A 783 31.80 6.44 -18.25
C LEU A 783 31.56 6.32 -19.75
N PHE A 784 30.42 5.71 -20.09
CA PHE A 784 30.14 5.30 -21.46
C PHE A 784 28.67 5.56 -21.80
N ASN A 785 28.40 5.66 -23.10
CA ASN A 785 27.07 5.91 -23.65
C ASN A 785 26.39 7.09 -22.98
N ASN A 786 25.25 6.87 -22.33
CA ASN A 786 24.44 7.96 -21.79
C ASN A 786 24.58 8.11 -20.29
N PHE A 787 25.56 7.47 -19.67
CA PHE A 787 25.77 7.61 -18.23
C PHE A 787 26.66 8.81 -17.96
N LYS A 788 26.13 9.81 -17.26
CA LYS A 788 26.87 11.02 -16.96
C LYS A 788 26.66 11.39 -15.50
N ILE A 789 27.65 12.06 -14.92
CA ILE A 789 27.57 12.54 -13.56
C ILE A 789 27.73 14.06 -13.54
N GLU A 790 27.35 14.65 -12.42
CA GLU A 790 27.60 16.05 -12.15
C GLU A 790 28.25 16.17 -10.78
N PHE A 791 29.07 17.21 -10.61
CA PHE A 791 29.63 17.55 -9.32
C PHE A 791 28.59 18.36 -8.56
N GLU A 792 28.18 17.87 -7.39
CA GLU A 792 27.11 18.52 -6.63
C GLU A 792 27.63 19.65 -5.75
N ALA A 793 28.56 19.34 -4.86
CA ALA A 793 28.97 20.31 -3.85
C ALA A 793 30.20 19.78 -3.14
N VAL A 794 30.80 20.65 -2.32
CA VAL A 794 31.83 20.27 -1.36
C VAL A 794 31.17 20.25 0.00
N TYR A 795 31.29 19.13 0.70
CA TYR A 795 30.80 18.99 2.06
C TYR A 795 31.96 19.22 3.01
N LYS A 796 31.91 20.32 3.76
CA LYS A 796 32.97 20.63 4.71
C LYS A 796 32.54 20.28 6.13
N ASN A 797 33.48 19.72 6.89
CA ASN A 797 33.24 19.23 8.24
C ASN A 797 32.12 18.19 8.25
N LEU A 798 32.13 17.31 7.26
CA LEU A 798 31.16 16.23 7.19
C LEU A 798 31.35 15.26 8.35
N ILE A 799 30.26 14.95 9.03
CA ILE A 799 30.23 13.96 10.11
C ILE A 799 29.18 12.92 9.76
N MET A 800 29.56 11.64 9.82
CA MET A 800 28.68 10.54 9.52
C MET A 800 28.23 9.87 10.82
N GLN A 801 26.94 9.54 10.90
CA GLN A 801 26.39 8.81 12.02
C GLN A 801 25.95 7.40 11.65
N SER A 802 25.42 7.21 10.46
CA SER A 802 24.91 5.91 10.03
C SER A 802 24.82 5.92 8.51
N LYS A 803 24.19 4.91 7.93
CA LYS A 803 24.03 4.84 6.49
C LYS A 803 22.99 5.82 5.96
N LYS A 804 22.25 6.51 6.82
CA LYS A 804 21.29 7.49 6.33
C LYS A 804 21.32 8.79 7.12
N LYS A 805 22.39 9.05 7.87
CA LYS A 805 22.44 10.15 8.82
C LYS A 805 23.79 10.86 8.69
N TYR A 806 23.76 12.14 8.36
CA TYR A 806 24.99 12.92 8.36
C TYR A 806 24.68 14.40 8.37
N THR A 807 25.67 15.20 8.73
CA THR A 807 25.56 16.65 8.78
C THR A 807 26.81 17.27 8.16
N THR A 808 26.65 18.45 7.55
CA THR A 808 27.79 19.11 6.92
C THR A 808 27.44 20.55 6.59
N MET A 809 28.46 21.31 6.21
CA MET A 809 28.29 22.66 5.67
C MET A 809 28.48 22.59 4.17
N LYS A 810 27.45 22.95 3.41
CA LYS A 810 27.45 22.78 1.97
C LYS A 810 28.01 24.02 1.29
N TYR A 811 29.01 23.81 0.44
CA TYR A 811 29.50 24.82 -0.50
C TYR A 811 29.10 24.37 -1.90
N SER A 812 28.26 25.16 -2.55
CA SER A 812 27.77 24.80 -3.88
C SER A 812 28.90 24.74 -4.89
N ALA A 813 28.72 23.99 -5.97
CA ALA A 813 29.74 23.83 -6.99
C ALA A 813 30.05 25.12 -7.73
N SER A 814 29.22 26.14 -7.57
CA SER A 814 29.44 27.44 -8.21
C SER A 814 29.77 28.52 -7.18
N SER A 815 30.10 28.13 -5.95
CA SER A 815 30.37 29.07 -4.87
C SER A 815 31.81 28.93 -4.41
N ASN A 816 32.52 30.05 -4.36
CA ASN A 816 33.93 30.04 -4.01
C ASN A 816 34.08 30.18 -2.50
N SER A 817 35.32 30.23 -2.02
CA SER A 817 35.58 30.18 -0.58
C SER A 817 35.06 31.39 0.18
N LYS A 818 34.69 32.46 -0.52
CA LYS A 818 34.24 33.69 0.12
C LYS A 818 32.73 33.70 0.35
N SER A 819 32.03 32.66 -0.09
CA SER A 819 30.58 32.58 0.04
C SER A 819 30.20 32.09 1.43
N VAL A 820 28.93 32.28 1.76
CA VAL A 820 28.38 31.77 3.02
C VAL A 820 27.80 30.38 2.77
N PRO A 821 28.24 29.36 3.50
CA PRO A 821 27.72 28.01 3.29
C PRO A 821 26.33 27.84 3.87
N GLU A 822 25.63 26.83 3.37
CA GLU A 822 24.36 26.43 3.94
C GLU A 822 24.54 25.23 4.85
N ARG A 823 23.97 25.29 6.05
CA ARG A 823 24.05 24.17 6.99
C ARG A 823 22.91 23.20 6.69
N ILE A 824 23.27 21.98 6.31
CA ILE A 824 22.31 20.98 5.88
C ILE A 824 22.42 19.74 6.77
N ASN A 825 21.30 19.08 6.98
CA ASN A 825 21.19 17.89 7.82
C ASN A 825 20.39 16.84 7.08
N LYS A 826 20.90 15.60 7.07
CA LYS A 826 20.20 14.46 6.51
C LYS A 826 20.08 13.40 7.59
N GLY A 827 18.84 13.02 7.91
CA GLY A 827 18.56 11.92 8.81
C GLY A 827 18.72 12.23 10.27
N THR A 828 19.10 13.45 10.64
CA THR A 828 19.38 13.78 12.01
C THR A 828 18.09 14.16 12.74
N SER A 829 18.16 14.25 14.07
CA SER A 829 17.01 14.65 14.87
C SER A 829 16.60 16.10 14.65
N GLU A 830 17.44 16.91 14.01
CA GLU A 830 17.12 18.31 13.77
C GLU A 830 16.16 18.50 12.61
N THR A 831 15.87 17.44 11.85
CA THR A 831 14.95 17.52 10.73
C THR A 831 13.67 16.72 10.92
N ARG A 832 13.56 15.90 11.95
CA ARG A 832 12.43 15.01 12.07
C ARG A 832 11.18 15.78 12.50
N ARG A 833 10.02 15.23 12.15
CA ARG A 833 8.74 15.82 12.52
C ARG A 833 8.09 15.12 13.71
N ASP A 834 8.80 14.17 14.32
CA ASP A 834 8.19 13.38 15.39
C ASP A 834 9.04 13.38 16.65
N VAL A 835 9.80 14.44 16.90
CA VAL A 835 10.62 14.46 18.11
C VAL A 835 10.19 15.58 19.03
N SER A 836 10.66 16.79 18.79
CA SER A 836 10.33 17.97 19.58
C SER A 836 11.09 19.18 19.07
N LYS A 837 10.93 20.32 19.73
CA LYS A 837 11.83 21.45 19.54
C LYS A 837 12.83 21.57 20.66
N PHE A 838 12.47 21.13 21.86
CA PHE A 838 13.40 21.00 22.99
C PHE A 838 14.60 20.14 22.63
N HIS A 839 14.36 18.95 22.07
CA HIS A 839 15.45 18.10 21.59
C HIS A 839 16.31 18.82 20.56
N LYS A 840 15.66 19.38 19.53
CA LYS A 840 16.39 19.96 18.40
C LYS A 840 17.31 21.09 18.85
N ASN A 841 16.83 21.96 19.73
CA ASN A 841 17.65 23.09 20.16
C ASN A 841 18.91 22.62 20.88
N MET A 842 18.78 21.63 21.74
CA MET A 842 19.92 21.17 22.51
C MET A 842 20.89 20.35 21.67
N ILE A 843 20.38 19.44 20.83
CA ILE A 843 21.30 18.60 20.07
C ILE A 843 22.15 19.44 19.13
N LYS A 844 21.58 20.52 18.59
CA LYS A 844 22.36 21.45 17.78
C LYS A 844 23.50 22.06 18.58
N THR A 845 23.21 22.50 19.81
CA THR A 845 24.24 23.14 20.63
C THR A 845 25.36 22.17 20.96
N TYR A 846 25.01 20.96 21.41
CA TYR A 846 26.02 20.02 21.88
C TYR A 846 26.80 19.43 20.71
N LYS A 847 26.14 19.12 19.60
CA LYS A 847 26.83 18.56 18.45
C LYS A 847 27.81 19.56 17.86
N THR A 848 27.42 20.85 17.81
CA THR A 848 28.33 21.87 17.31
C THR A 848 29.54 22.00 18.23
N ARG A 849 29.32 22.04 19.54
CA ARG A 849 30.42 22.13 20.48
C ARG A 849 31.32 20.91 20.40
N LEU A 850 30.74 19.72 20.22
CA LEU A 850 31.54 18.51 20.09
C LEU A 850 32.43 18.58 18.87
N SER A 851 31.88 18.99 17.73
CA SER A 851 32.66 19.07 16.50
C SER A 851 33.81 20.07 16.65
N GLU A 852 33.53 21.24 17.23
CA GLU A 852 34.57 22.26 17.31
C GLU A 852 35.73 21.81 18.19
N MET A 853 35.45 21.24 19.36
CA MET A 853 36.55 20.88 20.25
C MET A 853 37.23 19.57 19.83
N LEU A 854 36.49 18.64 19.22
CA LEU A 854 37.09 17.39 18.78
C LEU A 854 37.93 17.61 17.51
N SER A 855 37.46 18.48 16.61
CA SER A 855 38.24 18.75 15.40
C SER A 855 39.58 19.37 15.75
N GLU A 856 39.59 20.34 16.67
CA GLU A 856 40.84 20.94 17.10
C GLU A 856 41.70 19.88 17.79
N GLY A 857 41.13 19.19 18.78
CA GLY A 857 41.83 18.12 19.48
C GLY A 857 42.63 18.55 20.68
N ARG A 858 42.24 18.06 21.87
CA ARG A 858 43.04 18.25 23.08
C ARG A 858 43.33 16.92 23.76
N MET A 859 42.30 16.22 24.24
CA MET A 859 42.39 14.86 24.77
C MET A 859 43.54 14.70 25.76
N ASN A 860 43.57 15.59 26.76
CA ASN A 860 44.51 15.42 27.86
C ASN A 860 44.21 14.16 28.65
N SER A 861 42.94 13.97 29.03
CA SER A 861 42.49 12.72 29.64
C SER A 861 41.20 12.22 28.98
N ASN A 862 40.05 12.73 29.41
CA ASN A 862 38.75 12.36 28.85
C ASN A 862 37.90 13.61 28.65
N GLN A 863 38.50 14.65 28.08
CA GLN A 863 37.89 15.98 28.08
C GLN A 863 36.61 16.00 27.24
N VAL A 864 36.64 15.39 26.06
CA VAL A 864 35.53 15.53 25.12
C VAL A 864 34.28 14.89 25.70
N CYS A 865 34.41 13.69 26.25
CA CYS A 865 33.27 12.96 26.79
C CYS A 865 32.72 13.64 28.04
N ILE A 866 33.61 14.00 28.96
CA ILE A 866 33.15 14.46 30.27
C ILE A 866 32.57 15.87 30.17
N ASP A 867 33.14 16.72 29.32
CA ASP A 867 32.65 18.09 29.20
C ASP A 867 31.21 18.11 28.68
N ILE A 868 30.91 17.28 27.67
CA ILE A 868 29.57 17.27 27.10
C ILE A 868 28.58 16.68 28.10
N LEU A 869 28.93 15.57 28.74
CA LEU A 869 27.99 14.87 29.60
C LEU A 869 27.65 15.70 30.83
N ARG A 870 28.65 16.37 31.43
CA ARG A 870 28.40 17.14 32.64
C ARG A 870 27.45 18.29 32.38
N SER A 871 27.65 19.00 31.26
CA SER A 871 26.72 20.08 30.93
C SER A 871 25.33 19.54 30.62
N LEU A 872 25.25 18.39 29.95
CA LEU A 872 23.95 17.81 29.60
C LEU A 872 23.15 17.48 30.85
N GLU A 873 23.77 16.81 31.82
CA GLU A 873 23.05 16.43 33.04
C GLU A 873 22.55 17.66 33.79
N THR A 874 23.38 18.72 33.83
CA THR A 874 22.96 19.93 34.52
C THR A 874 21.71 20.53 33.88
N ASP A 875 21.70 20.62 32.54
CA ASP A 875 20.55 21.22 31.87
C ASP A 875 19.30 20.36 31.98
N LEU A 876 19.47 19.04 31.92
CA LEU A 876 18.32 18.14 32.00
C LEU A 876 17.67 18.21 33.39
N ARG A 877 18.49 18.22 34.45
CA ARG A 877 17.93 18.32 35.79
C ARG A 877 17.34 19.70 36.04
N SER A 878 17.99 20.75 35.54
CA SER A 878 17.46 22.10 35.72
C SER A 878 16.09 22.24 35.08
N GLU A 879 15.93 21.70 33.87
CA GLU A 879 14.65 21.81 33.18
C GLU A 879 13.55 21.08 33.94
N PHE A 880 13.85 19.89 34.47
CA PHE A 880 12.83 19.13 35.18
C PHE A 880 12.25 19.92 36.34
N ASP A 881 13.11 20.58 37.14
CA ASP A 881 12.61 21.31 38.29
C ASP A 881 12.08 22.69 37.90
N SER A 882 12.68 23.33 36.91
CA SER A 882 12.26 24.67 36.52
C SER A 882 10.89 24.64 35.85
N ARG A 883 10.71 23.76 34.87
CA ARG A 883 9.43 23.57 34.19
C ARG A 883 8.91 24.87 33.57
N SER A 884 9.81 25.71 33.08
CA SER A 884 9.42 27.00 32.53
C SER A 884 9.22 26.98 31.02
N SER A 885 9.75 25.98 30.34
CA SER A 885 9.68 25.96 28.88
C SER A 885 8.24 25.80 28.42
N PRO A 886 7.82 26.54 27.38
CA PRO A 886 6.46 26.37 26.86
C PRO A 886 6.18 24.96 26.38
N LEU A 887 4.91 24.55 26.44
CA LEU A 887 4.53 23.23 25.96
C LEU A 887 4.76 23.08 24.46
N GLU A 888 4.76 24.19 23.71
CA GLU A 888 4.97 24.13 22.27
C GLU A 888 6.30 23.52 21.88
N LEU A 889 7.26 23.43 22.81
CA LEU A 889 8.54 22.82 22.50
C LEU A 889 8.55 21.30 22.66
N PHE A 890 7.49 20.72 23.22
CA PHE A 890 7.46 19.29 23.51
C PHE A 890 6.32 18.60 22.78
N MET A 891 5.87 19.17 21.67
CA MET A 891 4.75 18.65 20.90
C MET A 891 5.27 17.79 19.75
N LEU A 892 4.65 16.64 19.54
CA LEU A 892 4.98 15.78 18.41
C LEU A 892 3.85 15.83 17.40
N SER A 893 4.18 15.51 16.15
CA SER A 893 3.18 15.42 15.11
C SER A 893 3.00 13.99 14.66
N ARG A 894 1.76 13.61 14.38
CA ARG A 894 1.48 12.28 13.89
C ARG A 894 0.32 12.33 12.91
N MET A 895 0.33 11.40 11.97
CA MET A 895 -0.73 11.26 10.99
C MET A 895 -1.76 10.24 11.47
N HIS A 896 -3.02 10.56 11.25
CA HIS A 896 -4.12 9.65 11.53
C HIS A 896 -4.52 8.92 10.26
N HIS A 897 -4.71 7.61 10.38
CA HIS A 897 -5.22 6.78 9.29
C HIS A 897 -5.77 5.49 9.86
N SER A 898 -6.31 4.66 8.97
CA SER A 898 -6.88 3.37 9.35
C SER A 898 -6.10 2.18 8.82
N ASN A 899 -4.86 2.40 8.34
CA ASN A 899 -4.09 1.33 7.72
C ASN A 899 -3.44 0.46 8.78
N TYR A 900 -4.23 -0.38 9.44
CA TYR A 900 -3.74 -1.21 10.52
C TYR A 900 -4.14 -2.67 10.31
N LYS A 901 -3.43 -3.54 11.01
CA LYS A 901 -3.83 -4.93 11.21
C LYS A 901 -4.82 -4.96 12.35
N SER A 902 -4.56 -5.79 13.37
CA SER A 902 -5.39 -5.87 14.58
C SER A 902 -6.01 -4.54 14.94
N ALA A 903 -7.30 -4.56 15.31
CA ALA A 903 -8.15 -3.40 15.60
C ALA A 903 -7.91 -2.78 16.97
N ASP A 904 -7.05 -3.32 17.85
CA ASP A 904 -6.84 -2.76 19.17
C ASP A 904 -5.60 -1.87 19.23
N ASN A 905 -5.12 -1.38 18.10
CA ASN A 905 -3.90 -0.58 18.08
C ASN A 905 -4.12 0.71 18.87
N PRO A 906 -3.23 1.03 19.82
CA PRO A 906 -3.45 2.25 20.61
C PRO A 906 -3.59 3.52 19.78
N ASN A 907 -3.04 3.58 18.58
CA ASN A 907 -3.10 4.81 17.79
C ASN A 907 -4.53 5.12 17.35
N MET A 908 -5.26 4.10 16.88
CA MET A 908 -6.66 4.31 16.51
C MET A 908 -7.51 4.61 17.74
N TYR A 909 -7.23 3.94 18.85
CA TYR A 909 -7.99 4.18 20.07
C TYR A 909 -7.85 5.63 20.53
N LEU A 910 -6.62 6.13 20.59
CA LEU A 910 -6.39 7.48 21.10
C LEU A 910 -7.17 8.51 20.31
N VAL A 911 -7.15 8.42 18.98
CA VAL A 911 -7.85 9.41 18.16
C VAL A 911 -9.35 9.22 18.25
N THR A 912 -9.82 7.96 18.22
CA THR A 912 -11.26 7.70 18.26
C THR A 912 -11.89 8.32 19.50
N GLU A 913 -11.25 8.14 20.66
CA GLU A 913 -11.77 8.74 21.89
C GLU A 913 -11.73 10.26 21.82
N TYR A 914 -10.67 10.84 21.26
CA TYR A 914 -10.67 12.28 21.06
C TYR A 914 -11.86 12.72 20.23
N ASN A 915 -12.11 12.06 19.10
CA ASN A 915 -13.19 12.48 18.21
C ASN A 915 -14.55 12.39 18.90
N LYS A 916 -14.74 11.39 19.76
CA LYS A 916 -16.01 11.23 20.44
C LYS A 916 -16.27 12.32 21.49
N ASN A 917 -15.23 12.78 22.17
CA ASN A 917 -15.39 13.70 23.29
C ASN A 917 -15.10 15.15 22.92
N ASN A 918 -14.93 15.47 21.64
CA ASN A 918 -14.62 16.83 21.24
C ASN A 918 -15.38 17.18 19.96
N PRO A 919 -15.79 18.45 19.83
CA PRO A 919 -16.41 18.88 18.58
C PRO A 919 -15.45 18.85 17.41
N GLU A 920 -14.15 18.89 17.71
CA GLU A 920 -13.14 18.80 16.66
C GLU A 920 -12.94 17.35 16.25
N THR A 921 -13.01 17.08 14.95
CA THR A 921 -12.86 15.74 14.41
C THR A 921 -11.58 15.65 13.61
N ILE A 922 -10.76 14.65 13.91
CA ILE A 922 -9.55 14.38 13.15
C ILE A 922 -9.91 13.38 12.05
N GLU A 923 -9.63 13.75 10.80
CA GLU A 923 -9.98 12.91 9.66
C GLU A 923 -8.80 11.99 9.32
N LEU A 924 -9.02 11.09 8.37
CA LEU A 924 -8.08 10.00 8.11
C LEU A 924 -6.90 10.44 7.25
N GLY A 925 -6.80 11.71 6.89
CA GLY A 925 -5.64 12.19 6.17
C GLY A 925 -4.97 13.37 6.84
N GLU A 926 -5.39 13.67 8.07
CA GLU A 926 -4.91 14.87 8.76
C GLU A 926 -3.83 14.53 9.78
N ARG A 927 -3.00 15.53 10.07
CA ARG A 927 -1.96 15.42 11.08
C ARG A 927 -2.42 16.15 12.33
N TYR A 928 -2.10 15.59 13.50
CA TYR A 928 -2.46 16.19 14.77
C TYR A 928 -1.25 16.23 15.70
N TYR A 929 -1.33 17.09 16.69
CA TYR A 929 -0.30 17.23 17.72
C TYR A 929 -0.66 16.39 18.93
N PHE A 930 0.36 15.85 19.59
CA PHE A 930 0.18 15.16 20.84
C PHE A 930 1.42 15.34 21.71
N ALA A 931 1.27 15.01 23.00
CA ALA A 931 2.36 15.13 23.95
C ALA A 931 2.23 14.03 25.00
N TYR A 932 3.34 13.79 25.71
CA TYR A 932 3.36 12.84 26.82
C TYR A 932 3.16 13.62 28.12
N ILE A 933 1.99 13.47 28.72
CA ILE A 933 1.56 14.26 29.87
C ILE A 933 1.23 13.33 31.02
N CYS A 934 1.73 13.64 32.21
CA CYS A 934 1.52 12.84 33.39
C CYS A 934 1.13 13.73 34.56
N PRO A 935 0.53 13.18 35.61
CA PRO A 935 0.15 14.00 36.75
C PRO A 935 1.34 14.73 37.33
N ALA A 936 1.12 15.96 37.81
CA ALA A 936 2.18 16.79 38.33
C ALA A 936 2.83 16.21 39.59
N ASN A 937 2.16 15.31 40.29
CA ASN A 937 2.69 14.76 41.53
C ASN A 937 3.66 13.61 41.32
N VAL A 938 3.88 13.19 40.08
CA VAL A 938 4.77 12.06 39.81
C VAL A 938 6.22 12.55 39.84
N PRO A 939 7.08 11.96 40.68
CA PRO A 939 8.48 12.42 40.73
C PRO A 939 9.28 11.89 39.57
N TRP A 940 10.52 12.36 39.42
CA TRP A 940 11.44 11.77 38.46
C TRP A 940 11.69 10.31 38.80
N THR A 941 11.46 9.43 37.84
CA THR A 941 11.66 8.01 38.01
C THR A 941 12.70 7.48 37.03
N LYS A 942 13.15 6.25 37.27
CA LYS A 942 14.13 5.58 36.44
C LYS A 942 13.56 4.38 35.69
N LYS A 943 12.61 3.68 36.29
CA LYS A 943 12.02 2.47 35.70
C LYS A 943 10.74 2.84 34.97
N LEU A 944 10.78 2.81 33.64
CA LEU A 944 9.63 3.16 32.83
C LEU A 944 8.90 1.90 32.37
N VAL A 945 7.65 1.74 32.80
CA VAL A 945 6.86 0.57 32.49
C VAL A 945 5.91 0.81 31.33
N ASN A 946 5.23 1.95 31.32
CA ASN A 946 4.28 2.29 30.26
C ASN A 946 4.63 3.65 29.70
N ILE A 947 4.61 3.76 28.38
CA ILE A 947 4.86 5.03 27.71
C ILE A 947 3.60 5.52 27.00
N LYS A 948 2.97 4.63 26.23
CA LYS A 948 1.83 5.03 25.42
C LYS A 948 0.65 5.51 26.25
N THR A 949 0.57 5.14 27.52
CA THR A 949 -0.54 5.55 28.36
C THR A 949 -0.49 7.04 28.71
N TYR A 950 0.61 7.71 28.38
CA TYR A 950 0.76 9.13 28.65
C TYR A 950 0.46 10.02 27.45
N GLU A 951 0.12 9.43 26.30
CA GLU A 951 -0.16 10.21 25.10
C GLU A 951 -1.52 10.87 25.21
N THR A 952 -1.59 12.16 24.89
CA THR A 952 -2.86 12.86 24.78
C THR A 952 -2.84 13.74 23.54
N ILE A 953 -4.01 13.86 22.90
CA ILE A 953 -4.15 14.70 21.72
C ILE A 953 -4.57 16.09 22.14
N ILE A 954 -3.82 17.09 21.69
CA ILE A 954 -4.00 18.46 22.14
C ILE A 954 -4.53 19.30 20.98
N ASP A 955 -5.53 20.11 21.25
CA ASP A 955 -6.11 21.03 20.30
C ASP A 955 -5.48 22.41 20.56
N ARG A 956 -5.86 23.40 19.75
CA ARG A 956 -5.33 24.74 19.94
C ARG A 956 -5.78 25.34 21.26
N SER A 957 -6.92 24.89 21.78
CA SER A 957 -7.47 25.40 23.03
C SER A 957 -6.97 24.63 24.25
N PHE A 958 -6.03 23.71 24.06
CA PHE A 958 -5.52 22.91 25.18
C PHE A 958 -4.62 23.77 26.06
N LYS A 959 -4.83 23.69 27.37
CA LYS A 959 -3.97 24.33 28.34
C LYS A 959 -3.54 23.28 29.38
N LEU A 960 -2.25 23.21 29.64
CA LEU A 960 -1.72 22.24 30.58
C LEU A 960 -2.25 22.54 31.98
N GLY A 961 -2.88 21.55 32.60
CA GLY A 961 -3.51 21.78 33.89
C GLY A 961 -2.52 21.92 35.01
N SER A 962 -2.98 22.55 36.10
CA SER A 962 -2.14 22.72 37.28
C SER A 962 -1.81 21.39 37.94
N ASN A 963 -2.56 20.34 37.66
CA ASN A 963 -2.27 19.01 38.18
C ASN A 963 -1.52 18.14 37.20
N GLN A 964 -0.95 18.72 36.14
CA GLN A 964 -0.21 17.98 35.13
C GLN A 964 1.22 18.53 35.00
N ARG A 965 2.10 17.68 34.49
CA ARG A 965 3.43 18.10 34.07
C ARG A 965 3.81 17.34 32.80
N ILE A 966 4.80 17.86 32.10
CA ILE A 966 5.36 17.18 30.95
C ILE A 966 6.12 15.95 31.41
N PHE A 967 5.91 14.83 30.72
CA PHE A 967 6.54 13.56 31.09
C PHE A 967 7.99 13.59 30.61
N TYR A 968 8.81 14.33 31.37
CA TYR A 968 10.18 14.60 30.92
C TYR A 968 11.00 13.33 30.74
N GLU A 969 10.64 12.26 31.44
CA GLU A 969 11.43 11.03 31.40
C GLU A 969 11.60 10.53 29.97
N VAL A 970 10.57 10.65 29.13
CA VAL A 970 10.67 10.14 27.77
C VAL A 970 11.38 11.14 26.86
N TYR A 971 11.17 12.43 27.09
CA TYR A 971 11.82 13.44 26.27
C TYR A 971 13.32 13.46 26.52
N PHE A 972 13.72 13.30 27.78
CA PHE A 972 15.14 13.41 28.11
C PHE A 972 15.91 12.18 27.66
N LYS A 973 15.32 10.98 27.83
CA LYS A 973 16.02 9.77 27.42
C LYS A 973 16.35 9.80 25.94
N ARG A 974 15.41 10.24 25.11
CA ARG A 974 15.65 10.25 23.68
C ARG A 974 16.78 11.20 23.31
N LEU A 975 16.81 12.38 23.93
CA LEU A 975 17.88 13.34 23.66
C LEU A 975 19.23 12.80 24.12
N THR A 976 19.27 12.18 25.30
CA THR A 976 20.54 11.69 25.83
C THR A 976 21.17 10.67 24.91
N SER A 977 20.38 9.72 24.39
CA SER A 977 20.95 8.71 23.50
C SER A 977 21.53 9.33 22.24
N GLU A 978 20.85 10.32 21.67
CA GLU A 978 21.37 10.94 20.46
C GLU A 978 22.70 11.61 20.69
N ILE A 979 22.86 12.28 21.85
CA ILE A 979 24.12 12.94 22.15
C ILE A 979 25.21 11.91 22.46
N VAL A 980 24.90 10.91 23.29
CA VAL A 980 25.93 9.95 23.70
C VAL A 980 26.42 9.13 22.49
N ASN A 981 25.53 8.86 21.54
CA ASN A 981 25.91 8.13 20.34
C ASN A 981 26.97 8.85 19.50
N LEU A 982 27.26 10.12 19.80
CA LEU A 982 28.32 10.84 19.12
C LEU A 982 29.67 10.76 19.81
N LEU A 983 29.73 10.14 20.99
CA LEU A 983 30.96 10.07 21.77
C LEU A 983 31.64 8.72 21.58
N ASP A 984 32.97 8.72 21.71
CA ASP A 984 33.78 7.53 21.52
C ASP A 984 34.10 6.81 22.82
N ASN A 985 33.53 7.27 23.94
CA ASN A 985 33.79 6.69 25.25
C ASN A 985 32.70 5.70 25.61
N LYS A 986 33.05 4.74 26.47
CA LYS A 986 32.07 3.78 26.98
C LYS A 986 31.89 3.85 28.48
N VAL A 987 32.98 3.94 29.25
CA VAL A 987 32.90 3.77 30.69
C VAL A 987 32.12 4.91 31.34
N LEU A 988 32.44 6.15 30.96
CA LEU A 988 31.74 7.29 31.55
C LEU A 988 30.33 7.43 30.99
N CYS A 989 30.15 7.09 29.70
CA CYS A 989 28.83 7.20 29.10
C CYS A 989 27.83 6.25 29.75
N ILE A 990 28.27 5.03 30.09
CA ILE A 990 27.39 4.09 30.79
C ILE A 990 27.02 4.62 32.16
N SER A 991 28.01 5.15 32.90
CA SER A 991 27.73 5.71 34.21
C SER A 991 26.70 6.81 34.13
N PHE A 992 26.76 7.64 33.08
CA PHE A 992 25.80 8.73 32.93
C PHE A 992 24.38 8.21 32.98
N PHE A 993 24.07 7.16 32.21
CA PHE A 993 22.73 6.59 32.20
C PHE A 993 22.40 5.95 33.55
N GLN A 994 23.37 5.26 34.16
CA GLN A 994 23.09 4.59 35.42
C GLN A 994 22.69 5.56 36.52
N ARG A 995 23.25 6.78 36.56
CA ARG A 995 22.83 7.73 37.57
C ARG A 995 21.63 8.55 37.14
N MET A 996 21.53 8.90 35.86
CA MET A 996 20.42 9.73 35.38
C MET A 996 19.15 8.95 35.07
N PHE A 997 19.25 7.83 34.32
CA PHE A 997 18.06 7.08 33.90
C PHE A 997 17.99 5.66 34.46
N GLY A 998 19.04 5.16 35.10
CA GLY A 998 18.98 3.82 35.66
C GLY A 998 19.03 2.70 34.64
N SER A 999 19.73 2.91 33.53
CA SER A 999 19.78 1.93 32.44
C SER A 999 21.19 1.91 31.88
N ARG A 1000 21.47 0.87 31.10
CA ARG A 1000 22.72 0.77 30.36
C ARG A 1000 22.49 1.05 28.89
N PRO A 1001 23.27 1.92 28.26
CA PRO A 1001 23.09 2.18 26.83
C PRO A 1001 23.67 1.07 25.96
N THR A 1002 23.34 1.08 24.68
CA THR A 1002 23.99 0.25 23.68
C THR A 1002 24.91 1.12 22.85
N PHE A 1003 26.16 0.70 22.72
CA PHE A 1003 27.18 1.45 21.99
C PHE A 1003 27.37 0.83 20.62
N TYR A 1004 27.01 1.57 19.58
CA TYR A 1004 27.02 1.05 18.22
C TYR A 1004 28.31 1.44 17.49
N MET B 1 -44.22 4.24 31.54
CA MET B 1 -44.89 5.15 30.63
C MET B 1 -45.29 6.44 31.34
N ASN B 2 -44.29 7.27 31.65
CA ASN B 2 -44.51 8.56 32.28
C ASN B 2 -44.59 9.65 31.21
N SER B 3 -44.80 10.88 31.68
CA SER B 3 -44.90 12.04 30.80
C SER B 3 -44.32 13.26 31.49
N VAL B 4 -43.94 14.25 30.69
CA VAL B 4 -43.49 15.54 31.18
C VAL B 4 -44.27 16.62 30.44
N THR B 5 -44.22 17.84 30.97
CA THR B 5 -44.81 18.99 30.30
C THR B 5 -43.73 19.87 29.70
N ILE B 6 -44.08 20.52 28.59
CA ILE B 6 -43.18 21.41 27.86
C ILE B 6 -43.90 22.71 27.57
N SER B 7 -43.13 23.70 27.11
CA SER B 7 -43.65 25.06 26.99
C SER B 7 -44.42 25.31 25.71
N HIS B 8 -44.35 24.40 24.74
CA HIS B 8 -44.95 24.61 23.43
C HIS B 8 -45.67 23.33 23.00
N ALA B 9 -46.43 23.43 21.92
CA ALA B 9 -47.18 22.27 21.43
C ALA B 9 -46.22 21.11 21.18
N PRO B 10 -46.63 19.86 21.46
CA PRO B 10 -47.96 19.43 21.91
C PRO B 10 -48.18 19.62 23.40
N TYR B 11 -47.28 20.32 24.09
CA TYR B 11 -47.34 20.67 25.51
C TYR B 11 -47.14 19.46 26.42
N THR B 12 -47.05 18.25 25.88
CA THR B 12 -46.80 17.07 26.70
C THR B 12 -46.04 16.04 25.86
N ILE B 13 -45.17 15.29 26.53
CA ILE B 13 -44.42 14.20 25.90
C ILE B 13 -44.65 12.95 26.72
N THR B 14 -45.04 11.86 26.07
CA THR B 14 -45.21 10.57 26.70
C THR B 14 -44.08 9.64 26.26
N TYR B 15 -43.44 8.98 27.22
CA TYR B 15 -42.24 8.19 26.93
C TYR B 15 -42.21 6.94 27.78
N HIS B 16 -41.49 5.94 27.30
CA HIS B 16 -41.19 4.74 28.09
C HIS B 16 -40.06 5.01 29.07
N ASP B 17 -40.10 4.32 30.20
CA ASP B 17 -39.13 4.55 31.26
C ASP B 17 -37.70 4.52 30.73
N ASP B 18 -37.46 3.71 29.70
CA ASP B 18 -36.10 3.54 29.20
C ASP B 18 -35.53 4.83 28.62
N TRP B 19 -36.38 5.83 28.37
CA TRP B 19 -35.96 7.11 27.81
C TRP B 19 -35.78 8.18 28.88
N GLU B 20 -36.00 7.83 30.15
CA GLU B 20 -35.87 8.79 31.25
C GLU B 20 -34.55 9.54 31.24
N PRO B 21 -33.41 8.91 30.93
CA PRO B 21 -32.12 9.61 31.10
C PRO B 21 -31.90 10.76 30.14
N VAL B 22 -32.71 10.89 29.09
CA VAL B 22 -32.57 11.98 28.13
C VAL B 22 -33.70 12.99 28.24
N MET B 23 -34.82 12.60 28.85
CA MET B 23 -35.98 13.49 28.99
C MET B 23 -35.60 14.77 29.71
N SER B 24 -34.66 14.69 30.65
CA SER B 24 -34.23 15.88 31.39
C SER B 24 -33.59 16.91 30.48
N GLN B 25 -33.07 16.48 29.33
CA GLN B 25 -32.48 17.43 28.41
C GLN B 25 -33.41 17.75 27.23
N LEU B 26 -34.29 16.82 26.87
CA LEU B 26 -35.16 17.05 25.71
C LEU B 26 -36.10 18.23 25.94
N VAL B 27 -36.58 18.39 27.17
CA VAL B 27 -37.50 19.49 27.49
C VAL B 27 -36.80 20.84 27.34
N GLU B 28 -35.57 20.95 27.84
CA GLU B 28 -34.83 22.20 27.72
C GLU B 28 -34.50 22.50 26.26
N PHE B 29 -34.00 21.50 25.54
CA PHE B 29 -33.60 21.71 24.15
C PHE B 29 -34.79 22.06 23.27
N TYR B 30 -35.92 21.39 23.46
CA TYR B 30 -37.08 21.68 22.63
C TYR B 30 -37.73 23.02 22.97
N ASN B 31 -37.76 23.41 24.24
CA ASN B 31 -38.41 24.66 24.59
C ASN B 31 -37.71 25.87 23.98
N GLU B 32 -36.40 25.79 23.78
CA GLU B 32 -35.63 26.90 23.25
C GLU B 32 -35.74 27.05 21.75
N VAL B 33 -36.22 26.04 21.04
CA VAL B 33 -36.28 26.09 19.58
C VAL B 33 -37.69 25.95 19.04
N ALA B 34 -38.63 25.37 19.79
CA ALA B 34 -39.96 25.12 19.25
C ALA B 34 -40.63 26.40 18.78
N SER B 35 -40.33 27.53 19.42
CA SER B 35 -41.00 28.78 19.09
C SER B 35 -40.82 29.13 17.62
N TRP B 36 -39.75 28.62 17.00
CA TRP B 36 -39.50 28.92 15.60
C TRP B 36 -40.17 27.90 14.67
N LEU B 37 -40.07 26.61 14.99
CA LEU B 37 -40.54 25.59 14.05
C LEU B 37 -42.05 25.55 13.97
N LEU B 38 -42.74 25.72 15.10
CA LEU B 38 -44.17 25.46 15.18
C LEU B 38 -45.02 26.58 14.63
N ARG B 39 -44.43 27.63 14.04
CA ARG B 39 -45.24 28.68 13.44
C ARG B 39 -45.93 28.21 12.17
N ASP B 40 -45.32 27.28 11.44
CA ASP B 40 -45.81 26.84 10.14
C ASP B 40 -46.32 25.39 10.23
N GLU B 41 -46.82 24.90 9.10
CA GLU B 41 -47.22 23.51 9.00
C GLU B 41 -45.97 22.65 8.85
N THR B 42 -45.95 21.52 9.56
CA THR B 42 -44.84 20.59 9.48
C THR B 42 -45.35 19.20 9.07
N SER B 43 -44.46 18.39 8.51
CA SER B 43 -44.73 16.98 8.23
C SER B 43 -43.61 16.17 8.85
N PRO B 44 -43.88 15.37 9.88
CA PRO B 44 -45.18 15.07 10.50
C PRO B 44 -45.79 16.23 11.27
N ILE B 45 -47.06 16.11 11.64
CA ILE B 45 -47.72 17.05 12.53
C ILE B 45 -46.90 17.11 13.82
N PRO B 46 -46.74 18.30 14.44
CA PRO B 46 -45.93 18.38 15.66
C PRO B 46 -46.37 17.44 16.77
N ASP B 47 -47.63 17.02 16.75
CA ASP B 47 -48.18 16.15 17.79
C ASP B 47 -47.54 14.77 17.80
N LYS B 48 -46.75 14.42 16.79
CA LYS B 48 -46.10 13.12 16.70
C LYS B 48 -44.58 13.21 16.75
N PHE B 49 -44.02 14.40 16.95
CA PHE B 49 -42.57 14.55 16.95
C PHE B 49 -41.91 13.60 17.93
N PHE B 50 -42.52 13.41 19.10
CA PHE B 50 -41.94 12.60 20.17
C PHE B 50 -42.64 11.26 20.33
N ILE B 51 -43.39 10.82 19.32
CA ILE B 51 -44.10 9.55 19.43
C ILE B 51 -43.15 8.36 19.52
N GLN B 52 -41.94 8.49 19.00
CA GLN B 52 -41.00 7.37 18.98
C GLN B 52 -40.42 7.07 20.35
N LEU B 53 -40.60 7.97 21.32
CA LEU B 53 -40.08 7.77 22.66
C LEU B 53 -40.95 6.81 23.48
N LYS B 54 -42.05 6.32 22.93
CA LYS B 54 -42.87 5.33 23.61
C LYS B 54 -42.29 3.93 23.52
N GLN B 55 -41.32 3.69 22.64
CA GLN B 55 -40.75 2.38 22.37
C GLN B 55 -39.79 1.96 23.48
N PRO B 56 -39.91 0.73 23.98
CA PRO B 56 -38.96 0.24 24.98
C PRO B 56 -37.60 -0.02 24.35
N LEU B 57 -36.57 0.06 25.20
CA LEU B 57 -35.20 -0.17 24.74
C LEU B 57 -34.55 -1.42 25.32
N ARG B 58 -34.89 -1.82 26.55
CA ARG B 58 -34.19 -2.92 27.19
C ARG B 58 -34.45 -4.26 26.52
N ASN B 59 -35.49 -4.38 25.69
CA ASN B 59 -35.80 -5.62 25.00
C ASN B 59 -35.48 -5.57 23.52
N LYS B 60 -34.63 -4.64 23.08
CA LYS B 60 -34.26 -4.50 21.69
C LYS B 60 -32.84 -5.00 21.48
N ARG B 61 -32.56 -5.41 20.24
CA ARG B 61 -31.21 -5.81 19.84
C ARG B 61 -30.65 -5.06 18.65
N VAL B 62 -31.49 -4.57 17.73
CA VAL B 62 -31.04 -3.88 16.53
C VAL B 62 -31.82 -2.60 16.38
N CYS B 63 -31.17 -1.54 15.90
CA CYS B 63 -31.83 -0.28 15.57
C CYS B 63 -31.53 0.06 14.12
N VAL B 64 -32.57 0.23 13.32
CA VAL B 64 -32.41 0.65 11.94
C VAL B 64 -32.70 2.14 11.84
N CYS B 65 -31.70 2.92 11.44
CA CYS B 65 -31.79 4.36 11.54
C CYS B 65 -31.88 4.98 10.15
N GLY B 66 -32.96 5.68 9.87
CA GLY B 66 -33.12 6.40 8.62
C GLY B 66 -32.73 7.86 8.77
N ILE B 67 -33.18 8.68 7.82
CA ILE B 67 -32.75 10.07 7.80
C ILE B 67 -33.84 10.96 8.41
N ASP B 68 -35.10 10.63 8.18
CA ASP B 68 -36.21 11.45 8.66
C ASP B 68 -37.45 10.58 8.77
N PRO B 69 -38.45 10.99 9.53
CA PRO B 69 -39.69 10.21 9.64
C PRO B 69 -40.62 10.38 8.46
N TYR B 70 -40.11 10.14 7.24
CA TYR B 70 -40.81 10.22 5.95
C TYR B 70 -41.99 11.20 6.00
N PRO B 71 -41.71 12.50 5.90
CA PRO B 71 -42.75 13.54 5.78
C PRO B 71 -43.94 13.27 4.88
N LYS B 72 -43.69 13.11 3.58
CA LYS B 72 -44.74 12.83 2.62
C LYS B 72 -45.42 11.50 2.95
N ASP B 73 -46.76 11.55 3.06
CA ASP B 73 -47.59 10.39 3.36
C ASP B 73 -47.04 9.64 4.59
N GLY B 74 -46.62 10.44 5.57
CA GLY B 74 -45.95 9.92 6.75
C GLY B 74 -46.96 9.57 7.83
N THR B 75 -46.50 8.78 8.81
CA THR B 75 -47.32 8.43 9.96
C THR B 75 -46.83 8.99 11.29
N GLY B 76 -45.65 9.62 11.32
CA GLY B 76 -45.02 10.06 12.56
C GLY B 76 -43.81 9.24 12.95
N VAL B 77 -43.67 8.04 12.38
CA VAL B 77 -42.52 7.18 12.67
C VAL B 77 -41.90 6.78 11.33
N PRO B 78 -40.62 6.42 11.30
CA PRO B 78 -40.00 5.99 10.03
C PRO B 78 -40.42 4.60 9.58
N PHE B 79 -40.30 4.38 8.26
CA PHE B 79 -40.46 3.06 7.63
C PHE B 79 -41.89 2.52 7.75
N GLU B 80 -42.87 3.40 7.53
CA GLU B 80 -44.27 3.02 7.51
C GLU B 80 -44.99 3.74 6.38
N SER B 81 -45.92 3.03 5.77
CA SER B 81 -46.81 3.57 4.75
C SER B 81 -48.18 2.94 4.96
N PRO B 82 -49.20 3.74 5.29
CA PRO B 82 -50.51 3.14 5.63
C PRO B 82 -51.09 2.27 4.54
N ASN B 83 -50.72 2.51 3.27
CA ASN B 83 -51.26 1.75 2.15
C ASN B 83 -50.21 0.92 1.44
N PHE B 84 -49.00 0.80 2.01
CA PHE B 84 -47.89 0.09 1.39
C PHE B 84 -47.67 0.57 -0.05
N THR B 85 -47.60 1.90 -0.18
CA THR B 85 -47.40 2.54 -1.48
C THR B 85 -46.06 3.27 -1.59
N LYS B 86 -45.34 3.47 -0.50
CA LYS B 86 -44.09 4.20 -0.55
C LYS B 86 -42.98 3.33 -1.15
N LYS B 87 -42.14 3.96 -1.96
CA LYS B 87 -41.05 3.23 -2.61
C LYS B 87 -40.13 2.58 -1.58
N SER B 88 -39.84 3.27 -0.48
CA SER B 88 -38.90 2.75 0.51
C SER B 88 -39.41 1.44 1.11
N ILE B 89 -40.67 1.42 1.56
CA ILE B 89 -41.18 0.25 2.25
C ILE B 89 -41.37 -0.92 1.29
N LYS B 90 -41.74 -0.63 0.05
CA LYS B 90 -41.93 -1.69 -0.93
C LYS B 90 -40.60 -2.37 -1.28
N GLU B 91 -39.55 -1.57 -1.43
CA GLU B 91 -38.25 -2.14 -1.79
C GLU B 91 -37.64 -2.92 -0.63
N ILE B 92 -37.90 -2.50 0.62
CA ILE B 92 -37.47 -3.32 1.75
C ILE B 92 -38.18 -4.67 1.73
N ALA B 93 -39.50 -4.68 1.53
CA ALA B 93 -40.23 -5.94 1.47
C ALA B 93 -39.76 -6.79 0.30
N SER B 94 -39.43 -6.16 -0.83
CA SER B 94 -39.04 -6.92 -2.01
C SER B 94 -37.76 -7.69 -1.76
N SER B 95 -36.75 -7.03 -1.19
CA SER B 95 -35.47 -7.70 -0.93
C SER B 95 -35.64 -8.85 0.06
N ILE B 96 -36.39 -8.61 1.14
CA ILE B 96 -36.54 -9.64 2.17
C ILE B 96 -37.36 -10.80 1.64
N SER B 97 -38.44 -10.51 0.90
CA SER B 97 -39.31 -11.56 0.39
C SER B 97 -38.57 -12.46 -0.59
N ARG B 98 -37.71 -11.87 -1.43
CA ARG B 98 -36.94 -12.70 -2.34
C ARG B 98 -35.98 -13.64 -1.61
N LEU B 99 -35.39 -13.19 -0.50
CA LEU B 99 -34.49 -14.05 0.26
C LEU B 99 -35.26 -15.10 1.07
N THR B 100 -36.40 -14.70 1.65
CA THR B 100 -37.14 -15.60 2.53
C THR B 100 -37.94 -16.61 1.74
N GLY B 101 -38.60 -16.18 0.67
CA GLY B 101 -39.54 -17.03 -0.04
C GLY B 101 -40.98 -16.61 0.10
N VAL B 102 -41.21 -15.36 0.51
CA VAL B 102 -42.57 -14.86 0.67
C VAL B 102 -43.09 -14.40 -0.68
N ILE B 103 -44.28 -14.89 -1.04
CA ILE B 103 -44.90 -14.59 -2.33
C ILE B 103 -46.15 -13.74 -2.16
N ASP B 104 -47.10 -14.19 -1.35
CA ASP B 104 -48.41 -13.55 -1.23
C ASP B 104 -48.46 -12.76 0.07
N TYR B 105 -48.43 -11.44 -0.05
CA TYR B 105 -48.50 -10.55 1.10
C TYR B 105 -49.16 -9.24 0.67
N LYS B 106 -49.72 -8.53 1.64
CA LYS B 106 -50.47 -7.32 1.37
C LYS B 106 -49.78 -6.05 1.84
N GLY B 107 -48.77 -6.15 2.71
CA GLY B 107 -48.08 -4.97 3.20
C GLY B 107 -46.84 -5.34 3.96
N TYR B 108 -46.19 -4.31 4.51
CA TYR B 108 -44.97 -4.48 5.27
C TYR B 108 -44.76 -3.24 6.15
N ASN B 109 -44.28 -3.47 7.36
CA ASN B 109 -44.00 -2.40 8.30
C ASN B 109 -42.97 -2.89 9.30
N LEU B 110 -41.83 -2.21 9.36
CA LEU B 110 -40.76 -2.57 10.28
C LEU B 110 -41.13 -2.35 11.74
N ASN B 111 -42.20 -1.60 12.02
CA ASN B 111 -42.64 -1.41 13.40
C ASN B 111 -43.27 -2.68 13.98
N ILE B 112 -43.61 -3.64 13.11
CA ILE B 112 -44.21 -4.88 13.58
C ILE B 112 -43.16 -5.81 14.16
N ILE B 113 -41.94 -5.79 13.59
CA ILE B 113 -40.96 -6.82 13.91
C ILE B 113 -40.48 -6.66 15.35
N ASP B 114 -40.39 -7.79 16.06
CA ASP B 114 -39.88 -7.82 17.41
C ASP B 114 -38.36 -7.81 17.40
N GLY B 115 -37.78 -7.09 18.35
CA GLY B 115 -36.34 -7.06 18.55
C GLY B 115 -35.65 -5.90 17.85
N VAL B 116 -36.35 -5.20 16.96
CA VAL B 116 -35.78 -4.06 16.24
C VAL B 116 -36.59 -2.83 16.59
N ILE B 117 -35.91 -1.69 16.73
CA ILE B 117 -36.57 -0.43 17.04
C ILE B 117 -36.30 0.55 15.90
N PRO B 118 -37.29 0.84 15.07
CA PRO B 118 -37.07 1.81 13.99
C PRO B 118 -36.73 3.18 14.55
N TRP B 119 -35.82 3.86 13.86
CA TRP B 119 -35.42 5.20 14.28
C TRP B 119 -34.98 6.01 13.08
N ASN B 120 -34.91 7.32 13.28
CA ASN B 120 -34.42 8.27 12.29
C ASN B 120 -33.63 9.36 13.00
N TYR B 121 -32.56 9.83 12.36
CA TYR B 121 -31.66 10.76 13.03
C TYR B 121 -32.38 12.10 13.22
N TYR B 122 -32.85 12.69 12.13
CA TYR B 122 -33.44 14.02 12.20
C TYR B 122 -34.92 13.89 12.53
N LEU B 123 -35.39 14.65 13.50
CA LEU B 123 -36.74 14.45 14.01
C LEU B 123 -37.80 15.05 13.13
N SER B 124 -37.46 15.91 12.18
CA SER B 124 -38.43 16.45 11.24
C SER B 124 -37.68 16.98 10.02
N CYS B 125 -38.44 17.25 8.96
CA CYS B 125 -37.92 17.86 7.75
C CYS B 125 -39.07 18.60 7.07
N LYS B 126 -38.75 19.23 5.94
CA LYS B 126 -39.76 19.86 5.11
C LYS B 126 -40.34 18.86 4.11
N LEU B 127 -41.52 19.18 3.58
CA LEU B 127 -42.24 18.27 2.71
C LEU B 127 -41.65 18.34 1.31
N GLY B 128 -41.18 17.21 0.80
CA GLY B 128 -40.53 17.13 -0.49
C GLY B 128 -39.01 17.09 -0.44
N GLU B 129 -38.41 17.31 0.72
CA GLU B 129 -36.96 17.34 0.85
C GLU B 129 -36.53 16.36 1.95
N THR B 130 -35.21 16.26 2.14
CA THR B 130 -34.64 15.53 3.25
C THR B 130 -33.47 16.30 3.83
N LYS B 131 -33.21 16.10 5.12
CA LYS B 131 -32.13 16.77 5.84
C LYS B 131 -32.27 18.29 5.80
N SER B 132 -33.50 18.78 5.74
CA SER B 132 -33.78 20.21 5.66
C SER B 132 -33.73 20.90 7.02
N HIS B 133 -33.79 20.14 8.10
CA HIS B 133 -33.77 20.71 9.44
C HIS B 133 -32.55 20.24 10.22
N ALA B 134 -31.49 19.86 9.51
CA ALA B 134 -30.30 19.35 10.20
C ALA B 134 -29.72 20.37 11.15
N ILE B 135 -29.73 21.65 10.77
CA ILE B 135 -29.28 22.70 11.69
C ILE B 135 -30.19 22.80 12.90
N TYR B 136 -31.45 22.37 12.76
CA TYR B 136 -32.42 22.60 13.83
C TYR B 136 -32.29 21.54 14.92
N TRP B 137 -32.10 20.28 14.52
CA TRP B 137 -32.16 19.18 15.48
C TRP B 137 -30.81 18.63 15.90
N ASP B 138 -29.76 18.79 15.07
CA ASP B 138 -28.50 18.09 15.28
C ASP B 138 -28.17 17.79 16.74
N LYS B 139 -28.22 18.81 17.60
CA LYS B 139 -27.82 18.64 18.99
C LYS B 139 -28.76 17.68 19.73
N ILE B 140 -30.06 17.75 19.44
CA ILE B 140 -31.01 16.81 20.03
C ILE B 140 -30.84 15.42 19.46
N SER B 141 -30.60 15.34 18.15
CA SER B 141 -30.42 14.06 17.49
C SER B 141 -29.22 13.31 18.03
N LYS B 142 -28.14 14.04 18.34
CA LYS B 142 -26.97 13.39 18.91
C LYS B 142 -27.30 12.78 20.26
N LEU B 143 -28.05 13.50 21.09
CA LEU B 143 -28.44 12.98 22.39
C LEU B 143 -29.22 11.69 22.26
N LEU B 144 -30.20 11.66 21.34
CA LEU B 144 -31.07 10.51 21.21
C LEU B 144 -30.36 9.38 20.47
N LEU B 145 -29.49 9.70 19.52
CA LEU B 145 -28.78 8.65 18.78
C LEU B 145 -27.85 7.86 19.68
N GLN B 146 -27.05 8.54 20.52
CA GLN B 146 -26.16 7.79 21.40
C GLN B 146 -26.93 7.03 22.47
N HIS B 147 -28.08 7.57 22.90
CA HIS B 147 -28.83 6.88 23.93
C HIS B 147 -29.43 5.58 23.40
N ILE B 148 -30.05 5.63 22.23
CA ILE B 148 -30.67 4.43 21.66
C ILE B 148 -29.61 3.40 21.28
N THR B 149 -28.44 3.85 20.83
CA THR B 149 -27.38 2.93 20.46
C THR B 149 -26.92 2.09 21.66
N LYS B 150 -26.80 2.70 22.84
CA LYS B 150 -26.35 1.98 24.02
C LYS B 150 -27.23 0.80 24.39
N HIS B 151 -28.44 0.70 23.84
CA HIS B 151 -29.36 -0.38 24.18
C HIS B 151 -29.44 -1.47 23.13
N VAL B 152 -28.71 -1.36 22.02
CA VAL B 152 -28.76 -2.34 20.96
C VAL B 152 -27.33 -2.83 20.68
N SER B 153 -27.25 -3.99 20.03
CA SER B 153 -25.97 -4.58 19.67
C SER B 153 -25.49 -4.17 18.28
N VAL B 154 -26.39 -4.05 17.31
CA VAL B 154 -26.04 -3.73 15.94
C VAL B 154 -26.84 -2.50 15.52
N LEU B 155 -26.14 -1.51 14.98
CA LEU B 155 -26.76 -0.27 14.51
C LEU B 155 -26.69 -0.24 12.99
N TYR B 156 -27.85 -0.22 12.35
CA TYR B 156 -27.95 -0.25 10.89
C TYR B 156 -28.45 1.10 10.42
N CYS B 157 -27.56 1.87 9.80
CA CYS B 157 -27.89 3.22 9.34
C CYS B 157 -27.95 3.24 7.82
N LEU B 158 -28.81 4.11 7.30
CA LEU B 158 -28.99 4.28 5.86
C LEU B 158 -28.31 5.58 5.44
N GLY B 159 -27.45 5.50 4.43
CA GLY B 159 -26.79 6.67 3.88
C GLY B 159 -25.28 6.59 3.93
N LYS B 160 -24.67 6.27 2.80
CA LYS B 160 -23.22 6.05 2.79
C LYS B 160 -22.47 7.31 3.20
N THR B 161 -22.98 8.47 2.83
CA THR B 161 -22.35 9.74 3.21
C THR B 161 -23.00 10.39 4.41
N ASP B 162 -24.21 9.98 4.79
CA ASP B 162 -24.93 10.67 5.86
C ASP B 162 -24.40 10.25 7.23
N PHE B 163 -24.04 8.97 7.38
CA PHE B 163 -23.57 8.44 8.64
C PHE B 163 -22.14 7.95 8.44
N SER B 164 -21.34 8.78 7.79
CA SER B 164 -19.94 8.46 7.51
C SER B 164 -19.07 8.60 8.76
N ASN B 165 -19.37 9.58 9.60
CA ASN B 165 -18.62 9.82 10.83
C ASN B 165 -19.45 9.50 12.07
N ILE B 166 -20.41 8.58 11.93
CA ILE B 166 -21.28 8.22 13.06
C ILE B 166 -20.46 7.66 14.21
N ARG B 167 -19.32 7.03 13.90
CA ARG B 167 -18.48 6.48 14.95
C ARG B 167 -18.00 7.54 15.92
N ALA B 168 -17.84 8.78 15.45
CA ALA B 168 -17.46 9.86 16.35
C ALA B 168 -18.66 10.40 17.13
N LYS B 169 -19.85 10.33 16.54
CA LYS B 169 -21.05 10.82 17.21
C LYS B 169 -21.43 9.92 18.39
N LEU B 170 -21.23 8.62 18.24
CA LEU B 170 -21.64 7.66 19.26
C LEU B 170 -20.65 7.65 20.40
N GLU B 171 -21.15 7.41 21.61
CA GLU B 171 -20.29 7.27 22.79
C GLU B 171 -19.80 5.83 22.97
N SER B 172 -20.73 4.89 23.10
CA SER B 172 -20.36 3.49 23.23
C SER B 172 -20.17 2.84 21.86
N PRO B 173 -19.22 1.90 21.75
CA PRO B 173 -19.07 1.18 20.48
C PRO B 173 -20.27 0.30 20.19
N VAL B 174 -20.64 0.21 18.92
CA VAL B 174 -21.72 -0.65 18.48
C VAL B 174 -21.33 -1.22 17.11
N THR B 175 -21.76 -2.45 16.85
CA THR B 175 -21.54 -3.04 15.53
C THR B 175 -22.28 -2.26 14.47
N THR B 176 -21.55 -1.47 13.68
CA THR B 176 -22.14 -0.43 12.85
C THR B 176 -22.09 -0.84 11.39
N ILE B 177 -23.25 -0.80 10.73
CA ILE B 177 -23.36 -1.03 9.30
C ILE B 177 -24.06 0.18 8.69
N VAL B 178 -23.48 0.72 7.64
CA VAL B 178 -24.08 1.81 6.89
C VAL B 178 -24.34 1.34 5.47
N GLY B 179 -25.61 1.35 5.08
CA GLY B 179 -25.99 0.82 3.78
C GLY B 179 -26.65 1.87 2.90
N TYR B 180 -27.24 1.43 1.80
CA TYR B 180 -27.91 2.34 0.87
C TYR B 180 -29.36 2.51 1.31
N HIS B 181 -29.86 3.73 1.20
CA HIS B 181 -31.29 3.96 1.42
C HIS B 181 -32.08 3.22 0.35
N PRO B 182 -33.19 2.57 0.71
CA PRO B 182 -33.92 1.79 -0.29
C PRO B 182 -34.75 2.66 -1.22
N ALA B 183 -34.17 3.78 -1.65
CA ALA B 183 -34.77 4.60 -2.71
C ALA B 183 -33.72 5.35 -3.52
N ALA B 184 -32.44 5.01 -3.41
CA ALA B 184 -31.38 5.75 -4.06
C ALA B 184 -31.40 5.55 -5.56
N ARG B 185 -30.82 6.51 -6.27
CA ARG B 185 -30.66 6.42 -7.72
C ARG B 185 -29.63 5.35 -8.07
N ASP B 186 -29.67 4.92 -9.33
CA ASP B 186 -28.78 3.93 -9.93
C ASP B 186 -28.96 2.54 -9.33
N HIS B 187 -30.06 2.29 -8.63
CA HIS B 187 -30.42 0.95 -8.16
C HIS B 187 -29.35 0.38 -7.22
N GLN B 188 -28.65 1.27 -6.51
CA GLN B 188 -27.58 0.84 -5.61
C GLN B 188 -28.09 0.17 -4.35
N PHE B 189 -29.36 0.41 -3.97
CA PHE B 189 -29.90 -0.30 -2.81
C PHE B 189 -30.26 -1.74 -3.14
N GLU B 190 -30.42 -2.07 -4.42
CA GLU B 190 -30.88 -3.40 -4.77
C GLU B 190 -29.85 -4.48 -4.44
N LYS B 191 -28.57 -4.11 -4.40
CA LYS B 191 -27.49 -5.02 -4.04
C LYS B 191 -27.21 -5.02 -2.54
N ASP B 192 -27.94 -4.24 -1.76
CA ASP B 192 -27.69 -4.15 -0.33
C ASP B 192 -28.29 -5.34 0.40
N ARG B 193 -27.48 -5.97 1.24
CA ARG B 193 -27.85 -7.20 1.95
C ARG B 193 -27.53 -7.07 3.42
N SER B 194 -27.64 -5.85 3.95
CA SER B 194 -27.30 -5.60 5.36
C SER B 194 -28.19 -6.40 6.30
N PHE B 195 -29.47 -6.57 5.94
CA PHE B 195 -30.40 -7.23 6.85
C PHE B 195 -29.94 -8.64 7.21
N GLU B 196 -29.45 -9.39 6.22
CA GLU B 196 -28.96 -10.73 6.48
C GLU B 196 -27.67 -10.71 7.28
N ILE B 197 -26.78 -9.76 6.99
CA ILE B 197 -25.53 -9.64 7.73
C ILE B 197 -25.81 -9.40 9.20
N ILE B 198 -26.83 -8.59 9.51
CA ILE B 198 -27.13 -8.28 10.90
C ILE B 198 -27.42 -9.56 11.68
N ASN B 199 -28.28 -10.41 11.15
CA ASN B 199 -28.66 -11.62 11.87
C ASN B 199 -27.48 -12.58 12.00
N VAL B 200 -26.64 -12.67 10.97
CA VAL B 200 -25.48 -13.56 11.06
C VAL B 200 -24.53 -13.10 12.15
N LEU B 201 -24.25 -11.80 12.25
CA LEU B 201 -23.35 -11.32 13.29
C LEU B 201 -23.96 -11.49 14.68
N LEU B 202 -25.28 -11.32 14.80
CA LEU B 202 -25.92 -11.56 16.09
C LEU B 202 -25.78 -13.01 16.51
N GLU B 203 -25.97 -13.95 15.59
CA GLU B 203 -25.84 -15.37 15.94
C GLU B 203 -24.42 -15.70 16.38
N LEU B 204 -23.43 -15.16 15.67
CA LEU B 204 -22.03 -15.47 15.98
C LEU B 204 -21.67 -14.99 17.38
N ASP B 205 -22.24 -13.86 17.81
CA ASP B 205 -21.93 -13.29 19.11
C ASP B 205 -22.99 -13.63 20.15
N ASN B 206 -23.75 -14.71 19.91
CA ASN B 206 -24.77 -15.30 20.80
C ASN B 206 -25.85 -14.31 21.21
N LYS B 207 -26.40 -13.58 20.25
CA LYS B 207 -27.49 -12.65 20.49
C LYS B 207 -28.72 -13.09 19.70
N THR B 208 -29.89 -12.73 20.20
CA THR B 208 -31.13 -13.06 19.52
C THR B 208 -31.20 -12.35 18.17
N PRO B 209 -31.48 -13.07 17.08
CA PRO B 209 -31.59 -12.41 15.78
C PRO B 209 -32.90 -11.65 15.59
N ILE B 210 -33.00 -10.89 14.51
CA ILE B 210 -34.22 -10.20 14.14
C ILE B 210 -34.98 -11.02 13.11
N ASN B 211 -36.26 -11.24 13.35
CA ASN B 211 -37.15 -11.95 12.42
C ASN B 211 -37.69 -10.97 11.38
N TRP B 212 -36.85 -10.68 10.38
CA TRP B 212 -37.17 -9.64 9.41
C TRP B 212 -38.43 -9.94 8.60
N ALA B 213 -38.76 -11.21 8.39
CA ALA B 213 -40.00 -11.54 7.70
C ALA B 213 -41.23 -11.33 8.57
N GLN B 214 -41.05 -11.08 9.87
CA GLN B 214 -42.19 -10.83 10.76
C GLN B 214 -42.96 -9.59 10.35
N GLY B 215 -42.33 -8.67 9.63
CA GLY B 215 -42.94 -7.39 9.32
C GLY B 215 -43.91 -7.41 8.18
N PHE B 216 -44.15 -8.57 7.56
CA PHE B 216 -45.08 -8.65 6.46
C PHE B 216 -46.51 -8.74 6.96
N ILE B 217 -47.43 -8.10 6.24
CA ILE B 217 -48.84 -8.09 6.57
C ILE B 217 -49.56 -9.02 5.59
N TYR B 218 -50.32 -9.97 6.14
CA TYR B 218 -50.98 -10.97 5.32
C TYR B 218 -52.50 -10.86 5.44
N SER C 3 -26.81 -7.83 -5.82
CA SER C 3 -27.64 -8.72 -6.63
C SER C 3 -27.24 -10.17 -6.42
N SER C 4 -27.49 -11.00 -7.44
CA SER C 4 -27.12 -12.41 -7.37
C SER C 4 -25.62 -12.58 -7.30
N ALA C 5 -24.87 -11.61 -7.83
CA ALA C 5 -23.42 -11.69 -7.77
C ALA C 5 -22.93 -11.62 -6.33
N ASP C 6 -23.55 -10.76 -5.52
CA ASP C 6 -23.12 -10.62 -4.13
C ASP C 6 -23.57 -11.81 -3.29
N LEU C 7 -24.78 -12.31 -3.54
CA LEU C 7 -25.25 -13.48 -2.81
C LEU C 7 -24.40 -14.70 -3.13
N THR C 8 -23.94 -14.83 -4.38
CA THR C 8 -23.05 -15.93 -4.74
C THR C 8 -21.76 -15.87 -3.93
N ASN C 9 -21.15 -14.69 -3.85
CA ASN C 9 -19.90 -14.56 -3.09
C ASN C 9 -20.11 -14.88 -1.62
N LEU C 10 -21.23 -14.43 -1.05
CA LEU C 10 -21.49 -14.68 0.36
C LEU C 10 -21.81 -16.14 0.62
N LYS C 11 -22.59 -16.76 -0.27
CA LYS C 11 -22.98 -18.15 -0.05
C LYS C 11 -21.79 -19.10 -0.26
N GLU C 12 -20.94 -18.79 -1.23
CA GLU C 12 -19.73 -19.59 -1.43
C GLU C 12 -18.80 -19.47 -0.24
N LEU C 13 -18.72 -18.29 0.37
CA LEU C 13 -17.88 -18.11 1.56
C LEU C 13 -18.40 -18.96 2.71
N LEU C 14 -19.72 -18.97 2.92
CA LEU C 14 -20.29 -19.79 3.98
C LEU C 14 -20.09 -21.28 3.69
N SER C 15 -20.24 -21.68 2.43
CA SER C 15 -20.08 -23.08 2.07
C SER C 15 -18.67 -23.56 2.35
N LEU C 16 -17.66 -22.79 1.93
CA LEU C 16 -16.28 -23.17 2.19
C LEU C 16 -15.96 -23.09 3.68
N TYR C 17 -16.45 -22.07 4.37
CA TYR C 17 -16.15 -21.91 5.79
C TYR C 17 -16.56 -23.16 6.57
N LYS C 18 -17.76 -23.70 6.31
CA LYS C 18 -18.22 -24.83 7.09
C LYS C 18 -17.32 -26.05 6.95
N SER C 19 -16.60 -26.18 5.84
CA SER C 19 -15.73 -27.33 5.57
C SER C 19 -14.44 -26.83 4.93
N LEU C 20 -13.51 -26.37 5.76
CA LEU C 20 -12.19 -25.97 5.30
C LEU C 20 -11.14 -27.06 5.41
N ARG C 21 -11.50 -28.24 5.91
CA ARG C 21 -10.55 -29.32 6.12
C ARG C 21 -10.42 -30.24 4.91
N PHE C 22 -11.17 -29.97 3.84
CA PHE C 22 -11.09 -30.71 2.59
C PHE C 22 -10.81 -29.75 1.44
N SER C 23 -10.09 -28.67 1.72
CA SER C 23 -9.81 -27.64 0.74
C SER C 23 -8.34 -27.69 0.33
N ASP C 24 -8.09 -27.63 -0.96
CA ASP C 24 -6.75 -27.52 -1.50
C ASP C 24 -6.36 -26.05 -1.67
N SER C 25 -5.20 -25.82 -2.28
CA SER C 25 -4.67 -24.45 -2.38
C SER C 25 -5.61 -23.54 -3.16
N VAL C 26 -6.31 -24.10 -4.16
CA VAL C 26 -7.21 -23.29 -4.97
C VAL C 26 -8.47 -22.93 -4.19
N ALA C 27 -9.07 -23.91 -3.52
CA ALA C 27 -10.25 -23.63 -2.71
C ALA C 27 -9.91 -22.67 -1.57
N ILE C 28 -8.73 -22.81 -0.98
CA ILE C 28 -8.31 -21.91 0.10
C ILE C 28 -8.11 -20.49 -0.44
N GLU C 29 -7.50 -20.36 -1.61
CA GLU C 29 -7.34 -19.02 -2.20
C GLU C 29 -8.70 -18.40 -2.50
N LYS C 30 -9.66 -19.19 -2.99
CA LYS C 30 -11.01 -18.68 -3.22
C LYS C 30 -11.64 -18.23 -1.91
N TYR C 31 -11.52 -19.04 -0.86
CA TYR C 31 -12.03 -18.65 0.45
C TYR C 31 -11.43 -17.33 0.89
N ASN C 32 -10.09 -17.23 0.90
CA ASN C 32 -9.44 -16.03 1.42
C ASN C 32 -9.75 -14.81 0.58
N SER C 33 -9.91 -14.99 -0.74
CA SER C 33 -10.33 -13.88 -1.59
C SER C 33 -11.73 -13.40 -1.23
N LEU C 34 -12.65 -14.33 -0.97
CA LEU C 34 -14.00 -13.95 -0.58
C LEU C 34 -13.99 -13.26 0.78
N VAL C 35 -13.09 -13.68 1.68
CA VAL C 35 -12.96 -13.02 2.97
C VAL C 35 -12.52 -11.57 2.80
N GLU C 36 -11.49 -11.35 1.99
CA GLU C 36 -11.04 -9.99 1.73
C GLU C 36 -12.11 -9.17 1.02
N TRP C 37 -12.82 -9.79 0.07
CA TRP C 37 -13.92 -9.08 -0.59
C TRP C 37 -14.96 -8.64 0.43
N GLY C 38 -15.40 -9.54 1.31
CA GLY C 38 -16.42 -9.20 2.28
C GLY C 38 -15.97 -8.10 3.23
N THR C 39 -14.73 -8.18 3.70
CA THR C 39 -14.24 -7.20 4.66
C THR C 39 -14.18 -5.82 4.05
N SER C 40 -13.61 -5.71 2.85
CA SER C 40 -13.49 -4.40 2.22
C SER C 40 -14.84 -3.85 1.78
N THR C 41 -15.76 -4.73 1.38
CA THR C 41 -17.08 -4.25 0.95
C THR C 41 -17.95 -3.80 2.12
N TYR C 42 -17.95 -4.53 3.24
CA TYR C 42 -18.87 -4.25 4.34
C TYR C 42 -18.17 -3.72 5.59
N TRP C 43 -16.85 -3.58 5.56
CA TRP C 43 -16.05 -3.04 6.66
C TRP C 43 -15.94 -3.99 7.85
N LYS C 44 -16.77 -5.04 7.86
CA LYS C 44 -16.74 -6.05 8.90
C LYS C 44 -17.20 -7.38 8.31
N ILE C 45 -16.53 -8.45 8.69
CA ILE C 45 -16.81 -9.79 8.17
C ILE C 45 -16.91 -10.76 9.33
N GLY C 46 -17.78 -11.77 9.18
CA GLY C 46 -17.92 -12.78 10.22
C GLY C 46 -16.74 -13.72 10.34
N VAL C 47 -16.10 -14.04 9.21
CA VAL C 47 -15.06 -15.05 9.18
C VAL C 47 -13.77 -14.41 8.68
N GLN C 48 -12.64 -15.08 8.96
CA GLN C 48 -11.33 -14.54 8.61
C GLN C 48 -10.59 -15.54 7.74
N LYS C 49 -9.39 -15.14 7.30
CA LYS C 49 -8.60 -15.95 6.38
C LYS C 49 -8.00 -17.15 7.10
N VAL C 50 -7.70 -18.19 6.33
CA VAL C 50 -7.11 -19.41 6.86
C VAL C 50 -5.78 -19.69 6.17
N THR C 51 -4.76 -19.96 6.97
CA THR C 51 -3.41 -20.22 6.50
C THR C 51 -2.85 -21.45 7.22
N ASN C 52 -3.74 -22.35 7.62
CA ASN C 52 -3.38 -23.55 8.37
C ASN C 52 -4.39 -24.64 8.01
N VAL C 53 -4.45 -25.68 8.85
CA VAL C 53 -5.21 -26.91 8.67
C VAL C 53 -4.58 -27.84 7.63
N GLU C 54 -3.70 -28.71 8.10
CA GLU C 54 -3.10 -29.74 7.27
C GLU C 54 -4.01 -30.96 7.22
N THR C 55 -3.87 -31.74 6.14
CA THR C 55 -4.60 -32.99 6.00
C THR C 55 -4.22 -33.96 7.13
N SER C 56 -5.24 -34.58 7.73
CA SER C 56 -5.02 -35.54 8.80
C SER C 56 -6.11 -36.58 8.75
N ILE C 57 -5.78 -37.79 9.19
CA ILE C 57 -6.73 -38.90 9.24
C ILE C 57 -6.85 -39.41 10.67
N SER C 58 -6.29 -38.65 11.63
CA SER C 58 -6.25 -39.13 13.01
C SER C 58 -7.65 -39.28 13.61
N ASP C 59 -8.65 -38.58 13.05
CA ASP C 59 -9.99 -38.64 13.62
C ASP C 59 -10.60 -40.03 13.54
N TYR C 60 -10.01 -40.91 12.74
CA TYR C 60 -10.60 -42.21 12.43
C TYR C 60 -9.94 -43.36 13.19
N TYR C 61 -8.98 -43.07 14.07
CA TYR C 61 -8.20 -44.10 14.72
C TYR C 61 -8.03 -43.78 16.20
N ASP C 62 -7.48 -44.73 16.98
CA ASP C 62 -7.31 -44.55 18.41
C ASP C 62 -6.08 -45.32 18.86
N GLU C 63 -5.81 -45.25 20.17
CA GLU C 63 -4.70 -45.99 20.75
C GLU C 63 -4.92 -47.49 20.58
N VAL C 64 -3.85 -48.19 20.20
CA VAL C 64 -3.94 -49.62 19.98
C VAL C 64 -4.18 -50.36 21.30
N LYS C 65 -5.12 -51.28 21.28
CA LYS C 65 -5.49 -52.08 22.45
C LYS C 65 -4.63 -53.33 22.49
N ASN C 66 -3.87 -53.50 23.56
CA ASN C 66 -2.98 -54.65 23.74
C ASN C 66 -3.33 -55.44 25.00
N LYS C 67 -4.59 -55.33 25.46
CA LYS C 67 -5.05 -56.03 26.65
C LYS C 67 -6.37 -56.70 26.32
N PRO C 68 -6.68 -57.83 26.95
CA PRO C 68 -7.96 -58.51 26.67
C PRO C 68 -9.14 -57.59 26.93
N PHE C 69 -10.17 -57.70 26.09
CA PHE C 69 -11.38 -56.92 26.29
C PHE C 69 -12.60 -57.62 25.72
N ASN C 70 -13.79 -57.21 26.13
CA ASN C 70 -15.03 -57.86 25.73
C ASN C 70 -15.61 -57.16 24.50
N ILE C 71 -16.18 -57.95 23.60
CA ILE C 71 -16.87 -57.44 22.42
C ILE C 71 -18.32 -57.90 22.51
N ASP C 72 -19.23 -56.96 22.68
CA ASP C 72 -20.68 -57.19 22.73
C ASP C 72 -21.35 -57.12 21.35
N PRO C 73 -20.96 -56.16 20.44
CA PRO C 73 -21.60 -56.09 19.12
C PRO C 73 -21.33 -57.26 18.19
N GLY C 74 -22.12 -57.35 17.11
CA GLY C 74 -22.09 -58.47 16.20
C GLY C 74 -21.19 -58.30 15.01
N TYR C 75 -21.65 -57.54 14.01
CA TYR C 75 -20.99 -57.52 12.70
C TYR C 75 -19.73 -56.65 12.72
N TYR C 76 -18.63 -57.23 12.28
CA TYR C 76 -17.36 -56.52 12.09
C TYR C 76 -16.76 -56.91 10.75
N ILE C 77 -15.93 -56.04 10.21
CA ILE C 77 -15.03 -56.35 9.10
C ILE C 77 -13.61 -56.17 9.62
N PHE C 78 -12.74 -57.12 9.31
CA PHE C 78 -11.36 -57.14 9.76
C PHE C 78 -10.46 -56.99 8.54
N LEU C 79 -9.52 -56.07 8.61
CA LEU C 79 -8.50 -55.91 7.59
C LEU C 79 -7.13 -55.90 8.23
N PRO C 80 -6.11 -56.38 7.53
CA PRO C 80 -4.75 -56.36 8.11
C PRO C 80 -4.10 -54.99 8.05
N VAL C 81 -3.13 -54.74 8.93
CA VAL C 81 -2.20 -53.63 8.79
C VAL C 81 -0.80 -54.19 8.67
N TYR C 82 -0.18 -53.95 7.50
CA TYR C 82 1.04 -54.58 7.08
C TYR C 82 2.26 -53.89 7.67
N PHE C 83 3.37 -54.62 7.73
CA PHE C 83 4.64 -53.98 8.01
C PHE C 83 4.98 -53.06 6.85
N GLY C 84 5.40 -51.83 7.16
CA GLY C 84 5.83 -50.90 6.16
C GLY C 84 5.34 -49.49 6.45
N SER C 85 5.79 -48.56 5.61
CA SER C 85 5.43 -47.17 5.79
C SER C 85 4.02 -46.90 5.28
N VAL C 86 3.30 -45.99 5.95
CA VAL C 86 1.91 -45.72 5.65
C VAL C 86 1.84 -44.44 4.83
N PHE C 87 1.06 -44.47 3.76
CA PHE C 87 0.85 -43.32 2.89
C PHE C 87 -0.64 -43.04 2.78
N ILE C 88 -0.99 -41.79 2.53
CA ILE C 88 -2.38 -41.41 2.26
C ILE C 88 -2.46 -40.71 0.90
N TYR C 89 -3.45 -41.11 0.11
CA TYR C 89 -3.68 -40.56 -1.23
C TYR C 89 -5.02 -39.86 -1.26
N SER C 90 -5.05 -38.67 -1.87
CA SER C 90 -6.26 -37.90 -2.05
C SER C 90 -6.65 -37.81 -3.52
N LYS C 91 -7.95 -37.70 -3.76
CA LYS C 91 -8.51 -37.77 -5.11
C LYS C 91 -7.97 -36.66 -6.00
N GLY C 92 -7.41 -37.02 -7.15
CA GLY C 92 -6.89 -36.03 -8.08
C GLY C 92 -5.60 -35.40 -7.64
N LYS C 93 -4.97 -35.92 -6.59
CA LYS C 93 -3.75 -35.34 -6.05
C LYS C 93 -2.61 -36.36 -6.05
N ASN C 94 -1.46 -35.98 -5.51
CA ASN C 94 -0.36 -36.90 -5.31
C ASN C 94 -0.50 -37.61 -3.97
N MET C 95 0.43 -38.51 -3.67
CA MET C 95 0.42 -39.30 -2.45
C MET C 95 1.38 -38.69 -1.42
N VAL C 96 0.96 -38.70 -0.15
CA VAL C 96 1.76 -38.12 0.92
C VAL C 96 2.06 -39.20 1.95
N GLU C 97 3.27 -39.19 2.49
CA GLU C 97 3.71 -40.14 3.50
C GLU C 97 3.19 -39.72 4.86
N LEU C 98 2.49 -40.63 5.54
CA LEU C 98 1.81 -40.29 6.77
C LEU C 98 2.82 -40.03 7.89
N GLY C 99 2.63 -38.91 8.60
CA GLY C 99 3.42 -38.55 9.76
C GLY C 99 4.38 -37.42 9.51
N SER C 100 4.68 -37.13 8.25
CA SER C 100 5.59 -36.04 7.89
C SER C 100 5.27 -35.65 6.45
N GLY C 101 4.94 -34.37 6.23
CA GLY C 101 4.69 -33.89 4.89
C GLY C 101 5.96 -33.73 4.07
N ASN C 102 6.13 -34.57 3.04
CA ASN C 102 7.35 -34.59 2.26
C ASN C 102 6.98 -34.88 0.81
N SER C 103 8.01 -35.14 0.00
CA SER C 103 7.84 -35.48 -1.42
C SER C 103 8.48 -36.84 -1.65
N PHE C 104 7.66 -37.86 -1.84
CA PHE C 104 8.14 -39.23 -1.99
C PHE C 104 7.86 -39.73 -3.39
N GLN C 105 8.81 -40.49 -3.94
CA GLN C 105 8.68 -40.97 -5.31
C GLN C 105 7.48 -41.91 -5.43
N ILE C 106 6.58 -41.58 -6.35
CA ILE C 106 5.38 -42.37 -6.56
C ILE C 106 5.27 -42.74 -8.03
N PRO C 107 4.96 -43.99 -8.37
CA PRO C 107 4.81 -44.36 -9.78
C PRO C 107 3.49 -43.87 -10.36
N ASP C 108 3.41 -43.92 -11.70
CA ASP C 108 2.21 -43.47 -12.39
C ASP C 108 1.09 -44.49 -12.29
N GLU C 109 1.43 -45.79 -12.21
CA GLU C 109 0.41 -46.84 -12.19
C GLU C 109 -0.51 -46.70 -10.99
N ILE C 110 0.05 -46.34 -9.83
CA ILE C 110 -0.73 -46.28 -8.61
C ILE C 110 -1.61 -45.04 -8.59
N ARG C 111 -1.11 -43.92 -9.10
CA ARG C 111 -1.90 -42.70 -9.15
C ARG C 111 -3.11 -42.87 -10.07
N SER C 112 -2.91 -43.55 -11.20
CA SER C 112 -4.01 -43.81 -12.11
C SER C 112 -5.05 -44.74 -11.47
N ALA C 113 -4.59 -45.85 -10.89
CA ALA C 113 -5.53 -46.80 -10.28
C ALA C 113 -6.30 -46.14 -9.14
N CYS C 114 -5.65 -45.25 -8.40
CA CYS C 114 -6.32 -44.58 -7.30
C CYS C 114 -7.49 -43.74 -7.79
N ASN C 115 -7.27 -42.96 -8.85
CA ASN C 115 -8.35 -42.14 -9.39
C ASN C 115 -9.45 -43.01 -9.98
N LYS C 116 -9.08 -44.16 -10.57
CA LYS C 116 -10.08 -44.99 -11.21
C LYS C 116 -11.09 -45.53 -10.20
N VAL C 117 -10.63 -45.92 -9.00
CA VAL C 117 -11.59 -46.36 -7.98
C VAL C 117 -12.27 -45.17 -7.32
N LEU C 118 -11.57 -44.04 -7.18
CA LEU C 118 -12.18 -42.87 -6.56
C LEU C 118 -13.18 -42.15 -7.48
N ASP C 119 -13.19 -42.46 -8.77
CA ASP C 119 -14.25 -41.93 -9.62
C ASP C 119 -15.55 -42.71 -9.47
N SER C 120 -15.52 -43.84 -8.75
CA SER C 120 -16.72 -44.65 -8.60
C SER C 120 -17.78 -43.90 -7.78
N ASP C 121 -17.36 -43.22 -6.71
CA ASP C 121 -18.27 -42.49 -5.86
C ASP C 121 -17.51 -41.35 -5.18
N ASN C 122 -18.26 -40.37 -4.70
CA ASN C 122 -17.68 -39.19 -4.06
C ASN C 122 -17.71 -39.28 -2.53
N GLY C 123 -17.95 -40.45 -1.99
CA GLY C 123 -18.02 -40.67 -0.55
C GLY C 123 -16.73 -41.09 0.10
N ILE C 124 -15.65 -41.20 -0.65
CA ILE C 124 -14.37 -41.70 -0.14
C ILE C 124 -13.47 -40.52 0.23
N ASP C 125 -12.97 -40.52 1.46
CA ASP C 125 -12.20 -39.40 1.98
C ASP C 125 -10.73 -39.50 1.61
N PHE C 126 -10.15 -40.70 1.69
CA PHE C 126 -8.76 -40.93 1.33
C PHE C 126 -8.55 -42.42 1.12
N LEU C 127 -7.42 -42.75 0.50
CA LEU C 127 -7.01 -44.14 0.36
C LEU C 127 -5.75 -44.38 1.17
N ARG C 128 -5.74 -45.44 1.97
CA ARG C 128 -4.57 -45.79 2.77
C ARG C 128 -3.78 -46.89 2.08
N PHE C 129 -2.47 -46.64 1.93
CA PHE C 129 -1.54 -47.57 1.30
C PHE C 129 -0.38 -47.86 2.25
N VAL C 130 0.23 -49.02 2.06
CA VAL C 130 1.43 -49.41 2.79
C VAL C 130 2.52 -49.75 1.79
N LEU C 131 3.74 -49.29 2.07
CA LEU C 131 4.90 -49.53 1.21
C LEU C 131 5.79 -50.56 1.86
N LEU C 132 5.92 -51.72 1.20
CA LEU C 132 6.74 -52.84 1.64
C LEU C 132 7.67 -53.24 0.51
N ASN C 133 8.96 -52.99 0.69
CA ASN C 133 10.03 -53.32 -0.27
C ASN C 133 9.70 -52.91 -1.69
N ASN C 134 9.23 -51.67 -1.87
CA ASN C 134 8.87 -51.11 -3.18
C ASN C 134 7.69 -51.84 -3.81
N ARG C 135 6.85 -52.48 -2.99
CA ARG C 135 5.58 -53.03 -3.44
C ARG C 135 4.45 -52.33 -2.71
N TRP C 136 3.40 -51.96 -3.45
CA TRP C 136 2.29 -51.22 -2.88
C TRP C 136 1.09 -52.14 -2.62
N ILE C 137 0.54 -52.05 -1.42
CA ILE C 137 -0.70 -52.73 -1.06
C ILE C 137 -1.65 -51.69 -0.50
N MET C 138 -2.90 -51.71 -0.95
CA MET C 138 -3.93 -50.86 -0.37
C MET C 138 -4.57 -51.55 0.83
N GLU C 139 -4.71 -50.78 1.92
CA GLU C 139 -5.16 -51.30 3.20
C GLU C 139 -6.58 -50.87 3.55
N ASP C 140 -6.96 -49.64 3.22
CA ASP C 140 -8.22 -49.10 3.68
C ASP C 140 -8.72 -48.03 2.72
N ALA C 141 -10.02 -47.76 2.78
CA ALA C 141 -10.63 -46.68 2.02
C ALA C 141 -11.91 -46.30 2.75
N ILE C 142 -11.81 -45.36 3.69
CA ILE C 142 -12.96 -44.98 4.51
C ILE C 142 -13.93 -44.14 3.69
N SER C 143 -15.20 -44.52 3.75
CA SER C 143 -16.23 -43.89 2.93
C SER C 143 -17.51 -43.80 3.75
N LYS C 144 -18.28 -42.74 3.48
CA LYS C 144 -19.59 -42.58 4.09
C LYS C 144 -20.70 -43.29 3.33
N TYR C 145 -20.44 -43.74 2.10
CA TYR C 145 -21.44 -44.37 1.26
C TYR C 145 -21.03 -45.74 0.77
N GLN C 146 -19.74 -45.94 0.47
CA GLN C 146 -19.26 -47.23 0.01
C GLN C 146 -18.82 -48.10 1.18
N SER C 147 -18.46 -49.34 0.86
CA SER C 147 -17.99 -50.33 1.80
C SER C 147 -16.60 -50.82 1.40
N PRO C 148 -15.80 -51.33 2.36
CA PRO C 148 -14.47 -51.86 2.03
C PRO C 148 -14.50 -53.23 1.34
N VAL C 149 -15.26 -53.32 0.25
CA VAL C 149 -15.40 -54.56 -0.50
C VAL C 149 -15.23 -54.27 -1.98
N ASN C 150 -16.15 -53.49 -2.55
CA ASN C 150 -16.11 -53.22 -3.99
C ASN C 150 -14.95 -52.30 -4.34
N ILE C 151 -14.54 -51.43 -3.41
CA ILE C 151 -13.41 -50.56 -3.66
C ILE C 151 -12.14 -51.38 -3.87
N PHE C 152 -11.95 -52.42 -3.05
CA PHE C 152 -10.78 -53.28 -3.20
C PHE C 152 -10.87 -54.13 -4.46
N LYS C 153 -12.05 -54.66 -4.76
CA LYS C 153 -12.21 -55.46 -5.97
C LYS C 153 -11.84 -54.66 -7.21
N LEU C 154 -12.28 -53.40 -7.28
CA LEU C 154 -11.90 -52.55 -8.41
C LEU C 154 -10.40 -52.26 -8.39
N ALA C 155 -9.85 -52.00 -7.21
CA ALA C 155 -8.42 -51.72 -7.10
C ALA C 155 -7.60 -52.88 -7.67
N SER C 156 -8.02 -54.11 -7.39
CA SER C 156 -7.32 -55.29 -7.94
C SER C 156 -7.37 -55.29 -9.46
N GLU C 157 -8.54 -55.00 -10.03
CA GLU C 157 -8.64 -54.97 -11.48
C GLU C 157 -7.77 -53.91 -12.12
N TYR C 158 -7.42 -52.84 -11.38
CA TYR C 158 -6.60 -51.77 -11.93
C TYR C 158 -5.12 -51.99 -11.69
N GLY C 159 -4.72 -53.09 -11.06
CA GLY C 159 -3.31 -53.42 -10.92
C GLY C 159 -2.81 -53.38 -9.49
N LEU C 160 -3.66 -52.93 -8.57
CA LEU C 160 -3.26 -52.79 -7.17
C LEU C 160 -3.40 -54.10 -6.41
N ASN C 161 -2.60 -54.23 -5.37
CA ASN C 161 -2.74 -55.35 -4.43
C ASN C 161 -3.75 -55.01 -3.35
N ILE C 162 -4.49 -56.05 -2.91
CA ILE C 162 -5.52 -55.87 -1.90
C ILE C 162 -5.41 -57.01 -0.89
N PRO C 163 -5.88 -56.83 0.34
CA PRO C 163 -5.84 -57.92 1.33
C PRO C 163 -6.97 -58.92 1.06
N ASN C 164 -6.92 -60.04 1.77
CA ASN C 164 -7.98 -61.02 1.75
C ASN C 164 -9.13 -60.54 2.62
N TYR C 165 -10.26 -60.21 2.00
CA TYR C 165 -11.42 -59.73 2.74
C TYR C 165 -11.97 -60.83 3.63
N LEU C 166 -12.17 -60.51 4.90
CA LEU C 166 -12.84 -61.41 5.83
C LEU C 166 -14.05 -60.71 6.43
N GLU C 167 -15.12 -61.47 6.64
CA GLU C 167 -16.34 -60.97 7.25
C GLU C 167 -16.68 -61.86 8.44
N ILE C 168 -16.86 -61.25 9.62
CA ILE C 168 -17.12 -62.04 10.83
C ILE C 168 -18.28 -61.43 11.59
N GLU C 169 -19.16 -62.29 12.09
CA GLU C 169 -20.29 -61.88 12.91
C GLU C 169 -20.18 -62.59 14.26
N ILE C 170 -20.24 -61.81 15.33
CA ILE C 170 -20.15 -62.34 16.69
C ILE C 170 -21.56 -62.50 17.25
N GLU C 171 -21.87 -63.70 17.73
CA GLU C 171 -23.20 -64.03 18.20
C GLU C 171 -23.24 -64.25 19.71
N GLU C 172 -22.16 -63.89 20.41
CA GLU C 172 -22.06 -64.11 21.84
C GLU C 172 -21.19 -63.02 22.46
N ASP C 173 -21.04 -63.09 23.78
CA ASP C 173 -20.16 -62.19 24.51
C ASP C 173 -18.77 -62.83 24.55
N THR C 174 -17.86 -62.32 23.73
CA THR C 174 -16.56 -62.93 23.55
C THR C 174 -15.48 -62.08 24.23
N LEU C 175 -14.55 -62.75 24.91
CA LEU C 175 -13.41 -62.07 25.53
C LEU C 175 -12.24 -62.18 24.57
N PHE C 176 -11.95 -61.08 23.89
CA PHE C 176 -10.90 -61.05 22.86
C PHE C 176 -9.54 -61.17 23.54
N ASP C 177 -8.74 -62.11 23.07
CA ASP C 177 -7.43 -62.42 23.64
C ASP C 177 -6.50 -62.81 22.49
N ASP C 178 -5.24 -63.13 22.82
CA ASP C 178 -4.25 -63.44 21.81
C ASP C 178 -4.64 -64.68 20.99
N GLU C 179 -5.35 -65.62 21.59
CA GLU C 179 -5.77 -66.82 20.88
C GLU C 179 -6.64 -66.48 19.68
N LEU C 180 -7.68 -65.68 19.90
CA LEU C 180 -8.51 -65.25 18.78
C LEU C 180 -7.76 -64.34 17.83
N TYR C 181 -6.83 -63.52 18.32
CA TYR C 181 -6.01 -62.70 17.43
C TYR C 181 -5.26 -63.59 16.44
N SER C 182 -4.58 -64.63 16.94
CA SER C 182 -3.81 -65.50 16.07
C SER C 182 -4.71 -66.20 15.06
N ILE C 183 -5.90 -66.63 15.50
CA ILE C 183 -6.80 -67.37 14.62
C ILE C 183 -7.26 -66.49 13.47
N MET C 184 -7.72 -65.27 13.77
CA MET C 184 -8.21 -64.38 12.73
C MET C 184 -7.07 -63.78 11.91
N GLU C 185 -5.89 -63.61 12.50
CA GLU C 185 -4.75 -63.16 11.72
C GLU C 185 -4.34 -64.21 10.68
N ARG C 186 -4.28 -65.48 11.08
CA ARG C 186 -3.87 -66.48 10.09
C ARG C 186 -4.97 -66.76 9.07
N SER C 187 -6.22 -66.43 9.40
CA SER C 187 -7.33 -66.66 8.47
C SER C 187 -7.22 -65.81 7.22
N PHE C 188 -6.35 -64.80 7.21
CA PHE C 188 -6.17 -63.99 6.01
C PHE C 188 -5.39 -64.75 4.94
N ASP C 189 -4.55 -65.70 5.34
CA ASP C 189 -3.70 -66.48 4.44
C ASP C 189 -2.86 -65.54 3.54
N ASP C 190 -2.18 -64.61 4.20
CA ASP C 190 -1.35 -63.63 3.53
C ASP C 190 0.11 -63.88 3.83
N THR C 191 0.97 -63.54 2.87
CA THR C 191 2.37 -63.92 2.89
C THR C 191 3.28 -62.76 3.26
N PHE C 192 2.71 -61.61 3.61
CA PHE C 192 3.47 -60.45 4.02
C PHE C 192 3.44 -60.30 5.53
N PRO C 193 4.55 -59.91 6.15
CA PRO C 193 4.53 -59.63 7.60
C PRO C 193 3.53 -58.54 7.95
N LYS C 194 2.82 -58.74 9.06
CA LYS C 194 1.82 -57.80 9.53
C LYS C 194 2.14 -57.32 10.93
N ILE C 195 1.67 -56.12 11.26
CA ILE C 195 1.88 -55.58 12.59
C ILE C 195 0.60 -55.71 13.42
N SER C 196 -0.54 -55.35 12.84
CA SER C 196 -1.78 -55.38 13.63
C SER C 196 -2.98 -55.63 12.73
N ILE C 197 -4.13 -55.84 13.38
CA ILE C 197 -5.40 -56.07 12.70
C ILE C 197 -6.35 -54.94 13.07
N SER C 198 -7.01 -54.35 12.06
CA SER C 198 -7.94 -53.26 12.26
C SER C 198 -9.34 -53.71 11.86
N TYR C 199 -10.30 -53.51 12.76
CA TYR C 199 -11.67 -53.93 12.55
C TYR C 199 -12.60 -52.73 12.69
N ILE C 200 -13.72 -52.79 11.98
CA ILE C 200 -14.70 -51.71 11.96
C ILE C 200 -16.09 -52.30 12.20
N LYS C 201 -16.93 -51.51 12.85
CA LYS C 201 -18.31 -51.88 13.16
C LYS C 201 -19.21 -51.20 12.14
N LEU C 202 -20.19 -51.95 11.64
CA LEU C 202 -21.11 -51.42 10.62
C LEU C 202 -21.94 -50.29 11.22
N GLY C 203 -21.84 -49.10 10.63
CA GLY C 203 -22.49 -47.93 11.17
C GLY C 203 -21.55 -46.84 11.63
N GLU C 204 -20.27 -47.18 11.84
CA GLU C 204 -19.28 -46.23 12.28
C GLU C 204 -18.15 -46.14 11.27
N LEU C 205 -17.47 -44.98 11.26
CA LEU C 205 -16.28 -44.80 10.44
C LEU C 205 -15.00 -45.13 11.20
N LYS C 206 -15.08 -45.27 12.52
CA LYS C 206 -13.86 -45.41 13.33
C LYS C 206 -13.27 -46.80 13.18
N ARG C 207 -11.94 -46.85 13.12
CA ARG C 207 -11.19 -48.11 13.05
C ARG C 207 -10.58 -48.38 14.41
N GLN C 208 -10.70 -49.62 14.87
CA GLN C 208 -10.02 -50.03 16.10
C GLN C 208 -8.98 -51.10 15.80
N VAL C 209 -7.85 -50.99 16.50
CA VAL C 209 -6.66 -51.77 16.20
C VAL C 209 -6.22 -52.53 17.45
N VAL C 210 -5.84 -53.79 17.28
CA VAL C 210 -5.35 -54.63 18.37
C VAL C 210 -3.98 -55.18 18.00
N ASP C 211 -3.11 -55.32 19.00
CA ASP C 211 -1.75 -55.80 18.83
C ASP C 211 -1.28 -56.42 20.13
N PHE C 212 -1.06 -57.72 20.13
CA PHE C 212 -0.54 -58.44 21.30
C PHE C 212 0.94 -58.74 21.09
N PHE C 213 1.78 -58.20 21.97
CA PHE C 213 3.22 -58.32 21.83
C PHE C 213 3.85 -58.38 23.22
N LYS C 214 5.11 -58.84 23.26
CA LYS C 214 5.89 -58.86 24.49
C LYS C 214 7.11 -57.98 24.33
N PHE C 215 7.45 -57.26 25.40
CA PHE C 215 8.66 -56.46 25.41
C PHE C 215 9.87 -57.33 25.75
N SER C 216 10.96 -57.15 25.00
CA SER C 216 12.18 -57.88 25.30
C SER C 216 13.40 -57.15 24.77
N PHE C 217 14.57 -57.67 25.14
CA PHE C 217 15.86 -57.22 24.62
C PHE C 217 16.49 -58.34 23.81
N MET C 218 17.18 -57.98 22.73
CA MET C 218 17.90 -58.97 21.94
C MET C 218 19.27 -58.43 21.52
N TYR C 219 20.21 -59.36 21.38
CA TYR C 219 21.59 -59.03 21.05
C TYR C 219 21.78 -59.07 19.54
N ILE C 220 22.36 -58.00 18.99
CA ILE C 220 22.56 -57.90 17.55
C ILE C 220 23.95 -58.43 17.20
N GLU C 221 24.00 -59.42 16.31
CA GLU C 221 25.28 -60.02 15.89
C GLU C 221 25.86 -59.29 14.68
N SER C 222 25.01 -58.91 13.74
CA SER C 222 25.45 -58.25 12.51
C SER C 222 24.28 -57.49 11.90
N ILE C 223 24.61 -56.58 11.00
CA ILE C 223 23.62 -55.88 10.18
C ILE C 223 23.96 -56.11 8.71
N LYS C 224 22.94 -56.46 7.93
CA LYS C 224 23.18 -56.78 6.52
C LYS C 224 22.05 -56.19 5.68
N VAL C 225 22.31 -56.00 4.40
CA VAL C 225 21.30 -55.48 3.48
C VAL C 225 20.97 -56.55 2.46
N ASP C 226 19.68 -56.71 2.18
CA ASP C 226 19.19 -57.66 1.20
C ASP C 226 18.79 -56.91 -0.07
N ARG C 227 18.95 -57.59 -1.21
CA ARG C 227 18.58 -57.06 -2.50
C ARG C 227 17.09 -57.30 -2.77
N ILE C 228 16.41 -56.24 -3.22
CA ILE C 228 15.00 -56.33 -3.59
C ILE C 228 14.76 -55.84 -5.01
N GLY C 229 15.76 -55.30 -5.68
CA GLY C 229 15.59 -54.71 -7.00
C GLY C 229 16.91 -54.36 -7.65
N ASP C 230 16.88 -53.42 -8.59
CA ASP C 230 18.06 -53.06 -9.37
C ASP C 230 18.87 -52.04 -8.58
N ASN C 231 19.92 -52.52 -7.93
CA ASN C 231 20.79 -51.77 -7.02
C ASN C 231 20.08 -51.25 -5.79
N ILE C 232 18.91 -51.79 -5.43
CA ILE C 232 18.19 -51.34 -4.25
C ILE C 232 18.31 -52.41 -3.18
N PHE C 233 18.88 -52.04 -2.03
CA PHE C 233 19.08 -52.96 -0.91
C PHE C 233 18.39 -52.39 0.33
N ILE C 234 17.82 -53.28 1.12
CA ILE C 234 17.09 -52.90 2.33
C ILE C 234 17.81 -53.50 3.54
N PRO C 235 18.06 -52.74 4.59
CA PRO C 235 18.77 -53.29 5.75
C PRO C 235 17.89 -54.22 6.56
N SER C 236 18.55 -55.14 7.29
CA SER C 236 17.89 -55.88 8.35
C SER C 236 18.91 -56.17 9.45
N VAL C 237 18.37 -56.53 10.62
CA VAL C 237 19.15 -56.73 11.83
C VAL C 237 19.05 -58.20 12.22
N ILE C 238 20.20 -58.85 12.39
CA ILE C 238 20.28 -60.27 12.71
C ILE C 238 20.81 -60.42 14.12
N THR C 239 20.08 -61.16 14.95
CA THR C 239 20.44 -61.33 16.36
C THR C 239 21.37 -62.54 16.50
N LYS C 240 21.87 -62.75 17.72
CA LYS C 240 22.82 -63.84 17.95
C LYS C 240 22.21 -65.19 17.61
N SER C 241 20.90 -65.35 17.83
CA SER C 241 20.22 -66.60 17.54
C SER C 241 19.90 -66.79 16.07
N GLY C 242 20.18 -65.79 15.23
CA GLY C 242 19.87 -65.87 13.82
C GLY C 242 18.50 -65.34 13.42
N LYS C 243 17.70 -64.90 14.39
CA LYS C 243 16.37 -64.37 14.11
C LYS C 243 16.47 -63.04 13.37
N LYS C 244 15.70 -62.90 12.28
CA LYS C 244 15.75 -61.69 11.47
C LYS C 244 14.77 -60.66 12.03
N ILE C 245 15.27 -59.49 12.40
CA ILE C 245 14.41 -58.40 12.83
C ILE C 245 14.13 -57.48 11.65
N LEU C 246 12.85 -57.19 11.42
CA LEU C 246 12.44 -56.42 10.27
C LEU C 246 12.71 -54.94 10.50
N VAL C 247 13.18 -54.27 9.44
CA VAL C 247 13.51 -52.85 9.48
C VAL C 247 12.70 -52.14 8.41
N LYS C 248 12.07 -51.03 8.78
CA LYS C 248 11.23 -50.29 7.83
C LYS C 248 12.07 -49.61 6.75
N ASP C 249 13.14 -48.92 7.17
CA ASP C 249 13.98 -48.18 6.24
C ASP C 249 15.30 -47.86 6.93
N VAL C 250 16.17 -47.14 6.21
CA VAL C 250 17.45 -46.72 6.76
C VAL C 250 17.26 -45.79 7.95
N ASP C 251 16.34 -44.83 7.84
CA ASP C 251 16.10 -43.89 8.93
C ASP C 251 15.62 -44.62 10.18
N HIS C 252 14.95 -45.77 10.01
CA HIS C 252 14.43 -46.51 11.15
C HIS C 252 15.56 -46.89 12.11
N LEU C 253 16.64 -47.47 11.58
CA LEU C 253 17.75 -47.87 12.43
C LEU C 253 18.47 -46.66 13.01
N ILE C 254 18.57 -45.58 12.24
CA ILE C 254 19.27 -44.40 12.76
C ILE C 254 18.49 -43.76 13.91
N ARG C 255 17.17 -43.58 13.77
CA ARG C 255 16.40 -42.95 14.82
C ARG C 255 16.20 -43.84 16.05
N SER C 256 16.22 -45.16 15.88
CA SER C 256 16.16 -46.07 17.01
C SER C 256 17.50 -46.26 17.71
N LYS C 257 18.56 -45.61 17.20
CA LYS C 257 19.89 -45.67 17.82
C LYS C 257 20.39 -47.11 17.90
N VAL C 258 20.20 -47.86 16.80
CA VAL C 258 20.62 -49.24 16.75
C VAL C 258 22.12 -49.32 16.48
N ARG C 259 22.81 -50.12 17.28
CA ARG C 259 24.24 -50.35 17.14
C ARG C 259 24.50 -51.85 17.12
N GLU C 260 25.63 -52.24 16.54
CA GLU C 260 25.99 -53.65 16.48
C GLU C 260 26.59 -54.12 17.80
N HIS C 261 26.47 -55.42 18.05
CA HIS C 261 27.10 -56.08 19.20
C HIS C 261 26.67 -55.42 20.51
N THR C 262 25.39 -55.11 20.60
CA THR C 262 24.79 -54.61 21.83
C THR C 262 23.33 -55.04 21.87
N PHE C 263 22.71 -54.82 23.03
CA PHE C 263 21.30 -55.14 23.24
C PHE C 263 20.47 -53.92 22.87
N VAL C 264 19.35 -54.14 22.18
CA VAL C 264 18.42 -53.09 21.82
C VAL C 264 17.02 -53.49 22.26
N LYS C 265 16.17 -52.47 22.40
CA LYS C 265 14.76 -52.70 22.69
C LYS C 265 14.04 -53.17 21.43
N VAL C 266 13.22 -54.21 21.60
CA VAL C 266 12.51 -54.82 20.48
C VAL C 266 11.19 -55.37 21.01
N LYS C 267 10.18 -55.36 20.15
CA LYS C 267 8.90 -56.01 20.47
C LYS C 267 8.87 -57.40 19.82
N LYS C 268 8.58 -58.42 20.62
CA LYS C 268 8.50 -59.79 20.14
C LYS C 268 7.06 -60.16 19.83
N LYS C 269 6.82 -60.65 18.62
CA LYS C 269 5.52 -61.12 18.20
C LYS C 269 5.59 -62.64 17.98
N ASN C 270 4.43 -63.25 17.78
CA ASN C 270 4.37 -64.70 17.62
C ASN C 270 5.07 -65.18 16.35
N THR C 271 5.25 -64.30 15.36
CA THR C 271 5.86 -64.67 14.09
C THR C 271 7.24 -64.08 13.88
N PHE C 272 7.46 -62.82 14.26
CA PHE C 272 8.71 -62.14 13.99
C PHE C 272 8.92 -61.06 15.04
N SER C 273 10.11 -60.46 15.03
CA SER C 273 10.46 -59.37 15.93
C SER C 273 10.51 -58.06 15.16
N ILE C 274 10.06 -56.99 15.80
CA ILE C 274 9.94 -55.68 15.15
C ILE C 274 10.58 -54.63 16.05
N LEU C 275 11.33 -53.71 15.44
CA LEU C 275 11.80 -52.52 16.13
C LEU C 275 10.78 -51.39 16.02
N TYR C 276 10.75 -50.55 17.05
CA TYR C 276 9.83 -49.43 17.13
C TYR C 276 10.62 -48.14 17.31
N ASP C 277 10.03 -47.03 16.89
CA ASP C 277 10.69 -45.72 16.99
C ASP C 277 10.08 -44.91 18.14
N TYR C 278 10.80 -44.92 19.27
CA TYR C 278 10.39 -44.20 20.46
C TYR C 278 11.53 -44.17 21.47
N ASP C 279 12.05 -42.98 21.75
CA ASP C 279 13.16 -42.82 22.69
C ASP C 279 12.92 -41.64 23.62
N THR C 285 24.87 -38.27 17.56
CA THR C 285 24.32 -39.62 17.59
C THR C 285 24.13 -40.15 16.17
N ARG C 286 23.42 -39.40 15.33
CA ARG C 286 23.07 -39.89 14.00
C ARG C 286 24.33 -40.18 13.19
N GLY C 287 25.36 -39.35 13.33
CA GLY C 287 26.58 -39.58 12.59
C GLY C 287 27.24 -40.90 12.97
N GLU C 288 27.29 -41.20 14.26
CA GLU C 288 27.90 -42.43 14.72
C GLU C 288 27.12 -43.64 14.24
N VAL C 289 25.79 -43.60 14.34
CA VAL C 289 25.00 -44.78 14.02
C VAL C 289 25.03 -45.06 12.52
N ILE C 290 24.89 -44.01 11.70
CA ILE C 290 24.88 -44.24 10.25
C ILE C 290 26.23 -44.74 9.77
N LYS C 291 27.33 -44.25 10.36
CA LYS C 291 28.64 -44.73 9.97
C LYS C 291 28.82 -46.20 10.33
N ARG C 292 28.39 -46.59 11.53
CA ARG C 292 28.50 -47.99 11.95
C ARG C 292 27.70 -48.90 11.03
N ILE C 293 26.51 -48.48 10.61
CA ILE C 293 25.73 -49.32 9.71
C ILE C 293 26.44 -49.51 8.37
N ILE C 294 26.96 -48.41 7.81
CA ILE C 294 27.63 -48.49 6.51
C ILE C 294 28.85 -49.39 6.61
N ASP C 295 29.67 -49.22 7.64
CA ASP C 295 30.86 -50.04 7.77
C ASP C 295 30.52 -51.52 7.93
N THR C 296 29.44 -51.81 8.65
CA THR C 296 29.06 -53.20 8.89
C THR C 296 28.53 -53.86 7.62
N ILE C 297 27.68 -53.17 6.87
CA ILE C 297 27.12 -53.80 5.67
C ILE C 297 28.13 -53.78 4.52
N GLY C 298 29.04 -52.82 4.51
CA GLY C 298 30.08 -52.76 3.49
C GLY C 298 30.44 -51.33 3.11
N ARG C 299 31.73 -51.10 2.88
CA ARG C 299 32.21 -49.76 2.57
C ARG C 299 31.68 -49.27 1.23
N ASP C 300 31.26 -50.20 0.37
CA ASP C 300 30.80 -49.86 -0.97
C ASP C 300 29.30 -49.57 -1.05
N TYR C 301 28.63 -49.49 0.09
CA TYR C 301 27.21 -49.15 0.15
C TYR C 301 27.09 -47.72 0.64
N TYR C 302 26.14 -46.96 0.09
CA TYR C 302 25.78 -45.66 0.63
C TYR C 302 24.27 -45.48 0.63
N VAL C 303 23.79 -44.54 1.42
CA VAL C 303 22.36 -44.35 1.62
C VAL C 303 21.81 -43.54 0.45
N ASN C 304 20.69 -43.99 -0.12
CA ASN C 304 19.94 -43.24 -1.12
C ASN C 304 18.49 -43.23 -0.65
N GLY C 305 18.09 -42.14 0.01
CA GLY C 305 16.75 -42.05 0.54
C GLY C 305 16.48 -43.04 1.66
N LYS C 306 15.65 -44.03 1.37
CA LYS C 306 15.24 -45.02 2.36
C LYS C 306 15.97 -46.34 2.20
N TYR C 307 16.85 -46.48 1.21
CA TYR C 307 17.50 -47.74 0.91
C TYR C 307 19.00 -47.51 0.70
N PHE C 308 19.72 -48.61 0.47
CA PHE C 308 21.13 -48.58 0.16
C PHE C 308 21.34 -48.90 -1.32
N SER C 309 22.43 -48.38 -1.87
CA SER C 309 22.85 -48.75 -3.22
C SER C 309 24.36 -48.90 -3.27
N LYS C 310 24.82 -49.58 -4.31
CA LYS C 310 26.24 -49.86 -4.50
C LYS C 310 26.88 -48.81 -5.41
N VAL C 311 28.20 -48.82 -5.48
CA VAL C 311 28.98 -47.81 -6.21
C VAL C 311 29.65 -48.50 -7.40
N GLY C 312 28.89 -49.31 -8.12
CA GLY C 312 29.40 -50.06 -9.26
C GLY C 312 29.87 -49.26 -10.46
N ILE C 313 30.48 -49.96 -11.41
CA ILE C 313 31.13 -49.35 -12.57
C ILE C 313 30.20 -49.51 -13.76
N ALA C 314 28.91 -49.29 -13.52
CA ALA C 314 27.86 -49.40 -14.54
C ALA C 314 28.18 -48.56 -15.77
N GLY C 315 27.96 -49.16 -16.94
CA GLY C 315 28.23 -48.50 -18.19
C GLY C 315 27.08 -48.60 -19.18
N LEU C 316 27.39 -48.95 -20.43
CA LEU C 316 26.37 -49.00 -21.47
C LEU C 316 25.32 -50.06 -21.17
N LYS C 317 25.73 -51.19 -20.60
CA LYS C 317 24.79 -52.28 -20.35
C LYS C 317 23.68 -51.86 -19.39
N GLN C 318 24.00 -51.02 -18.41
CA GLN C 318 22.98 -50.51 -17.49
C GLN C 318 22.22 -49.32 -18.04
N LEU C 319 22.82 -48.51 -18.92
CA LEU C 319 22.09 -47.42 -19.55
C LEU C 319 20.92 -47.94 -20.37
N THR C 320 21.13 -49.07 -21.07
CA THR C 320 20.08 -49.67 -21.88
C THR C 320 18.93 -50.20 -21.01
N ASN C 321 19.24 -50.61 -19.78
CA ASN C 321 18.19 -51.10 -18.89
C ASN C 321 17.32 -49.95 -18.39
N LYS C 322 17.92 -48.79 -18.13
CA LYS C 322 17.15 -47.64 -17.69
C LYS C 322 16.37 -47.03 -18.84
N LEU C 323 16.87 -47.14 -20.07
CA LEU C 323 16.14 -46.61 -21.21
C LEU C 323 15.16 -47.60 -21.82
N ASP C 324 15.08 -48.81 -21.26
CA ASP C 324 14.19 -49.87 -21.76
C ASP C 324 14.43 -50.17 -23.25
N ILE C 325 15.70 -50.37 -23.60
CA ILE C 325 16.09 -50.70 -24.96
C ILE C 325 17.02 -51.92 -24.91
N ASN C 326 17.39 -52.41 -26.09
CA ASN C 326 18.21 -53.62 -26.18
C ASN C 326 19.53 -53.44 -25.45
N GLU C 327 19.96 -54.49 -24.75
CA GLU C 327 21.23 -54.47 -24.03
C GLU C 327 22.37 -54.70 -25.02
N CYS C 328 23.31 -53.76 -25.05
CA CYS C 328 24.43 -53.80 -25.99
C CYS C 328 25.58 -52.98 -25.41
N ALA C 329 26.74 -53.09 -26.06
CA ALA C 329 27.89 -52.27 -25.72
C ALA C 329 28.26 -51.31 -26.87
N THR C 330 27.30 -50.98 -27.72
CA THR C 330 27.53 -50.09 -28.85
C THR C 330 26.83 -48.76 -28.58
N VAL C 331 27.57 -47.66 -28.66
CA VAL C 331 27.00 -46.34 -28.39
C VAL C 331 26.00 -45.96 -29.48
N ASP C 332 26.33 -46.27 -30.74
CA ASP C 332 25.47 -45.85 -31.84
C ASP C 332 24.05 -46.36 -31.67
N GLU C 333 23.89 -47.54 -31.07
CA GLU C 333 22.57 -48.14 -30.92
C GLU C 333 21.69 -47.36 -29.93
N LEU C 334 22.28 -46.43 -29.18
CA LEU C 334 21.54 -45.59 -28.25
C LEU C 334 20.69 -44.54 -28.95
N VAL C 335 20.86 -44.38 -30.26
CA VAL C 335 19.99 -43.54 -31.05
C VAL C 335 19.16 -44.34 -32.05
N ASP C 336 19.69 -45.44 -32.58
CA ASP C 336 18.99 -46.20 -33.62
C ASP C 336 17.65 -46.73 -33.11
N GLU C 337 17.66 -47.38 -31.94
CA GLU C 337 16.41 -47.92 -31.41
C GLU C 337 15.51 -46.82 -30.87
N ILE C 338 16.09 -45.76 -30.32
CA ILE C 338 15.29 -44.71 -29.70
C ILE C 338 14.38 -44.07 -30.73
N ASN C 339 14.90 -43.84 -31.94
CA ASN C 339 14.09 -43.26 -33.01
C ASN C 339 13.00 -44.22 -33.48
N LYS C 340 13.07 -45.49 -33.07
CA LYS C 340 12.07 -46.47 -33.49
C LYS C 340 10.99 -46.66 -32.45
N SER C 341 11.31 -46.49 -31.17
CA SER C 341 10.37 -46.70 -30.08
C SER C 341 10.03 -45.36 -29.44
N GLY C 342 8.79 -44.92 -29.63
CA GLY C 342 8.37 -43.62 -29.12
C GLY C 342 8.20 -43.56 -27.62
N THR C 343 8.14 -44.70 -26.94
CA THR C 343 7.94 -44.74 -25.50
C THR C 343 9.21 -44.50 -24.71
N VAL C 344 10.37 -44.50 -25.37
CA VAL C 344 11.62 -44.22 -24.70
C VAL C 344 12.25 -42.89 -25.15
N LYS C 345 12.01 -42.46 -26.39
CA LYS C 345 12.54 -41.18 -26.83
C LYS C 345 12.04 -40.04 -25.97
N ARG C 346 10.78 -40.12 -25.52
CA ARG C 346 10.19 -39.03 -24.74
C ARG C 346 11.01 -38.78 -23.48
N LYS C 347 11.44 -39.84 -22.81
CA LYS C 347 12.23 -39.70 -21.59
C LYS C 347 13.53 -38.95 -21.87
N ILE C 348 14.22 -39.31 -22.94
CA ILE C 348 15.55 -38.75 -23.18
C ILE C 348 15.46 -37.27 -23.53
N LYS C 349 14.49 -36.90 -24.37
CA LYS C 349 14.41 -35.51 -24.81
C LYS C 349 13.75 -34.62 -23.75
N ASN C 350 12.86 -35.18 -22.93
CA ASN C 350 12.17 -34.38 -21.92
C ASN C 350 13.09 -34.04 -20.75
N GLN C 351 13.94 -34.98 -20.34
CA GLN C 351 14.84 -34.75 -19.22
C GLN C 351 16.18 -34.23 -19.70
N SER C 352 16.87 -33.51 -18.82
CA SER C 352 18.22 -33.05 -19.10
C SER C 352 19.22 -34.20 -18.94
N VAL C 353 20.41 -33.99 -19.50
CA VAL C 353 21.48 -34.96 -19.36
C VAL C 353 21.87 -35.15 -17.90
N PHE C 354 21.87 -34.07 -17.12
CA PHE C 354 22.27 -34.16 -15.72
C PHE C 354 21.43 -35.20 -14.99
N ASP C 355 20.11 -35.13 -15.13
CA ASP C 355 19.23 -36.04 -14.39
C ASP C 355 19.28 -37.45 -14.96
N LEU C 356 19.40 -37.57 -16.29
CA LEU C 356 19.42 -38.90 -16.92
C LEU C 356 20.62 -39.70 -16.44
N SER C 357 21.79 -39.08 -16.38
CA SER C 357 22.97 -39.77 -15.90
C SER C 357 23.01 -39.88 -14.39
N ARG C 358 22.36 -38.97 -13.68
CA ARG C 358 22.23 -39.09 -12.23
C ARG C 358 21.39 -40.28 -11.84
N GLU C 359 20.28 -40.50 -12.54
CA GLU C 359 19.42 -41.65 -12.25
C GLU C 359 20.16 -42.96 -12.51
N CYS C 360 20.93 -43.02 -13.60
CA CYS C 360 21.51 -44.30 -14.03
C CYS C 360 22.44 -44.90 -12.99
N LEU C 361 23.07 -44.06 -12.16
CA LEU C 361 23.99 -44.53 -11.14
C LEU C 361 23.38 -44.45 -9.74
N GLY C 362 22.09 -44.19 -9.63
CA GLY C 362 21.40 -44.31 -8.35
C GLY C 362 21.86 -43.31 -7.32
N TYR C 363 22.18 -42.10 -7.75
CA TYR C 363 22.61 -41.07 -6.82
C TYR C 363 21.40 -40.33 -6.25
N PRO C 364 21.36 -40.09 -4.94
CA PRO C 364 20.29 -39.27 -4.37
C PRO C 364 20.42 -37.82 -4.82
N GLU C 365 19.28 -37.17 -5.03
CA GLU C 365 19.30 -35.81 -5.57
C GLU C 365 20.01 -34.85 -4.62
N ALA C 366 19.62 -34.86 -3.34
CA ALA C 366 20.03 -33.79 -2.43
C ALA C 366 21.54 -33.80 -2.20
N ASP C 367 22.12 -34.98 -1.94
CA ASP C 367 23.54 -35.05 -1.66
C ASP C 367 24.38 -34.91 -2.92
N PHE C 368 23.87 -35.42 -4.04
CA PHE C 368 24.63 -35.35 -5.29
C PHE C 368 24.80 -33.91 -5.74
N ILE C 369 23.73 -33.11 -5.71
CA ILE C 369 23.84 -31.70 -6.08
C ILE C 369 24.77 -30.97 -5.13
N THR C 370 24.68 -31.26 -3.83
CA THR C 370 25.61 -30.65 -2.89
C THR C 370 27.07 -30.86 -3.30
N LEU C 371 27.43 -32.07 -3.73
CA LEU C 371 28.79 -32.29 -4.24
C LEU C 371 29.07 -31.41 -5.46
N VAL C 372 28.13 -31.37 -6.40
CA VAL C 372 28.37 -30.66 -7.65
C VAL C 372 28.66 -29.19 -7.40
N ASN C 373 27.93 -28.58 -6.47
CA ASN C 373 28.04 -27.14 -6.25
C ASN C 373 29.25 -26.76 -5.40
N ASN C 374 30.07 -27.71 -4.99
CA ASN C 374 31.31 -27.43 -4.28
C ASN C 374 32.53 -27.81 -5.11
N MET C 375 32.34 -28.03 -6.41
CA MET C 375 33.45 -28.45 -7.27
C MET C 375 33.36 -27.73 -8.60
N ARG C 376 34.52 -27.39 -9.17
CA ARG C 376 34.61 -26.71 -10.44
C ARG C 376 34.64 -27.70 -11.60
N PHE C 377 34.12 -27.27 -12.74
CA PHE C 377 34.13 -28.04 -13.97
C PHE C 377 34.79 -27.27 -15.09
N LYS C 378 35.49 -28.01 -15.96
CA LYS C 378 35.98 -27.50 -17.23
C LYS C 378 35.30 -28.32 -18.33
N ILE C 379 34.62 -27.62 -19.24
CA ILE C 379 33.82 -28.22 -20.28
C ILE C 379 34.30 -27.73 -21.64
N GLU C 380 34.32 -28.62 -22.63
CA GLU C 380 34.60 -28.25 -24.01
C GLU C 380 33.51 -28.79 -24.91
N ASN C 381 32.88 -27.90 -25.67
CA ASN C 381 31.72 -28.22 -26.49
C ASN C 381 30.60 -28.86 -25.66
N CYS C 382 30.41 -28.34 -24.44
CA CYS C 382 29.42 -28.83 -23.50
C CYS C 382 29.66 -30.28 -23.08
N LYS C 383 30.91 -30.72 -23.14
CA LYS C 383 31.30 -32.05 -22.67
C LYS C 383 32.34 -31.88 -21.58
N VAL C 384 32.24 -32.68 -20.52
CA VAL C 384 33.10 -32.50 -19.36
C VAL C 384 34.46 -33.15 -19.65
N VAL C 385 35.53 -32.37 -19.48
CA VAL C 385 36.88 -32.88 -19.67
C VAL C 385 37.70 -32.83 -18.39
N ASN C 386 37.35 -31.99 -17.41
CA ASN C 386 38.07 -31.99 -16.15
C ASN C 386 37.17 -31.46 -15.05
N PHE C 387 37.54 -31.74 -13.81
CA PHE C 387 36.82 -31.23 -12.66
C PHE C 387 37.73 -31.28 -11.44
N ASN C 388 37.42 -30.46 -10.44
CA ASN C 388 38.10 -30.55 -9.16
C ASN C 388 37.26 -29.90 -8.08
N ILE C 389 37.55 -30.26 -6.84
CA ILE C 389 36.83 -29.76 -5.67
C ILE C 389 37.47 -28.45 -5.21
N GLU C 390 36.63 -27.43 -5.01
CA GLU C 390 37.09 -26.17 -4.45
C GLU C 390 36.72 -25.97 -2.98
N ASN C 391 35.76 -26.73 -2.46
CA ASN C 391 35.39 -26.63 -1.05
C ASN C 391 35.30 -28.04 -0.47
N THR C 392 36.28 -28.40 0.35
CA THR C 392 36.39 -29.77 0.86
C THR C 392 35.52 -30.03 2.09
N ASN C 393 34.84 -29.01 2.62
CA ASN C 393 34.01 -29.21 3.79
C ASN C 393 32.81 -30.09 3.47
N CYS C 394 32.36 -30.09 2.21
CA CYS C 394 31.26 -30.95 1.79
C CYS C 394 31.60 -32.43 1.93
N LEU C 395 32.88 -32.76 2.02
CA LEU C 395 33.32 -34.15 2.11
C LEU C 395 33.14 -34.75 3.51
N ASN C 396 32.77 -33.93 4.51
CA ASN C 396 32.59 -34.45 5.86
C ASN C 396 31.43 -35.43 5.95
N ASN C 397 30.42 -35.26 5.11
CA ASN C 397 29.32 -36.22 5.06
C ASN C 397 29.77 -37.46 4.31
N PRO C 398 29.75 -38.65 4.94
CA PRO C 398 30.25 -39.85 4.24
C PRO C 398 29.63 -40.08 2.88
N SER C 399 28.39 -39.64 2.67
CA SER C 399 27.74 -39.86 1.38
C SER C 399 28.40 -39.02 0.29
N ILE C 400 28.87 -37.83 0.64
CA ILE C 400 29.45 -36.93 -0.37
C ILE C 400 30.82 -37.43 -0.80
N GLU C 401 31.65 -37.84 0.15
CA GLU C 401 32.95 -38.40 -0.22
C GLU C 401 32.79 -39.67 -1.04
N THR C 402 31.84 -40.53 -0.67
CA THR C 402 31.64 -41.76 -1.42
C THR C 402 31.17 -41.47 -2.83
N ILE C 403 30.26 -40.52 -2.99
CA ILE C 403 29.77 -40.17 -4.32
C ILE C 403 30.92 -39.67 -5.20
N TYR C 404 31.77 -38.80 -4.64
CA TYR C 404 32.90 -38.28 -5.40
C TYR C 404 33.87 -39.37 -5.80
N GLY C 405 34.11 -40.35 -4.93
CA GLY C 405 35.04 -41.41 -5.25
C GLY C 405 34.72 -42.09 -6.57
N ASN C 406 33.43 -42.16 -6.91
CA ASN C 406 32.98 -42.78 -8.15
C ASN C 406 32.45 -41.77 -9.16
N PHE C 407 32.86 -40.51 -9.04
CA PHE C 407 32.34 -39.48 -9.94
C PHE C 407 32.80 -39.71 -11.38
N ASN C 408 33.93 -40.40 -11.56
CA ASN C 408 34.42 -40.67 -12.91
C ASN C 408 33.40 -41.47 -13.72
N GLN C 409 32.60 -42.32 -13.05
CA GLN C 409 31.59 -43.07 -13.77
C GLN C 409 30.44 -42.17 -14.19
N PHE C 410 30.09 -41.21 -13.33
CA PHE C 410 29.10 -40.20 -13.72
C PHE C 410 29.55 -39.45 -14.95
N VAL C 411 30.82 -39.00 -14.98
CA VAL C 411 31.29 -38.25 -16.14
C VAL C 411 31.25 -39.09 -17.40
N SER C 412 31.65 -40.37 -17.32
CA SER C 412 31.61 -41.22 -18.51
C SER C 412 30.20 -41.31 -19.07
N ILE C 413 29.21 -41.56 -18.22
CA ILE C 413 27.84 -41.66 -18.70
C ILE C 413 27.32 -40.29 -19.13
N PHE C 414 27.59 -39.26 -18.33
CA PHE C 414 27.13 -37.91 -18.66
C PHE C 414 27.56 -37.51 -20.06
N ASN C 415 28.84 -37.74 -20.38
CA ASN C 415 29.35 -37.35 -21.69
C ASN C 415 28.72 -38.20 -22.78
N THR C 416 28.54 -39.50 -22.52
CA THR C 416 27.92 -40.37 -23.49
C THR C 416 26.49 -39.95 -23.80
N VAL C 417 25.70 -39.65 -22.77
CA VAL C 417 24.32 -39.23 -23.00
C VAL C 417 24.29 -37.88 -23.71
N THR C 418 25.23 -36.98 -23.40
CA THR C 418 25.29 -35.72 -24.12
C THR C 418 25.37 -35.94 -25.62
N ASP C 419 26.24 -36.84 -26.06
CA ASP C 419 26.31 -37.13 -27.49
C ASP C 419 25.10 -37.89 -28.01
N VAL C 420 24.42 -38.69 -27.17
CA VAL C 420 23.17 -39.26 -27.64
C VAL C 420 22.15 -38.15 -27.91
N LYS C 421 22.03 -37.18 -27.01
CA LYS C 421 21.09 -36.09 -27.24
C LYS C 421 21.44 -35.28 -28.47
N LYS C 422 22.73 -34.99 -28.69
CA LYS C 422 23.11 -34.19 -29.86
C LYS C 422 22.68 -34.83 -31.16
N ARG C 423 22.74 -36.16 -31.26
CA ARG C 423 22.34 -36.87 -32.47
C ARG C 423 20.88 -37.26 -32.47
N LEU C 424 20.27 -37.41 -31.30
CA LEU C 424 18.86 -37.78 -31.18
C LEU C 424 17.92 -36.63 -31.51
N PHE C 425 18.26 -35.42 -31.07
CA PHE C 425 17.43 -34.23 -31.27
C PHE C 425 16.06 -34.42 -30.61
#